data_2OYZ
# 
_entry.id   2OYZ 
# 
_audit_conform.dict_name       mmcif_pdbx.dic 
_audit_conform.dict_version    5.397 
_audit_conform.dict_location   http://mmcif.pdb.org/dictionaries/ascii/mmcif_pdbx.dic 
# 
loop_
_database_2.database_id 
_database_2.database_code 
_database_2.pdbx_database_accession 
_database_2.pdbx_DOI 
PDB   2OYZ         pdb_00002oyz 10.2210/pdb2oyz/pdb 
RCSB  RCSB041759   ?            ?                   
WWPDB D_1000041759 ?            ?                   
# 
loop_
_pdbx_audit_revision_history.ordinal 
_pdbx_audit_revision_history.data_content_type 
_pdbx_audit_revision_history.major_revision 
_pdbx_audit_revision_history.minor_revision 
_pdbx_audit_revision_history.revision_date 
1 'Structure model' 1 0 2007-03-20 
2 'Structure model' 1 1 2007-11-27 
3 'Structure model' 1 2 2011-07-13 
4 'Structure model' 1 3 2024-10-16 
# 
_pdbx_audit_revision_details.ordinal             1 
_pdbx_audit_revision_details.revision_ordinal    1 
_pdbx_audit_revision_details.data_content_type   'Structure model' 
_pdbx_audit_revision_details.provider            repository 
_pdbx_audit_revision_details.type                'Initial release' 
_pdbx_audit_revision_details.description         ? 
_pdbx_audit_revision_details.details             ? 
# 
loop_
_pdbx_audit_revision_group.ordinal 
_pdbx_audit_revision_group.revision_ordinal 
_pdbx_audit_revision_group.data_content_type 
_pdbx_audit_revision_group.group 
1 2 'Structure model' 'Version format compliance' 
2 3 'Structure model' Advisory                    
3 3 'Structure model' 'Source and taxonomy'       
4 3 'Structure model' 'Version format compliance' 
5 4 'Structure model' 'Data collection'           
6 4 'Structure model' 'Database references'       
7 4 'Structure model' 'Derived calculations'      
8 4 'Structure model' 'Structure summary'         
# 
loop_
_pdbx_audit_revision_category.ordinal 
_pdbx_audit_revision_category.revision_ordinal 
_pdbx_audit_revision_category.data_content_type 
_pdbx_audit_revision_category.category 
1 4 'Structure model' chem_comp_atom            
2 4 'Structure model' chem_comp_bond            
3 4 'Structure model' database_2                
4 4 'Structure model' pdbx_entry_details        
5 4 'Structure model' pdbx_modification_feature 
6 4 'Structure model' struct_conn               
7 4 'Structure model' struct_ref_seq_dif        
# 
loop_
_pdbx_audit_revision_item.ordinal 
_pdbx_audit_revision_item.revision_ordinal 
_pdbx_audit_revision_item.data_content_type 
_pdbx_audit_revision_item.item 
1 4 'Structure model' '_database_2.pdbx_DOI'                
2 4 'Structure model' '_database_2.pdbx_database_accession' 
3 4 'Structure model' '_struct_conn.pdbx_leaving_atom_flag' 
4 4 'Structure model' '_struct_ref_seq_dif.details'         
# 
_pdbx_database_status.status_code                     REL 
_pdbx_database_status.entry_id                        2OYZ 
_pdbx_database_status.recvd_initial_deposition_date   2007-02-23 
_pdbx_database_status.deposit_site                    RCSB 
_pdbx_database_status.process_site                    RCSB 
_pdbx_database_status.status_code_sf                  REL 
_pdbx_database_status.status_code_mr                  ? 
_pdbx_database_status.SG_entry                        Y 
_pdbx_database_status.pdb_format_compatible           Y 
_pdbx_database_status.status_code_cs                  ? 
_pdbx_database_status.status_code_nmr_data            ? 
_pdbx_database_status.methods_development_category    ? 
# 
_pdbx_database_related.db_name        TargetDB 
_pdbx_database_related.db_id          APC86608.1 
_pdbx_database_related.details        . 
_pdbx_database_related.content_type   unspecified 
# 
loop_
_audit_author.name 
_audit_author.pdbx_ordinal 
'Chang, C.'                                     1 
'Volkart, L.'                                   2 
'Abdullah, J.'                                  3 
'Joachimiak, A.'                                4 
'Midwest Center for Structural Genomics (MCSG)' 5 
# 
_citation.id                        primary 
_citation.title                     'Crystal structure of unknown function protein VPA0057 from Vibrio parahaemolyticus' 
_citation.journal_abbrev            'To be Published' 
_citation.journal_volume            ? 
_citation.page_first                ? 
_citation.page_last                 ? 
_citation.year                      ? 
_citation.journal_id_ASTM           ? 
_citation.country                   ? 
_citation.journal_id_ISSN           ? 
_citation.journal_id_CSD            0353 
_citation.book_publisher            ? 
_citation.pdbx_database_id_PubMed   ? 
_citation.pdbx_database_id_DOI      ? 
# 
loop_
_citation_author.citation_id 
_citation_author.name 
_citation_author.ordinal 
_citation_author.identifier_ORCID 
primary 'Chang, C.'      1 ? 
primary 'Volkart, L.'    2 ? 
primary 'Abdullah, J.'   3 ? 
primary 'Joachimiak, A.' 4 ? 
# 
loop_
_entity.id 
_entity.type 
_entity.src_method 
_entity.pdbx_description 
_entity.formula_weight 
_entity.pdbx_number_of_molecules 
_entity.pdbx_ec 
_entity.pdbx_mutation 
_entity.pdbx_fragment 
_entity.details 
1 polymer man 'UPF0345 protein VPA0057' 10254.017 1   ? ? 'Residues 2-94' ? 
2 water   nat water                     18.015    104 ? ? ?               ? 
# 
_entity_poly.entity_id                      1 
_entity_poly.type                           'polypeptide(L)' 
_entity_poly.nstd_linkage                   no 
_entity_poly.nstd_monomer                   yes 
_entity_poly.pdbx_seq_one_letter_code       
;ASIKENSYFAGGVKSLGFNQHGQDVSVGV(MSE)LPGEYTFGTQAPER(MSE)TVVKGALVVKRVGEADWTTYSSGESFD
VEGNSSFELQVKDATAYLCEYL
;
_entity_poly.pdbx_seq_one_letter_code_can   
;ASIKENSYFAGGVKSLGFNQHGQDVSVGVMLPGEYTFGTQAPERMTVVKGALVVKRVGEADWTTYSSGESFDVEGNSSFE
LQVKDATAYLCEYL
;
_entity_poly.pdbx_strand_id                 A 
_entity_poly.pdbx_target_identifier         APC86608.1 
# 
_pdbx_entity_nonpoly.entity_id   2 
_pdbx_entity_nonpoly.name        water 
_pdbx_entity_nonpoly.comp_id     HOH 
# 
loop_
_entity_poly_seq.entity_id 
_entity_poly_seq.num 
_entity_poly_seq.mon_id 
_entity_poly_seq.hetero 
1 1  ALA n 
1 2  SER n 
1 3  ILE n 
1 4  LYS n 
1 5  GLU n 
1 6  ASN n 
1 7  SER n 
1 8  TYR n 
1 9  PHE n 
1 10 ALA n 
1 11 GLY n 
1 12 GLY n 
1 13 VAL n 
1 14 LYS n 
1 15 SER n 
1 16 LEU n 
1 17 GLY n 
1 18 PHE n 
1 19 ASN n 
1 20 GLN n 
1 21 HIS n 
1 22 GLY n 
1 23 GLN n 
1 24 ASP n 
1 25 VAL n 
1 26 SER n 
1 27 VAL n 
1 28 GLY n 
1 29 VAL n 
1 30 MSE n 
1 31 LEU n 
1 32 PRO n 
1 33 GLY n 
1 34 GLU n 
1 35 TYR n 
1 36 THR n 
1 37 PHE n 
1 38 GLY n 
1 39 THR n 
1 40 GLN n 
1 41 ALA n 
1 42 PRO n 
1 43 GLU n 
1 44 ARG n 
1 45 MSE n 
1 46 THR n 
1 47 VAL n 
1 48 VAL n 
1 49 LYS n 
1 50 GLY n 
1 51 ALA n 
1 52 LEU n 
1 53 VAL n 
1 54 VAL n 
1 55 LYS n 
1 56 ARG n 
1 57 VAL n 
1 58 GLY n 
1 59 GLU n 
1 60 ALA n 
1 61 ASP n 
1 62 TRP n 
1 63 THR n 
1 64 THR n 
1 65 TYR n 
1 66 SER n 
1 67 SER n 
1 68 GLY n 
1 69 GLU n 
1 70 SER n 
1 71 PHE n 
1 72 ASP n 
1 73 VAL n 
1 74 GLU n 
1 75 GLY n 
1 76 ASN n 
1 77 SER n 
1 78 SER n 
1 79 PHE n 
1 80 GLU n 
1 81 LEU n 
1 82 GLN n 
1 83 VAL n 
1 84 LYS n 
1 85 ASP n 
1 86 ALA n 
1 87 THR n 
1 88 ALA n 
1 89 TYR n 
1 90 LEU n 
1 91 CYS n 
1 92 GLU n 
1 93 TYR n 
1 94 LEU n 
# 
_entity_src_gen.entity_id                          1 
_entity_src_gen.pdbx_src_id                        1 
_entity_src_gen.pdbx_alt_source_flag               sample 
_entity_src_gen.pdbx_seq_type                      ? 
_entity_src_gen.pdbx_beg_seq_num                   ? 
_entity_src_gen.pdbx_end_seq_num                   ? 
_entity_src_gen.gene_src_common_name               ? 
_entity_src_gen.gene_src_genus                     Vibrio 
_entity_src_gen.pdbx_gene_src_gene                 VPA0057 
_entity_src_gen.gene_src_species                   'Vibrio parahaemolyticus' 
_entity_src_gen.gene_src_strain                    'RIMD 2210633' 
_entity_src_gen.gene_src_tissue                    ? 
_entity_src_gen.gene_src_tissue_fraction           ? 
_entity_src_gen.gene_src_details                   ? 
_entity_src_gen.pdbx_gene_src_fragment             ? 
_entity_src_gen.pdbx_gene_src_scientific_name      'Vibrio parahaemolyticus' 
_entity_src_gen.pdbx_gene_src_ncbi_taxonomy_id     223926 
_entity_src_gen.pdbx_gene_src_variant              ? 
_entity_src_gen.pdbx_gene_src_cell_line            ? 
_entity_src_gen.pdbx_gene_src_atcc                 ? 
_entity_src_gen.pdbx_gene_src_organ                ? 
_entity_src_gen.pdbx_gene_src_organelle            ? 
_entity_src_gen.pdbx_gene_src_cell                 ? 
_entity_src_gen.pdbx_gene_src_cellular_location    ? 
_entity_src_gen.host_org_common_name               ? 
_entity_src_gen.pdbx_host_org_scientific_name      'Escherichia coli' 
_entity_src_gen.pdbx_host_org_ncbi_taxonomy_id     562 
_entity_src_gen.host_org_genus                     Escherichia 
_entity_src_gen.pdbx_host_org_gene                 ? 
_entity_src_gen.pdbx_host_org_organ                ? 
_entity_src_gen.host_org_species                   ? 
_entity_src_gen.pdbx_host_org_tissue               ? 
_entity_src_gen.pdbx_host_org_tissue_fraction      ? 
_entity_src_gen.pdbx_host_org_strain               'BL21(DE3) derivatives' 
_entity_src_gen.pdbx_host_org_variant              ? 
_entity_src_gen.pdbx_host_org_cell_line            ? 
_entity_src_gen.pdbx_host_org_atcc                 ? 
_entity_src_gen.pdbx_host_org_culture_collection   ? 
_entity_src_gen.pdbx_host_org_cell                 ? 
_entity_src_gen.pdbx_host_org_organelle            ? 
_entity_src_gen.pdbx_host_org_cellular_location    ? 
_entity_src_gen.pdbx_host_org_vector_type          Plasmid 
_entity_src_gen.pdbx_host_org_vector               ? 
_entity_src_gen.host_org_details                   ? 
_entity_src_gen.expression_system_id               ? 
_entity_src_gen.plasmid_name                       pMCSG 
_entity_src_gen.plasmid_details                    ? 
_entity_src_gen.pdbx_description                   ? 
# 
loop_
_chem_comp.id 
_chem_comp.type 
_chem_comp.mon_nstd_flag 
_chem_comp.name 
_chem_comp.pdbx_synonyms 
_chem_comp.formula 
_chem_comp.formula_weight 
ALA 'L-peptide linking' y ALANINE          ? 'C3 H7 N O2'     89.093  
ARG 'L-peptide linking' y ARGININE         ? 'C6 H15 N4 O2 1' 175.209 
ASN 'L-peptide linking' y ASPARAGINE       ? 'C4 H8 N2 O3'    132.118 
ASP 'L-peptide linking' y 'ASPARTIC ACID'  ? 'C4 H7 N O4'     133.103 
CYS 'L-peptide linking' y CYSTEINE         ? 'C3 H7 N O2 S'   121.158 
GLN 'L-peptide linking' y GLUTAMINE        ? 'C5 H10 N2 O3'   146.144 
GLU 'L-peptide linking' y 'GLUTAMIC ACID'  ? 'C5 H9 N O4'     147.129 
GLY 'peptide linking'   y GLYCINE          ? 'C2 H5 N O2'     75.067  
HIS 'L-peptide linking' y HISTIDINE        ? 'C6 H10 N3 O2 1' 156.162 
HOH non-polymer         . WATER            ? 'H2 O'           18.015  
ILE 'L-peptide linking' y ISOLEUCINE       ? 'C6 H13 N O2'    131.173 
LEU 'L-peptide linking' y LEUCINE          ? 'C6 H13 N O2'    131.173 
LYS 'L-peptide linking' y LYSINE           ? 'C6 H15 N2 O2 1' 147.195 
MET 'L-peptide linking' y METHIONINE       ? 'C5 H11 N O2 S'  149.211 
MSE 'L-peptide linking' n SELENOMETHIONINE ? 'C5 H11 N O2 Se' 196.106 
PHE 'L-peptide linking' y PHENYLALANINE    ? 'C9 H11 N O2'    165.189 
PRO 'L-peptide linking' y PROLINE          ? 'C5 H9 N O2'     115.130 
SER 'L-peptide linking' y SERINE           ? 'C3 H7 N O3'     105.093 
THR 'L-peptide linking' y THREONINE        ? 'C4 H9 N O3'     119.119 
TRP 'L-peptide linking' y TRYPTOPHAN       ? 'C11 H12 N2 O2'  204.225 
TYR 'L-peptide linking' y TYROSINE         ? 'C9 H11 N O3'    181.189 
VAL 'L-peptide linking' y VALINE           ? 'C5 H11 N O2'    117.146 
# 
loop_
_pdbx_poly_seq_scheme.asym_id 
_pdbx_poly_seq_scheme.entity_id 
_pdbx_poly_seq_scheme.seq_id 
_pdbx_poly_seq_scheme.mon_id 
_pdbx_poly_seq_scheme.ndb_seq_num 
_pdbx_poly_seq_scheme.pdb_seq_num 
_pdbx_poly_seq_scheme.auth_seq_num 
_pdbx_poly_seq_scheme.pdb_mon_id 
_pdbx_poly_seq_scheme.auth_mon_id 
_pdbx_poly_seq_scheme.pdb_strand_id 
_pdbx_poly_seq_scheme.pdb_ins_code 
_pdbx_poly_seq_scheme.hetero 
A 1 1  ALA 1  1  1  ALA ALA A . n 
A 1 2  SER 2  2  2  SER SER A . n 
A 1 3  ILE 3  3  3  ILE ILE A . n 
A 1 4  LYS 4  4  4  LYS LYS A . n 
A 1 5  GLU 5  5  5  GLU GLU A . n 
A 1 6  ASN 6  6  6  ASN ASN A . n 
A 1 7  SER 7  7  7  SER SER A . n 
A 1 8  TYR 8  8  8  TYR TYR A . n 
A 1 9  PHE 9  9  9  PHE PHE A . n 
A 1 10 ALA 10 10 10 ALA ALA A . n 
A 1 11 GLY 11 11 11 GLY GLY A . n 
A 1 12 GLY 12 12 12 GLY GLY A . n 
A 1 13 VAL 13 13 13 VAL VAL A . n 
A 1 14 LYS 14 14 14 LYS LYS A . n 
A 1 15 SER 15 15 15 SER SER A . n 
A 1 16 LEU 16 16 16 LEU LEU A . n 
A 1 17 GLY 17 17 17 GLY GLY A . n 
A 1 18 PHE 18 18 18 PHE PHE A . n 
A 1 19 ASN 19 19 19 ASN ASN A . n 
A 1 20 GLN 20 20 20 GLN GLN A . n 
A 1 21 HIS 21 21 21 HIS HIS A . n 
A 1 22 GLY 22 22 22 GLY GLY A . n 
A 1 23 GLN 23 23 23 GLN GLN A . n 
A 1 24 ASP 24 24 24 ASP ASP A . n 
A 1 25 VAL 25 25 25 VAL VAL A . n 
A 1 26 SER 26 26 26 SER SER A . n 
A 1 27 VAL 27 27 27 VAL VAL A . n 
A 1 28 GLY 28 28 28 GLY GLY A . n 
A 1 29 VAL 29 29 29 VAL VAL A . n 
A 1 30 MSE 30 30 30 MSE MSE A . n 
A 1 31 LEU 31 31 31 LEU LEU A . n 
A 1 32 PRO 32 32 32 PRO PRO A . n 
A 1 33 GLY 33 33 33 GLY GLY A . n 
A 1 34 GLU 34 34 34 GLU GLU A . n 
A 1 35 TYR 35 35 35 TYR TYR A . n 
A 1 36 THR 36 36 36 THR THR A . n 
A 1 37 PHE 37 37 37 PHE PHE A . n 
A 1 38 GLY 38 38 38 GLY GLY A . n 
A 1 39 THR 39 39 39 THR THR A . n 
A 1 40 GLN 40 40 40 GLN GLN A . n 
A 1 41 ALA 41 41 41 ALA ALA A . n 
A 1 42 PRO 42 42 42 PRO PRO A . n 
A 1 43 GLU 43 43 43 GLU GLU A . n 
A 1 44 ARG 44 44 44 ARG ARG A . n 
A 1 45 MSE 45 45 45 MSE MSE A . n 
A 1 46 THR 46 46 46 THR THR A . n 
A 1 47 VAL 47 47 47 VAL VAL A . n 
A 1 48 VAL 48 48 48 VAL VAL A . n 
A 1 49 LYS 49 49 49 LYS LYS A . n 
A 1 50 GLY 50 50 50 GLY GLY A . n 
A 1 51 ALA 51 51 51 ALA ALA A . n 
A 1 52 LEU 52 52 52 LEU LEU A . n 
A 1 53 VAL 53 53 53 VAL VAL A . n 
A 1 54 VAL 54 54 54 VAL VAL A . n 
A 1 55 LYS 55 55 55 LYS LYS A . n 
A 1 56 ARG 56 56 56 ARG ARG A . n 
A 1 57 VAL 57 57 57 VAL VAL A . n 
A 1 58 GLY 58 58 58 GLY GLY A . n 
A 1 59 GLU 59 59 59 GLU GLU A . n 
A 1 60 ALA 60 60 60 ALA ALA A . n 
A 1 61 ASP 61 61 61 ASP ASP A . n 
A 1 62 TRP 62 62 62 TRP TRP A . n 
A 1 63 THR 63 63 63 THR THR A . n 
A 1 64 THR 64 64 64 THR THR A . n 
A 1 65 TYR 65 65 65 TYR TYR A . n 
A 1 66 SER 66 66 66 SER SER A . n 
A 1 67 SER 67 67 67 SER SER A . n 
A 1 68 GLY 68 68 68 GLY GLY A . n 
A 1 69 GLU 69 69 69 GLU GLU A . n 
A 1 70 SER 70 70 70 SER SER A . n 
A 1 71 PHE 71 71 71 PHE PHE A . n 
A 1 72 ASP 72 72 72 ASP ASP A . n 
A 1 73 VAL 73 73 73 VAL VAL A . n 
A 1 74 GLU 74 74 74 GLU GLU A . n 
A 1 75 GLY 75 75 75 GLY GLY A . n 
A 1 76 ASN 76 76 76 ASN ASN A . n 
A 1 77 SER 77 77 77 SER SER A . n 
A 1 78 SER 78 78 78 SER SER A . n 
A 1 79 PHE 79 79 79 PHE PHE A . n 
A 1 80 GLU 80 80 80 GLU GLU A . n 
A 1 81 LEU 81 81 81 LEU LEU A . n 
A 1 82 GLN 82 82 82 GLN GLN A . n 
A 1 83 VAL 83 83 83 VAL VAL A . n 
A 1 84 LYS 84 84 84 LYS LYS A . n 
A 1 85 ASP 85 85 85 ASP ASP A . n 
A 1 86 ALA 86 86 86 ALA ALA A . n 
A 1 87 THR 87 87 87 THR THR A . n 
A 1 88 ALA 88 88 88 ALA ALA A . n 
A 1 89 TYR 89 89 89 TYR TYR A . n 
A 1 90 LEU 90 90 90 LEU LEU A . n 
A 1 91 CYS 91 91 91 CYS CYS A . n 
A 1 92 GLU 92 92 92 GLU GLU A . n 
A 1 93 TYR 93 93 93 TYR TYR A . n 
A 1 94 LEU 94 94 94 LEU ALA A . n 
# 
loop_
_pdbx_nonpoly_scheme.asym_id 
_pdbx_nonpoly_scheme.entity_id 
_pdbx_nonpoly_scheme.mon_id 
_pdbx_nonpoly_scheme.ndb_seq_num 
_pdbx_nonpoly_scheme.pdb_seq_num 
_pdbx_nonpoly_scheme.auth_seq_num 
_pdbx_nonpoly_scheme.pdb_mon_id 
_pdbx_nonpoly_scheme.auth_mon_id 
_pdbx_nonpoly_scheme.pdb_strand_id 
_pdbx_nonpoly_scheme.pdb_ins_code 
B 2 HOH 1   95  1   HOH HOH A . 
B 2 HOH 2   96  2   HOH HOH A . 
B 2 HOH 3   97  3   HOH HOH A . 
B 2 HOH 4   98  4   HOH HOH A . 
B 2 HOH 5   99  5   HOH HOH A . 
B 2 HOH 6   100 6   HOH HOH A . 
B 2 HOH 7   101 7   HOH HOH A . 
B 2 HOH 8   102 8   HOH HOH A . 
B 2 HOH 9   103 9   HOH HOH A . 
B 2 HOH 10  104 10  HOH HOH A . 
B 2 HOH 11  105 11  HOH HOH A . 
B 2 HOH 12  106 12  HOH HOH A . 
B 2 HOH 13  107 13  HOH HOH A . 
B 2 HOH 14  108 14  HOH HOH A . 
B 2 HOH 15  109 15  HOH HOH A . 
B 2 HOH 16  110 16  HOH HOH A . 
B 2 HOH 17  111 17  HOH HOH A . 
B 2 HOH 18  112 18  HOH HOH A . 
B 2 HOH 19  113 19  HOH HOH A . 
B 2 HOH 20  114 20  HOH HOH A . 
B 2 HOH 21  115 21  HOH HOH A . 
B 2 HOH 22  116 22  HOH HOH A . 
B 2 HOH 23  117 23  HOH HOH A . 
B 2 HOH 24  118 24  HOH HOH A . 
B 2 HOH 25  119 25  HOH HOH A . 
B 2 HOH 26  120 26  HOH HOH A . 
B 2 HOH 27  121 27  HOH HOH A . 
B 2 HOH 28  122 28  HOH HOH A . 
B 2 HOH 29  123 29  HOH HOH A . 
B 2 HOH 30  124 30  HOH HOH A . 
B 2 HOH 31  125 31  HOH HOH A . 
B 2 HOH 32  126 32  HOH HOH A . 
B 2 HOH 33  127 33  HOH HOH A . 
B 2 HOH 34  128 34  HOH HOH A . 
B 2 HOH 35  129 35  HOH HOH A . 
B 2 HOH 36  130 36  HOH HOH A . 
B 2 HOH 37  131 37  HOH HOH A . 
B 2 HOH 38  132 38  HOH HOH A . 
B 2 HOH 39  133 39  HOH HOH A . 
B 2 HOH 40  134 40  HOH HOH A . 
B 2 HOH 41  135 41  HOH HOH A . 
B 2 HOH 42  136 42  HOH HOH A . 
B 2 HOH 43  137 43  HOH HOH A . 
B 2 HOH 44  138 44  HOH HOH A . 
B 2 HOH 45  139 45  HOH HOH A . 
B 2 HOH 46  140 46  HOH HOH A . 
B 2 HOH 47  141 47  HOH HOH A . 
B 2 HOH 48  142 48  HOH HOH A . 
B 2 HOH 49  143 49  HOH HOH A . 
B 2 HOH 50  144 50  HOH HOH A . 
B 2 HOH 51  145 51  HOH HOH A . 
B 2 HOH 52  146 52  HOH HOH A . 
B 2 HOH 53  147 53  HOH HOH A . 
B 2 HOH 54  148 54  HOH HOH A . 
B 2 HOH 55  149 55  HOH HOH A . 
B 2 HOH 56  150 56  HOH HOH A . 
B 2 HOH 57  151 57  HOH HOH A . 
B 2 HOH 58  152 58  HOH HOH A . 
B 2 HOH 59  153 59  HOH HOH A . 
B 2 HOH 60  154 60  HOH HOH A . 
B 2 HOH 61  155 61  HOH HOH A . 
B 2 HOH 62  156 62  HOH HOH A . 
B 2 HOH 63  157 63  HOH HOH A . 
B 2 HOH 64  158 64  HOH HOH A . 
B 2 HOH 65  159 65  HOH HOH A . 
B 2 HOH 66  160 66  HOH HOH A . 
B 2 HOH 67  161 67  HOH HOH A . 
B 2 HOH 68  162 68  HOH HOH A . 
B 2 HOH 69  163 69  HOH HOH A . 
B 2 HOH 70  164 70  HOH HOH A . 
B 2 HOH 71  165 71  HOH HOH A . 
B 2 HOH 72  166 72  HOH HOH A . 
B 2 HOH 73  167 73  HOH HOH A . 
B 2 HOH 74  168 74  HOH HOH A . 
B 2 HOH 75  169 75  HOH HOH A . 
B 2 HOH 76  170 76  HOH HOH A . 
B 2 HOH 77  171 77  HOH HOH A . 
B 2 HOH 78  172 78  HOH HOH A . 
B 2 HOH 79  173 79  HOH HOH A . 
B 2 HOH 80  174 80  HOH HOH A . 
B 2 HOH 81  175 81  HOH HOH A . 
B 2 HOH 82  176 82  HOH HOH A . 
B 2 HOH 83  177 83  HOH HOH A . 
B 2 HOH 84  178 84  HOH HOH A . 
B 2 HOH 85  179 85  HOH HOH A . 
B 2 HOH 86  180 86  HOH HOH A . 
B 2 HOH 87  181 87  HOH HOH A . 
B 2 HOH 88  182 88  HOH HOH A . 
B 2 HOH 89  183 89  HOH HOH A . 
B 2 HOH 90  184 90  HOH HOH A . 
B 2 HOH 91  185 91  HOH HOH A . 
B 2 HOH 92  186 92  HOH HOH A . 
B 2 HOH 93  187 93  HOH HOH A . 
B 2 HOH 94  188 94  HOH HOH A . 
B 2 HOH 95  189 95  HOH HOH A . 
B 2 HOH 96  190 96  HOH HOH A . 
B 2 HOH 97  191 97  HOH HOH A . 
B 2 HOH 98  192 98  HOH HOH A . 
B 2 HOH 99  193 99  HOH HOH A . 
B 2 HOH 100 194 100 HOH HOH A . 
B 2 HOH 101 195 101 HOH HOH A . 
B 2 HOH 102 196 102 HOH HOH A . 
B 2 HOH 103 197 104 HOH HOH A . 
B 2 HOH 104 198 105 HOH HOH A . 
# 
loop_
_pdbx_unobs_or_zero_occ_atoms.id 
_pdbx_unobs_or_zero_occ_atoms.PDB_model_num 
_pdbx_unobs_or_zero_occ_atoms.polymer_flag 
_pdbx_unobs_or_zero_occ_atoms.occupancy_flag 
_pdbx_unobs_or_zero_occ_atoms.auth_asym_id 
_pdbx_unobs_or_zero_occ_atoms.auth_comp_id 
_pdbx_unobs_or_zero_occ_atoms.auth_seq_id 
_pdbx_unobs_or_zero_occ_atoms.PDB_ins_code 
_pdbx_unobs_or_zero_occ_atoms.auth_atom_id 
_pdbx_unobs_or_zero_occ_atoms.label_alt_id 
_pdbx_unobs_or_zero_occ_atoms.label_asym_id 
_pdbx_unobs_or_zero_occ_atoms.label_comp_id 
_pdbx_unobs_or_zero_occ_atoms.label_seq_id 
_pdbx_unobs_or_zero_occ_atoms.label_atom_id 
1 1 Y 1 A LEU 94 ? CG  ? A LEU 94 CG  
2 1 Y 1 A LEU 94 ? CD1 ? A LEU 94 CD1 
3 1 Y 1 A LEU 94 ? CD2 ? A LEU 94 CD2 
# 
loop_
_software.name 
_software.classification 
_software.version 
_software.citation_id 
_software.pdbx_ordinal 
REFMAC      refinement        5.2.0019 ? 1 
SBC-Collect 'data collection' .        ? 2 
HKL-3000    'data reduction'  .        ? 3 
HKL-3000    'data scaling'    .        ? 4 
HKL-3000    phasing           .        ? 5 
# 
_cell.entry_id           2OYZ 
_cell.length_a           37.302 
_cell.length_b           37.302 
_cell.length_c           135.555 
_cell.angle_alpha        90.00 
_cell.angle_beta         90.00 
_cell.angle_gamma        90.00 
_cell.Z_PDB              8 
_cell.pdbx_unique_axis   ? 
_cell.length_a_esd       ? 
_cell.length_b_esd       ? 
_cell.length_c_esd       ? 
_cell.angle_alpha_esd    ? 
_cell.angle_beta_esd     ? 
_cell.angle_gamma_esd    ? 
# 
_symmetry.entry_id                         2OYZ 
_symmetry.space_group_name_H-M             'P 43 2 2' 
_symmetry.pdbx_full_space_group_name_H-M   ? 
_symmetry.cell_setting                     ? 
_symmetry.Int_Tables_number                95 
_symmetry.space_group_name_Hall            ? 
# 
_exptl.entry_id          2OYZ 
_exptl.method            'X-RAY DIFFRACTION' 
_exptl.crystals_number   1 
# 
_exptl_crystal.id                    1 
_exptl_crystal.density_meas          ? 
_exptl_crystal.density_Matthews      2.30 
_exptl_crystal.density_percent_sol   46.49 
_exptl_crystal.description           ? 
_exptl_crystal.F_000                 ? 
_exptl_crystal.preparation           ? 
# 
_exptl_crystal_grow.crystal_id      1 
_exptl_crystal_grow.method          'VAPOR DIFFUSION, SITTING DROP' 
_exptl_crystal_grow.temp            289 
_exptl_crystal_grow.temp_details    ? 
_exptl_crystal_grow.pH              4.6 
_exptl_crystal_grow.pdbx_details    
'0.1M CaCl2, 0.1M Sodium acetate pH 4.6, 15% PEG 400, 10% Glycerol, VAPOR DIFFUSION, SITTING DROP, temperature 289K' 
_exptl_crystal_grow.pdbx_pH_range   . 
# 
_diffrn.id                     1 
_diffrn.ambient_temp           100 
_diffrn.ambient_temp_details   ? 
_diffrn.crystal_id             1 
# 
_diffrn_detector.diffrn_id              1 
_diffrn_detector.detector               CCD 
_diffrn_detector.type                   'ADSC QUANTUM 315' 
_diffrn_detector.pdbx_collection_date   2006-12-02 
_diffrn_detector.details                ? 
# 
_diffrn_radiation.diffrn_id                        1 
_diffrn_radiation.wavelength_id                    1 
_diffrn_radiation.pdbx_monochromatic_or_laue_m_l   M 
_diffrn_radiation.monochromator                    'double crystal' 
_diffrn_radiation.pdbx_diffrn_protocol             'SINGLE WAVELENGTH' 
_diffrn_radiation.pdbx_scattering_type             x-ray 
# 
_diffrn_radiation_wavelength.id           1 
_diffrn_radiation_wavelength.wavelength   0.97931 
_diffrn_radiation_wavelength.wt           1.0 
# 
_diffrn_source.diffrn_id                   1 
_diffrn_source.source                      SYNCHROTRON 
_diffrn_source.type                        'APS BEAMLINE 19-ID' 
_diffrn_source.pdbx_synchrotron_site       APS 
_diffrn_source.pdbx_synchrotron_beamline   19-ID 
_diffrn_source.pdbx_wavelength             ? 
_diffrn_source.pdbx_wavelength_list        0.97931 
# 
_reflns.entry_id                     2OYZ 
_reflns.observed_criterion_sigma_F   ? 
_reflns.observed_criterion_sigma_I   -3.0 
_reflns.d_resolution_high            1.71 
_reflns.d_resolution_low             50 
_reflns.number_all                   11162 
_reflns.number_obs                   11064 
_reflns.percent_possible_obs         99.1 
_reflns.pdbx_Rmerge_I_obs            0.075 
_reflns.pdbx_Rsym_value              ? 
_reflns.pdbx_netI_over_sigmaI        72 
_reflns.B_iso_Wilson_estimate        ? 
_reflns.pdbx_redundancy              13.4 
_reflns.R_free_details               ? 
_reflns.limit_h_max                  ? 
_reflns.limit_h_min                  ? 
_reflns.limit_k_max                  ? 
_reflns.limit_k_min                  ? 
_reflns.limit_l_max                  ? 
_reflns.limit_l_min                  ? 
_reflns.observed_criterion_F_max     ? 
_reflns.observed_criterion_F_min     ? 
_reflns.pdbx_chi_squared             ? 
_reflns.pdbx_scaling_rejects         ? 
_reflns.pdbx_ordinal                 1 
_reflns.pdbx_diffrn_id               1 
# 
_reflns_shell.d_res_high             1.71 
_reflns_shell.d_res_low              1.77 
_reflns_shell.percent_possible_all   93.5 
_reflns_shell.Rmerge_I_obs           0.352 
_reflns_shell.pdbx_Rsym_value        ? 
_reflns_shell.meanI_over_sigI_obs    4.52 
_reflns_shell.pdbx_redundancy        9.1 
_reflns_shell.percent_possible_obs   ? 
_reflns_shell.number_unique_all      1003 
_reflns_shell.number_measured_all    ? 
_reflns_shell.number_measured_obs    ? 
_reflns_shell.number_unique_obs      ? 
_reflns_shell.pdbx_chi_squared       ? 
_reflns_shell.pdbx_ordinal           1 
_reflns_shell.pdbx_diffrn_id         1 
# 
_refine.entry_id                                 2OYZ 
_refine.ls_number_reflns_obs                     10480 
_refine.ls_number_reflns_all                     10480 
_refine.pdbx_ls_sigma_I                          ? 
_refine.pdbx_ls_sigma_F                          0.0 
_refine.pdbx_data_cutoff_high_absF               ? 
_refine.pdbx_data_cutoff_low_absF                ? 
_refine.pdbx_data_cutoff_high_rms_absF           ? 
_refine.ls_d_res_low                             37.29 
_refine.ls_d_res_high                            1.71 
_refine.ls_percent_reflns_obs                    99.45 
_refine.ls_R_factor_obs                          0.20461 
_refine.ls_R_factor_all                          0.20461 
_refine.ls_R_factor_R_work                       0.20298 
_refine.ls_R_factor_R_free                       0.23657 
_refine.ls_R_factor_R_free_error                 ? 
_refine.ls_R_factor_R_free_error_details         ? 
_refine.ls_percent_reflns_R_free                 4.8 
_refine.ls_number_reflns_R_free                  528 
_refine.ls_number_parameters                     ? 
_refine.ls_number_restraints                     ? 
_refine.occupancy_min                            ? 
_refine.occupancy_max                            ? 
_refine.correlation_coeff_Fo_to_Fc               0.952 
_refine.correlation_coeff_Fo_to_Fc_free          0.937 
_refine.B_iso_mean                               26.536 
_refine.aniso_B[1][1]                            0.41 
_refine.aniso_B[2][2]                            0.41 
_refine.aniso_B[3][3]                            -0.82 
_refine.aniso_B[1][2]                            0.00 
_refine.aniso_B[1][3]                            0.00 
_refine.aniso_B[2][3]                            0.00 
_refine.solvent_model_details                    MASK 
_refine.solvent_model_param_ksol                 ? 
_refine.solvent_model_param_bsol                 ? 
_refine.pdbx_solvent_vdw_probe_radii             1.20 
_refine.pdbx_solvent_ion_probe_radii             0.80 
_refine.pdbx_solvent_shrinkage_radii             0.80 
_refine.pdbx_ls_cross_valid_method               THROUGHOUT 
_refine.details                                  'HYDROGENS HAVE BEEN ADDED IN THE RIDING POSITIONS' 
_refine.pdbx_starting_model                      ? 
_refine.pdbx_method_to_determine_struct          SAD 
_refine.pdbx_isotropic_thermal_model             ? 
_refine.pdbx_stereochemistry_target_values       'MAXIMUM LIKELIHOOD' 
_refine.pdbx_stereochem_target_val_spec_case     ? 
_refine.pdbx_R_Free_selection_details            RANDOM 
_refine.pdbx_overall_ESU_R                       0.130 
_refine.pdbx_overall_ESU_R_Free                  0.122 
_refine.overall_SU_ML                            0.085 
_refine.overall_SU_B                             5.182 
_refine.ls_redundancy_reflns_obs                 ? 
_refine.B_iso_min                                ? 
_refine.B_iso_max                                ? 
_refine.overall_SU_R_Cruickshank_DPI             ? 
_refine.overall_SU_R_free                        ? 
_refine.ls_wR_factor_R_free                      ? 
_refine.ls_wR_factor_R_work                      ? 
_refine.overall_FOM_free_R_set                   ? 
_refine.overall_FOM_work_R_set                   ? 
_refine.pdbx_refine_id                           'X-RAY DIFFRACTION' 
_refine.pdbx_TLS_residual_ADP_flag               'LIKELY RESIDUAL' 
_refine.pdbx_diffrn_id                           1 
_refine.pdbx_overall_phase_error                 ? 
_refine.pdbx_overall_SU_R_free_Cruickshank_DPI   ? 
_refine.pdbx_overall_SU_R_Blow_DPI               ? 
_refine.pdbx_overall_SU_R_free_Blow_DPI          ? 
# 
_refine_hist.pdbx_refine_id                   'X-RAY DIFFRACTION' 
_refine_hist.cycle_id                         LAST 
_refine_hist.pdbx_number_atoms_protein        711 
_refine_hist.pdbx_number_atoms_nucleic_acid   0 
_refine_hist.pdbx_number_atoms_ligand         0 
_refine_hist.number_atoms_solvent             104 
_refine_hist.number_atoms_total               815 
_refine_hist.d_res_high                       1.71 
_refine_hist.d_res_low                        37.29 
# 
loop_
_refine_ls_restr.type 
_refine_ls_restr.dev_ideal 
_refine_ls_restr.dev_ideal_target 
_refine_ls_restr.weight 
_refine_ls_restr.number 
_refine_ls_restr.pdbx_refine_id 
_refine_ls_restr.pdbx_restraint_function 
r_bond_refined_d             0.012  0.022  ? 839  'X-RAY DIFFRACTION' ? 
r_bond_other_d               ?      ?      ? ?    'X-RAY DIFFRACTION' ? 
r_angle_refined_deg          1.481  1.932  ? 1150 'X-RAY DIFFRACTION' ? 
r_angle_other_deg            ?      ?      ? ?    'X-RAY DIFFRACTION' ? 
r_dihedral_angle_1_deg       7.148  5.000  ? 118  'X-RAY DIFFRACTION' ? 
r_dihedral_angle_2_deg       45.690 25.366 ? 41   'X-RAY DIFFRACTION' ? 
r_dihedral_angle_3_deg       12.114 15.000 ? 136  'X-RAY DIFFRACTION' ? 
r_dihedral_angle_4_deg       27.031 15.000 ? 3    'X-RAY DIFFRACTION' ? 
r_chiral_restr               0.099  0.200  ? 122  'X-RAY DIFFRACTION' ? 
r_gen_planes_refined         0.006  0.020  ? 676  'X-RAY DIFFRACTION' ? 
r_gen_planes_other           ?      ?      ? ?    'X-RAY DIFFRACTION' ? 
r_nbd_refined                0.225  0.200  ? 298  'X-RAY DIFFRACTION' ? 
r_nbd_other                  ?      ?      ? ?    'X-RAY DIFFRACTION' ? 
r_nbtor_refined              0.301  0.200  ? 547  'X-RAY DIFFRACTION' ? 
r_nbtor_other                ?      ?      ? ?    'X-RAY DIFFRACTION' ? 
r_xyhbond_nbd_refined        0.163  0.200  ? 81   'X-RAY DIFFRACTION' ? 
r_xyhbond_nbd_other          ?      ?      ? ?    'X-RAY DIFFRACTION' ? 
r_metal_ion_refined          ?      ?      ? ?    'X-RAY DIFFRACTION' ? 
r_metal_ion_other            ?      ?      ? ?    'X-RAY DIFFRACTION' ? 
r_symmetry_vdw_refined       0.223  0.200  ? 59   'X-RAY DIFFRACTION' ? 
r_symmetry_vdw_other         ?      ?      ? ?    'X-RAY DIFFRACTION' ? 
r_symmetry_hbond_refined     0.201  0.200  ? 22   'X-RAY DIFFRACTION' ? 
r_symmetry_hbond_other       ?      ?      ? ?    'X-RAY DIFFRACTION' ? 
r_symmetry_metal_ion_refined ?      ?      ? ?    'X-RAY DIFFRACTION' ? 
r_symmetry_metal_ion_other   ?      ?      ? ?    'X-RAY DIFFRACTION' ? 
r_mcbond_it                  0.904  1.500  ? 540  'X-RAY DIFFRACTION' ? 
r_mcbond_other               ?      ?      ? ?    'X-RAY DIFFRACTION' ? 
r_mcangle_it                 1.293  2.000  ? 856  'X-RAY DIFFRACTION' ? 
r_scbond_it                  2.394  3.000  ? 339  'X-RAY DIFFRACTION' ? 
r_scangle_it                 3.070  4.500  ? 289  'X-RAY DIFFRACTION' ? 
r_rigid_bond_restr           ?      ?      ? ?    'X-RAY DIFFRACTION' ? 
r_sphericity_free            ?      ?      ? ?    'X-RAY DIFFRACTION' ? 
r_sphericity_bonded          ?      ?      ? ?    'X-RAY DIFFRACTION' ? 
# 
_refine_ls_shell.pdbx_total_number_of_bins_used   20 
_refine_ls_shell.d_res_high                       1.710 
_refine_ls_shell.d_res_low                        1.756 
_refine_ls_shell.number_reflns_R_work             727 
_refine_ls_shell.R_factor_R_work                  0.235 
_refine_ls_shell.percent_reflns_obs               95.95 
_refine_ls_shell.R_factor_R_free                  0.241 
_refine_ls_shell.R_factor_R_free_error            ? 
_refine_ls_shell.percent_reflns_R_free            ? 
_refine_ls_shell.number_reflns_R_free             31 
_refine_ls_shell.number_reflns_all                ? 
_refine_ls_shell.R_factor_all                     ? 
_refine_ls_shell.number_reflns_obs                ? 
_refine_ls_shell.redundancy_reflns_obs            ? 
_refine_ls_shell.pdbx_refine_id                   'X-RAY DIFFRACTION' 
# 
_struct.entry_id                  2OYZ 
_struct.title                     
'Crystal structure of unknown function protein VPA0057 from Vibrio parahaemolyticus (targeted domain 2-94)' 
_struct.pdbx_model_details        ? 
_struct.pdbx_CASP_flag            ? 
_struct.pdbx_model_type_details   ? 
# 
_struct_keywords.entry_id        2OYZ 
_struct_keywords.pdbx_keywords   'STRUCTURAL GENOMICS, UNKNOWN FUNCTION' 
_struct_keywords.text            
;Vibrio parahaemolyticus, unknown function, Structural Genomics, PSI-2, Protein Structure Initiative, Midwest Center for Structural Genomics, MCSG
;
# 
loop_
_struct_asym.id 
_struct_asym.pdbx_blank_PDB_chainid_flag 
_struct_asym.pdbx_modified 
_struct_asym.entity_id 
_struct_asym.details 
A N N 1 ? 
B N N 2 ? 
# 
_struct_ref.id                         1 
_struct_ref.db_name                    UNP 
_struct_ref.db_code                    Y4057_VIBPA 
_struct_ref.pdbx_db_accession          Q87K41 
_struct_ref.entity_id                  1 
_struct_ref.pdbx_seq_one_letter_code   
;SIKENSYFAGGVKSLGFNQHGQDVSVGVMLPGEYTFGTQAPERMTVVKGALVVKRVGEADWTTYSSGESFDVEGNSSFEL
QVKDATAYLCEYL
;
_struct_ref.pdbx_align_begin           2 
_struct_ref.pdbx_db_isoform            ? 
# 
_struct_ref_seq.align_id                      1 
_struct_ref_seq.ref_id                        1 
_struct_ref_seq.pdbx_PDB_id_code              2OYZ 
_struct_ref_seq.pdbx_strand_id                A 
_struct_ref_seq.seq_align_beg                 2 
_struct_ref_seq.pdbx_seq_align_beg_ins_code   ? 
_struct_ref_seq.seq_align_end                 94 
_struct_ref_seq.pdbx_seq_align_end_ins_code   ? 
_struct_ref_seq.pdbx_db_accession             Q87K41 
_struct_ref_seq.db_align_beg                  2 
_struct_ref_seq.pdbx_db_align_beg_ins_code    ? 
_struct_ref_seq.db_align_end                  94 
_struct_ref_seq.pdbx_db_align_end_ins_code    ? 
_struct_ref_seq.pdbx_auth_seq_align_beg       2 
_struct_ref_seq.pdbx_auth_seq_align_end       94 
# 
loop_
_struct_ref_seq_dif.align_id 
_struct_ref_seq_dif.pdbx_pdb_id_code 
_struct_ref_seq_dif.mon_id 
_struct_ref_seq_dif.pdbx_pdb_strand_id 
_struct_ref_seq_dif.seq_num 
_struct_ref_seq_dif.pdbx_pdb_ins_code 
_struct_ref_seq_dif.pdbx_seq_db_name 
_struct_ref_seq_dif.pdbx_seq_db_accession_code 
_struct_ref_seq_dif.db_mon_id 
_struct_ref_seq_dif.pdbx_seq_db_seq_num 
_struct_ref_seq_dif.details 
_struct_ref_seq_dif.pdbx_auth_seq_num 
_struct_ref_seq_dif.pdbx_ordinal 
1 2OYZ ALA A 1  ? UNP Q87K41 ?   ?  'cloning artifact' 1  1 
1 2OYZ MSE A 30 ? UNP Q87K41 MET 30 'modified residue' 30 2 
1 2OYZ MSE A 45 ? UNP Q87K41 MET 45 'modified residue' 45 3 
# 
_pdbx_struct_assembly.id                   1 
_pdbx_struct_assembly.details              author_defined_assembly 
_pdbx_struct_assembly.method_details       ? 
_pdbx_struct_assembly.oligomeric_details   dimeric 
_pdbx_struct_assembly.oligomeric_count     2 
# 
_pdbx_struct_assembly_gen.assembly_id       1 
_pdbx_struct_assembly_gen.oper_expression   1,2 
_pdbx_struct_assembly_gen.asym_id_list      A,B 
# 
loop_
_pdbx_struct_oper_list.id 
_pdbx_struct_oper_list.type 
_pdbx_struct_oper_list.name 
_pdbx_struct_oper_list.symmetry_operation 
_pdbx_struct_oper_list.matrix[1][1] 
_pdbx_struct_oper_list.matrix[1][2] 
_pdbx_struct_oper_list.matrix[1][3] 
_pdbx_struct_oper_list.vector[1] 
_pdbx_struct_oper_list.matrix[2][1] 
_pdbx_struct_oper_list.matrix[2][2] 
_pdbx_struct_oper_list.matrix[2][3] 
_pdbx_struct_oper_list.vector[2] 
_pdbx_struct_oper_list.matrix[3][1] 
_pdbx_struct_oper_list.matrix[3][2] 
_pdbx_struct_oper_list.matrix[3][3] 
_pdbx_struct_oper_list.vector[3] 
1 'identity operation'         1_555 x,y,z   1.0000000000  0.0000000000 0.0000000000  0.0000000000   0.0000000000 1.0000000000 0.0000000000  0.0000000000 0.0000000000  0.0000000000  1.0000000000  0.0000000000   
2 'crystal symmetry operation' 5_555 -x,y,-z -0.7451356610 0.5778648535 -0.3329340140 -17.9210843508 0.5778648535 0.3102177822 -0.7548755783 0.7483832260 -0.3329340140 -0.7548755783 -0.5650821212 -12.4198212829 
# 
_struct_biol.id        1 
_struct_biol.details   'probable dimer with operator (x,y,z) and (-x,y,-z)' 
# 
_struct_conf.conf_type_id            HELX_P 
_struct_conf.id                      HELX_P1 
_struct_conf.pdbx_PDB_helix_id       1 
_struct_conf.beg_label_comp_id       PHE 
_struct_conf.beg_label_asym_id       A 
_struct_conf.beg_label_seq_id        9 
_struct_conf.pdbx_beg_PDB_ins_code   ? 
_struct_conf.end_label_comp_id       GLY 
_struct_conf.end_label_asym_id       A 
_struct_conf.end_label_seq_id        11 
_struct_conf.pdbx_end_PDB_ins_code   ? 
_struct_conf.beg_auth_comp_id        PHE 
_struct_conf.beg_auth_asym_id        A 
_struct_conf.beg_auth_seq_id         9 
_struct_conf.end_auth_comp_id        GLY 
_struct_conf.end_auth_asym_id        A 
_struct_conf.end_auth_seq_id         11 
_struct_conf.pdbx_PDB_helix_class    5 
_struct_conf.details                 ? 
_struct_conf.pdbx_PDB_helix_length   3 
# 
_struct_conf_type.id          HELX_P 
_struct_conf_type.criteria    ? 
_struct_conf_type.reference   ? 
# 
loop_
_struct_conn.id 
_struct_conn.conn_type_id 
_struct_conn.pdbx_leaving_atom_flag 
_struct_conn.pdbx_PDB_id 
_struct_conn.ptnr1_label_asym_id 
_struct_conn.ptnr1_label_comp_id 
_struct_conn.ptnr1_label_seq_id 
_struct_conn.ptnr1_label_atom_id 
_struct_conn.pdbx_ptnr1_label_alt_id 
_struct_conn.pdbx_ptnr1_PDB_ins_code 
_struct_conn.pdbx_ptnr1_standard_comp_id 
_struct_conn.ptnr1_symmetry 
_struct_conn.ptnr2_label_asym_id 
_struct_conn.ptnr2_label_comp_id 
_struct_conn.ptnr2_label_seq_id 
_struct_conn.ptnr2_label_atom_id 
_struct_conn.pdbx_ptnr2_label_alt_id 
_struct_conn.pdbx_ptnr2_PDB_ins_code 
_struct_conn.ptnr1_auth_asym_id 
_struct_conn.ptnr1_auth_comp_id 
_struct_conn.ptnr1_auth_seq_id 
_struct_conn.ptnr2_auth_asym_id 
_struct_conn.ptnr2_auth_comp_id 
_struct_conn.ptnr2_auth_seq_id 
_struct_conn.ptnr2_symmetry 
_struct_conn.pdbx_ptnr3_label_atom_id 
_struct_conn.pdbx_ptnr3_label_seq_id 
_struct_conn.pdbx_ptnr3_label_comp_id 
_struct_conn.pdbx_ptnr3_label_asym_id 
_struct_conn.pdbx_ptnr3_label_alt_id 
_struct_conn.pdbx_ptnr3_PDB_ins_code 
_struct_conn.details 
_struct_conn.pdbx_dist_value 
_struct_conn.pdbx_value_order 
_struct_conn.pdbx_role 
covale1 covale both ? A VAL 29 C ? ? ? 1_555 A MSE 30 N ? ? A VAL 29 A MSE 30 1_555 ? ? ? ? ? ? ? 1.326 ? ? 
covale2 covale both ? A MSE 30 C ? ? ? 1_555 A LEU 31 N ? ? A MSE 30 A LEU 31 1_555 ? ? ? ? ? ? ? 1.324 ? ? 
covale3 covale both ? A ARG 44 C ? ? ? 1_555 A MSE 45 N ? ? A ARG 44 A MSE 45 1_555 ? ? ? ? ? ? ? 1.327 ? ? 
covale4 covale both ? A MSE 45 C ? ? ? 1_555 A THR 46 N ? ? A MSE 45 A THR 46 1_555 ? ? ? ? ? ? ? 1.320 ? ? 
# 
_struct_conn_type.id          covale 
_struct_conn_type.criteria    ? 
_struct_conn_type.reference   ? 
# 
loop_
_pdbx_modification_feature.ordinal 
_pdbx_modification_feature.label_comp_id 
_pdbx_modification_feature.label_asym_id 
_pdbx_modification_feature.label_seq_id 
_pdbx_modification_feature.label_alt_id 
_pdbx_modification_feature.modified_residue_label_comp_id 
_pdbx_modification_feature.modified_residue_label_asym_id 
_pdbx_modification_feature.modified_residue_label_seq_id 
_pdbx_modification_feature.modified_residue_label_alt_id 
_pdbx_modification_feature.auth_comp_id 
_pdbx_modification_feature.auth_asym_id 
_pdbx_modification_feature.auth_seq_id 
_pdbx_modification_feature.PDB_ins_code 
_pdbx_modification_feature.symmetry 
_pdbx_modification_feature.modified_residue_auth_comp_id 
_pdbx_modification_feature.modified_residue_auth_asym_id 
_pdbx_modification_feature.modified_residue_auth_seq_id 
_pdbx_modification_feature.modified_residue_PDB_ins_code 
_pdbx_modification_feature.modified_residue_symmetry 
_pdbx_modification_feature.comp_id_linking_atom 
_pdbx_modification_feature.modified_residue_id_linking_atom 
_pdbx_modification_feature.modified_residue_id 
_pdbx_modification_feature.ref_pcm_id 
_pdbx_modification_feature.ref_comp_id 
_pdbx_modification_feature.type 
_pdbx_modification_feature.category 
1 MSE A 30 ? . . . . MSE A 30 ? 1_555 . . . . . . . MET 1 MSE Selenomethionine 'Named protein modification' 
2 MSE A 45 ? . . . . MSE A 45 ? 1_555 . . . . . . . MET 1 MSE Selenomethionine 'Named protein modification' 
# 
loop_
_struct_sheet.id 
_struct_sheet.type 
_struct_sheet.number_strands 
_struct_sheet.details 
A ? 6 ? 
B ? 4 ? 
# 
loop_
_struct_sheet_order.sheet_id 
_struct_sheet_order.range_id_1 
_struct_sheet_order.range_id_2 
_struct_sheet_order.offset 
_struct_sheet_order.sense 
A 1 2 ? anti-parallel 
A 2 3 ? anti-parallel 
A 3 4 ? anti-parallel 
A 4 5 ? anti-parallel 
A 5 6 ? anti-parallel 
B 1 2 ? anti-parallel 
B 2 3 ? anti-parallel 
B 3 4 ? anti-parallel 
# 
loop_
_struct_sheet_range.sheet_id 
_struct_sheet_range.id 
_struct_sheet_range.beg_label_comp_id 
_struct_sheet_range.beg_label_asym_id 
_struct_sheet_range.beg_label_seq_id 
_struct_sheet_range.pdbx_beg_PDB_ins_code 
_struct_sheet_range.end_label_comp_id 
_struct_sheet_range.end_label_asym_id 
_struct_sheet_range.end_label_seq_id 
_struct_sheet_range.pdbx_end_PDB_ins_code 
_struct_sheet_range.beg_auth_comp_id 
_struct_sheet_range.beg_auth_asym_id 
_struct_sheet_range.beg_auth_seq_id 
_struct_sheet_range.end_auth_comp_id 
_struct_sheet_range.end_auth_asym_id 
_struct_sheet_range.end_auth_seq_id 
A 1 LYS A 4  ? TYR A 8  ? LYS A 4  TYR A 8  
A 2 VAL A 13 ? GLN A 20 ? VAL A 13 GLN A 20 
A 3 GLN A 23 ? MSE A 30 ? GLN A 23 MSE A 30 
A 4 THR A 87 ? GLU A 92 ? THR A 87 GLU A 92 
A 5 GLU A 43 ? LYS A 49 ? GLU A 43 LYS A 49 
A 6 SER A 70 ? VAL A 73 ? SER A 70 VAL A 73 
B 1 GLY A 33 ? THR A 39 ? GLY A 33 THR A 39 
B 2 SER A 77 ? VAL A 83 ? SER A 77 VAL A 83 
B 3 ALA A 51 ? ARG A 56 ? ALA A 51 ARG A 56 
B 4 THR A 63 ? SER A 66 ? THR A 63 SER A 66 
# 
loop_
_pdbx_struct_sheet_hbond.sheet_id 
_pdbx_struct_sheet_hbond.range_id_1 
_pdbx_struct_sheet_hbond.range_id_2 
_pdbx_struct_sheet_hbond.range_1_label_atom_id 
_pdbx_struct_sheet_hbond.range_1_label_comp_id 
_pdbx_struct_sheet_hbond.range_1_label_asym_id 
_pdbx_struct_sheet_hbond.range_1_label_seq_id 
_pdbx_struct_sheet_hbond.range_1_PDB_ins_code 
_pdbx_struct_sheet_hbond.range_1_auth_atom_id 
_pdbx_struct_sheet_hbond.range_1_auth_comp_id 
_pdbx_struct_sheet_hbond.range_1_auth_asym_id 
_pdbx_struct_sheet_hbond.range_1_auth_seq_id 
_pdbx_struct_sheet_hbond.range_2_label_atom_id 
_pdbx_struct_sheet_hbond.range_2_label_comp_id 
_pdbx_struct_sheet_hbond.range_2_label_asym_id 
_pdbx_struct_sheet_hbond.range_2_label_seq_id 
_pdbx_struct_sheet_hbond.range_2_PDB_ins_code 
_pdbx_struct_sheet_hbond.range_2_auth_atom_id 
_pdbx_struct_sheet_hbond.range_2_auth_comp_id 
_pdbx_struct_sheet_hbond.range_2_auth_asym_id 
_pdbx_struct_sheet_hbond.range_2_auth_seq_id 
A 1 2 N TYR A 8  ? N TYR A 8  O VAL A 13 ? O VAL A 13 
A 2 3 N LEU A 16 ? N LEU A 16 O VAL A 27 ? O VAL A 27 
A 3 4 N SER A 26 ? N SER A 26 O CYS A 91 ? O CYS A 91 
A 4 5 O LEU A 90 ? O LEU A 90 N THR A 46 ? N THR A 46 
A 5 6 N MSE A 45 ? N MSE A 45 O PHE A 71 ? O PHE A 71 
B 1 2 N THR A 39 ? N THR A 39 O SER A 77 ? O SER A 77 
B 2 3 O GLU A 80 ? O GLU A 80 N LYS A 55 ? N LYS A 55 
B 3 4 N VAL A 54 ? N VAL A 54 O THR A 63 ? O THR A 63 
# 
_pdbx_entry_details.entry_id                   2OYZ 
_pdbx_entry_details.compound_details           ? 
_pdbx_entry_details.source_details             ? 
_pdbx_entry_details.nonpolymer_details         ? 
_pdbx_entry_details.sequence_details           ? 
_pdbx_entry_details.has_ligand_of_interest     ? 
_pdbx_entry_details.has_protein_modification   Y 
# 
_pdbx_validate_close_contact.id               1 
_pdbx_validate_close_contact.PDB_model_num    1 
_pdbx_validate_close_contact.auth_atom_id_1   O 
_pdbx_validate_close_contact.auth_asym_id_1   A 
_pdbx_validate_close_contact.auth_comp_id_1   GLY 
_pdbx_validate_close_contact.auth_seq_id_1    38 
_pdbx_validate_close_contact.PDB_ins_code_1   ? 
_pdbx_validate_close_contact.label_alt_id_1   ? 
_pdbx_validate_close_contact.auth_atom_id_2   O 
_pdbx_validate_close_contact.auth_asym_id_2   A 
_pdbx_validate_close_contact.auth_comp_id_2   HOH 
_pdbx_validate_close_contact.auth_seq_id_2    176 
_pdbx_validate_close_contact.PDB_ins_code_2   ? 
_pdbx_validate_close_contact.label_alt_id_2   ? 
_pdbx_validate_close_contact.dist             2.17 
# 
loop_
_pdbx_validate_torsion.id 
_pdbx_validate_torsion.PDB_model_num 
_pdbx_validate_torsion.auth_comp_id 
_pdbx_validate_torsion.auth_asym_id 
_pdbx_validate_torsion.auth_seq_id 
_pdbx_validate_torsion.PDB_ins_code 
_pdbx_validate_torsion.label_alt_id 
_pdbx_validate_torsion.phi 
_pdbx_validate_torsion.psi 
1 1 HIS A 21 ? B 57.21   -110.77 
2 1 GLN A 40 ? ? -109.95 -81.13  
3 1 GLN A 40 ? ? -111.51 -79.04  
4 1 GLU A 74 ? A -47.69  161.06  
# 
_pdbx_validate_peptide_omega.id               1 
_pdbx_validate_peptide_omega.PDB_model_num    1 
_pdbx_validate_peptide_omega.auth_comp_id_1   TYR 
_pdbx_validate_peptide_omega.auth_asym_id_1   A 
_pdbx_validate_peptide_omega.auth_seq_id_1    93 
_pdbx_validate_peptide_omega.PDB_ins_code_1   ? 
_pdbx_validate_peptide_omega.label_alt_id_1   ? 
_pdbx_validate_peptide_omega.auth_comp_id_2   LEU 
_pdbx_validate_peptide_omega.auth_asym_id_2   A 
_pdbx_validate_peptide_omega.auth_seq_id_2    94 
_pdbx_validate_peptide_omega.PDB_ins_code_2   ? 
_pdbx_validate_peptide_omega.label_alt_id_2   ? 
_pdbx_validate_peptide_omega.omega            143.59 
# 
_pdbx_SG_project.id                    1 
_pdbx_SG_project.project_name          'PSI, Protein Structure Initiative' 
_pdbx_SG_project.full_name_of_center   'Midwest Center for Structural Genomics' 
_pdbx_SG_project.initial_of_center     MCSG 
# 
loop_
_pdbx_struct_mod_residue.id 
_pdbx_struct_mod_residue.label_asym_id 
_pdbx_struct_mod_residue.label_comp_id 
_pdbx_struct_mod_residue.label_seq_id 
_pdbx_struct_mod_residue.auth_asym_id 
_pdbx_struct_mod_residue.auth_comp_id 
_pdbx_struct_mod_residue.auth_seq_id 
_pdbx_struct_mod_residue.PDB_ins_code 
_pdbx_struct_mod_residue.parent_comp_id 
_pdbx_struct_mod_residue.details 
1 A MSE 30 A MSE 30 ? MET SELENOMETHIONINE 
2 A MSE 45 A MSE 45 ? MET SELENOMETHIONINE 
# 
_pdbx_struct_special_symmetry.id              1 
_pdbx_struct_special_symmetry.PDB_model_num   1 
_pdbx_struct_special_symmetry.auth_asym_id    A 
_pdbx_struct_special_symmetry.auth_comp_id    HOH 
_pdbx_struct_special_symmetry.auth_seq_id     95 
_pdbx_struct_special_symmetry.PDB_ins_code    ? 
_pdbx_struct_special_symmetry.label_asym_id   B 
_pdbx_struct_special_symmetry.label_comp_id   HOH 
_pdbx_struct_special_symmetry.label_seq_id    . 
# 
loop_
_pdbx_refine_tls.id 
_pdbx_refine_tls.details 
_pdbx_refine_tls.method 
_pdbx_refine_tls.origin_x 
_pdbx_refine_tls.origin_y 
_pdbx_refine_tls.origin_z 
_pdbx_refine_tls.T[1][1] 
_pdbx_refine_tls.T[2][2] 
_pdbx_refine_tls.T[3][3] 
_pdbx_refine_tls.T[1][2] 
_pdbx_refine_tls.T[1][3] 
_pdbx_refine_tls.T[2][3] 
_pdbx_refine_tls.L[1][1] 
_pdbx_refine_tls.L[2][2] 
_pdbx_refine_tls.L[3][3] 
_pdbx_refine_tls.L[1][2] 
_pdbx_refine_tls.L[1][3] 
_pdbx_refine_tls.L[2][3] 
_pdbx_refine_tls.S[1][1] 
_pdbx_refine_tls.S[1][2] 
_pdbx_refine_tls.S[1][3] 
_pdbx_refine_tls.S[2][1] 
_pdbx_refine_tls.S[2][2] 
_pdbx_refine_tls.S[2][3] 
_pdbx_refine_tls.S[3][1] 
_pdbx_refine_tls.S[3][2] 
_pdbx_refine_tls.S[3][3] 
_pdbx_refine_tls.pdbx_refine_id 
1 ? refined -5.9484 -6.8308 -2.6698 -0.0223 -0.0620 -0.0589 0.0238 0.0214  0.0145  3.6827 3.2153 3.4193 -2.3440 -0.2611 2.1468  0.0516  -0.1689 -0.1457 0.2069  0.0297  0.0020  0.3583  0.0342 -0.0813 'X-RAY DIFFRACTION' 
2 ? refined 3.5130  5.0018  6.1756  -0.0415 -0.0526 -0.0089 0.0327 -0.0362 -0.0426 2.6883 2.3693 2.5447 -0.9605 0.6925  -0.4432 -0.1601 -0.1272 0.1572  0.1817  -0.0404 -0.2895 -0.1419 0.0544 0.2005  'X-RAY DIFFRACTION' 
3 ? refined 0.9781  2.5226  -3.2592 -0.0685 -0.0538 -0.0388 0.0433 0.0113  0.0014  3.4413 2.9524 4.2355 -0.6380 1.6106  -0.2090 -0.0114 0.2078  0.0748  -0.1180 -0.1263 -0.2830 0.0294  0.1533 0.1378  'X-RAY DIFFRACTION' 
# 
loop_
_pdbx_refine_tls_group.id 
_pdbx_refine_tls_group.refine_tls_id 
_pdbx_refine_tls_group.beg_auth_asym_id 
_pdbx_refine_tls_group.beg_auth_seq_id 
_pdbx_refine_tls_group.beg_label_asym_id 
_pdbx_refine_tls_group.beg_label_seq_id 
_pdbx_refine_tls_group.end_auth_asym_id 
_pdbx_refine_tls_group.end_auth_seq_id 
_pdbx_refine_tls_group.end_label_asym_id 
_pdbx_refine_tls_group.end_label_seq_id 
_pdbx_refine_tls_group.selection 
_pdbx_refine_tls_group.pdbx_refine_id 
_pdbx_refine_tls_group.selection_details 
1 1 A 1  A 1  A 32 A 32 ? 'X-RAY DIFFRACTION' ? 
2 2 A 33 A 33 A 40 A 40 ? 'X-RAY DIFFRACTION' ? 
3 2 A 50 A 50 A 67 A 67 ? 'X-RAY DIFFRACTION' ? 
4 2 A 76 A 76 A 84 A 84 ? 'X-RAY DIFFRACTION' ? 
5 3 A 41 A 41 A 49 A 49 ? 'X-RAY DIFFRACTION' ? 
6 3 A 68 A 68 A 75 A 75 ? 'X-RAY DIFFRACTION' ? 
7 3 A 85 A 85 A 94 A 94 ? 'X-RAY DIFFRACTION' ? 
# 
loop_
_chem_comp_atom.comp_id 
_chem_comp_atom.atom_id 
_chem_comp_atom.type_symbol 
_chem_comp_atom.pdbx_aromatic_flag 
_chem_comp_atom.pdbx_stereo_config 
_chem_comp_atom.pdbx_ordinal 
ALA N    N  N N 1   
ALA CA   C  N S 2   
ALA C    C  N N 3   
ALA O    O  N N 4   
ALA CB   C  N N 5   
ALA OXT  O  N N 6   
ALA H    H  N N 7   
ALA H2   H  N N 8   
ALA HA   H  N N 9   
ALA HB1  H  N N 10  
ALA HB2  H  N N 11  
ALA HB3  H  N N 12  
ALA HXT  H  N N 13  
ARG N    N  N N 14  
ARG CA   C  N S 15  
ARG C    C  N N 16  
ARG O    O  N N 17  
ARG CB   C  N N 18  
ARG CG   C  N N 19  
ARG CD   C  N N 20  
ARG NE   N  N N 21  
ARG CZ   C  N N 22  
ARG NH1  N  N N 23  
ARG NH2  N  N N 24  
ARG OXT  O  N N 25  
ARG H    H  N N 26  
ARG H2   H  N N 27  
ARG HA   H  N N 28  
ARG HB2  H  N N 29  
ARG HB3  H  N N 30  
ARG HG2  H  N N 31  
ARG HG3  H  N N 32  
ARG HD2  H  N N 33  
ARG HD3  H  N N 34  
ARG HE   H  N N 35  
ARG HH11 H  N N 36  
ARG HH12 H  N N 37  
ARG HH21 H  N N 38  
ARG HH22 H  N N 39  
ARG HXT  H  N N 40  
ASN N    N  N N 41  
ASN CA   C  N S 42  
ASN C    C  N N 43  
ASN O    O  N N 44  
ASN CB   C  N N 45  
ASN CG   C  N N 46  
ASN OD1  O  N N 47  
ASN ND2  N  N N 48  
ASN OXT  O  N N 49  
ASN H    H  N N 50  
ASN H2   H  N N 51  
ASN HA   H  N N 52  
ASN HB2  H  N N 53  
ASN HB3  H  N N 54  
ASN HD21 H  N N 55  
ASN HD22 H  N N 56  
ASN HXT  H  N N 57  
ASP N    N  N N 58  
ASP CA   C  N S 59  
ASP C    C  N N 60  
ASP O    O  N N 61  
ASP CB   C  N N 62  
ASP CG   C  N N 63  
ASP OD1  O  N N 64  
ASP OD2  O  N N 65  
ASP OXT  O  N N 66  
ASP H    H  N N 67  
ASP H2   H  N N 68  
ASP HA   H  N N 69  
ASP HB2  H  N N 70  
ASP HB3  H  N N 71  
ASP HD2  H  N N 72  
ASP HXT  H  N N 73  
CYS N    N  N N 74  
CYS CA   C  N R 75  
CYS C    C  N N 76  
CYS O    O  N N 77  
CYS CB   C  N N 78  
CYS SG   S  N N 79  
CYS OXT  O  N N 80  
CYS H    H  N N 81  
CYS H2   H  N N 82  
CYS HA   H  N N 83  
CYS HB2  H  N N 84  
CYS HB3  H  N N 85  
CYS HG   H  N N 86  
CYS HXT  H  N N 87  
GLN N    N  N N 88  
GLN CA   C  N S 89  
GLN C    C  N N 90  
GLN O    O  N N 91  
GLN CB   C  N N 92  
GLN CG   C  N N 93  
GLN CD   C  N N 94  
GLN OE1  O  N N 95  
GLN NE2  N  N N 96  
GLN OXT  O  N N 97  
GLN H    H  N N 98  
GLN H2   H  N N 99  
GLN HA   H  N N 100 
GLN HB2  H  N N 101 
GLN HB3  H  N N 102 
GLN HG2  H  N N 103 
GLN HG3  H  N N 104 
GLN HE21 H  N N 105 
GLN HE22 H  N N 106 
GLN HXT  H  N N 107 
GLU N    N  N N 108 
GLU CA   C  N S 109 
GLU C    C  N N 110 
GLU O    O  N N 111 
GLU CB   C  N N 112 
GLU CG   C  N N 113 
GLU CD   C  N N 114 
GLU OE1  O  N N 115 
GLU OE2  O  N N 116 
GLU OXT  O  N N 117 
GLU H    H  N N 118 
GLU H2   H  N N 119 
GLU HA   H  N N 120 
GLU HB2  H  N N 121 
GLU HB3  H  N N 122 
GLU HG2  H  N N 123 
GLU HG3  H  N N 124 
GLU HE2  H  N N 125 
GLU HXT  H  N N 126 
GLY N    N  N N 127 
GLY CA   C  N N 128 
GLY C    C  N N 129 
GLY O    O  N N 130 
GLY OXT  O  N N 131 
GLY H    H  N N 132 
GLY H2   H  N N 133 
GLY HA2  H  N N 134 
GLY HA3  H  N N 135 
GLY HXT  H  N N 136 
HIS N    N  N N 137 
HIS CA   C  N S 138 
HIS C    C  N N 139 
HIS O    O  N N 140 
HIS CB   C  N N 141 
HIS CG   C  Y N 142 
HIS ND1  N  Y N 143 
HIS CD2  C  Y N 144 
HIS CE1  C  Y N 145 
HIS NE2  N  Y N 146 
HIS OXT  O  N N 147 
HIS H    H  N N 148 
HIS H2   H  N N 149 
HIS HA   H  N N 150 
HIS HB2  H  N N 151 
HIS HB3  H  N N 152 
HIS HD1  H  N N 153 
HIS HD2  H  N N 154 
HIS HE1  H  N N 155 
HIS HE2  H  N N 156 
HIS HXT  H  N N 157 
HOH O    O  N N 158 
HOH H1   H  N N 159 
HOH H2   H  N N 160 
ILE N    N  N N 161 
ILE CA   C  N S 162 
ILE C    C  N N 163 
ILE O    O  N N 164 
ILE CB   C  N S 165 
ILE CG1  C  N N 166 
ILE CG2  C  N N 167 
ILE CD1  C  N N 168 
ILE OXT  O  N N 169 
ILE H    H  N N 170 
ILE H2   H  N N 171 
ILE HA   H  N N 172 
ILE HB   H  N N 173 
ILE HG12 H  N N 174 
ILE HG13 H  N N 175 
ILE HG21 H  N N 176 
ILE HG22 H  N N 177 
ILE HG23 H  N N 178 
ILE HD11 H  N N 179 
ILE HD12 H  N N 180 
ILE HD13 H  N N 181 
ILE HXT  H  N N 182 
LEU N    N  N N 183 
LEU CA   C  N S 184 
LEU C    C  N N 185 
LEU O    O  N N 186 
LEU CB   C  N N 187 
LEU CG   C  N N 188 
LEU CD1  C  N N 189 
LEU CD2  C  N N 190 
LEU OXT  O  N N 191 
LEU H    H  N N 192 
LEU H2   H  N N 193 
LEU HA   H  N N 194 
LEU HB2  H  N N 195 
LEU HB3  H  N N 196 
LEU HG   H  N N 197 
LEU HD11 H  N N 198 
LEU HD12 H  N N 199 
LEU HD13 H  N N 200 
LEU HD21 H  N N 201 
LEU HD22 H  N N 202 
LEU HD23 H  N N 203 
LEU HXT  H  N N 204 
LYS N    N  N N 205 
LYS CA   C  N S 206 
LYS C    C  N N 207 
LYS O    O  N N 208 
LYS CB   C  N N 209 
LYS CG   C  N N 210 
LYS CD   C  N N 211 
LYS CE   C  N N 212 
LYS NZ   N  N N 213 
LYS OXT  O  N N 214 
LYS H    H  N N 215 
LYS H2   H  N N 216 
LYS HA   H  N N 217 
LYS HB2  H  N N 218 
LYS HB3  H  N N 219 
LYS HG2  H  N N 220 
LYS HG3  H  N N 221 
LYS HD2  H  N N 222 
LYS HD3  H  N N 223 
LYS HE2  H  N N 224 
LYS HE3  H  N N 225 
LYS HZ1  H  N N 226 
LYS HZ2  H  N N 227 
LYS HZ3  H  N N 228 
LYS HXT  H  N N 229 
MET N    N  N N 230 
MET CA   C  N S 231 
MET C    C  N N 232 
MET O    O  N N 233 
MET CB   C  N N 234 
MET CG   C  N N 235 
MET SD   S  N N 236 
MET CE   C  N N 237 
MET OXT  O  N N 238 
MET H    H  N N 239 
MET H2   H  N N 240 
MET HA   H  N N 241 
MET HB2  H  N N 242 
MET HB3  H  N N 243 
MET HG2  H  N N 244 
MET HG3  H  N N 245 
MET HE1  H  N N 246 
MET HE2  H  N N 247 
MET HE3  H  N N 248 
MET HXT  H  N N 249 
MSE N    N  N N 250 
MSE CA   C  N S 251 
MSE C    C  N N 252 
MSE O    O  N N 253 
MSE OXT  O  N N 254 
MSE CB   C  N N 255 
MSE CG   C  N N 256 
MSE SE   SE N N 257 
MSE CE   C  N N 258 
MSE H    H  N N 259 
MSE H2   H  N N 260 
MSE HA   H  N N 261 
MSE HXT  H  N N 262 
MSE HB2  H  N N 263 
MSE HB3  H  N N 264 
MSE HG2  H  N N 265 
MSE HG3  H  N N 266 
MSE HE1  H  N N 267 
MSE HE2  H  N N 268 
MSE HE3  H  N N 269 
PHE N    N  N N 270 
PHE CA   C  N S 271 
PHE C    C  N N 272 
PHE O    O  N N 273 
PHE CB   C  N N 274 
PHE CG   C  Y N 275 
PHE CD1  C  Y N 276 
PHE CD2  C  Y N 277 
PHE CE1  C  Y N 278 
PHE CE2  C  Y N 279 
PHE CZ   C  Y N 280 
PHE OXT  O  N N 281 
PHE H    H  N N 282 
PHE H2   H  N N 283 
PHE HA   H  N N 284 
PHE HB2  H  N N 285 
PHE HB3  H  N N 286 
PHE HD1  H  N N 287 
PHE HD2  H  N N 288 
PHE HE1  H  N N 289 
PHE HE2  H  N N 290 
PHE HZ   H  N N 291 
PHE HXT  H  N N 292 
PRO N    N  N N 293 
PRO CA   C  N S 294 
PRO C    C  N N 295 
PRO O    O  N N 296 
PRO CB   C  N N 297 
PRO CG   C  N N 298 
PRO CD   C  N N 299 
PRO OXT  O  N N 300 
PRO H    H  N N 301 
PRO HA   H  N N 302 
PRO HB2  H  N N 303 
PRO HB3  H  N N 304 
PRO HG2  H  N N 305 
PRO HG3  H  N N 306 
PRO HD2  H  N N 307 
PRO HD3  H  N N 308 
PRO HXT  H  N N 309 
SER N    N  N N 310 
SER CA   C  N S 311 
SER C    C  N N 312 
SER O    O  N N 313 
SER CB   C  N N 314 
SER OG   O  N N 315 
SER OXT  O  N N 316 
SER H    H  N N 317 
SER H2   H  N N 318 
SER HA   H  N N 319 
SER HB2  H  N N 320 
SER HB3  H  N N 321 
SER HG   H  N N 322 
SER HXT  H  N N 323 
THR N    N  N N 324 
THR CA   C  N S 325 
THR C    C  N N 326 
THR O    O  N N 327 
THR CB   C  N R 328 
THR OG1  O  N N 329 
THR CG2  C  N N 330 
THR OXT  O  N N 331 
THR H    H  N N 332 
THR H2   H  N N 333 
THR HA   H  N N 334 
THR HB   H  N N 335 
THR HG1  H  N N 336 
THR HG21 H  N N 337 
THR HG22 H  N N 338 
THR HG23 H  N N 339 
THR HXT  H  N N 340 
TRP N    N  N N 341 
TRP CA   C  N S 342 
TRP C    C  N N 343 
TRP O    O  N N 344 
TRP CB   C  N N 345 
TRP CG   C  Y N 346 
TRP CD1  C  Y N 347 
TRP CD2  C  Y N 348 
TRP NE1  N  Y N 349 
TRP CE2  C  Y N 350 
TRP CE3  C  Y N 351 
TRP CZ2  C  Y N 352 
TRP CZ3  C  Y N 353 
TRP CH2  C  Y N 354 
TRP OXT  O  N N 355 
TRP H    H  N N 356 
TRP H2   H  N N 357 
TRP HA   H  N N 358 
TRP HB2  H  N N 359 
TRP HB3  H  N N 360 
TRP HD1  H  N N 361 
TRP HE1  H  N N 362 
TRP HE3  H  N N 363 
TRP HZ2  H  N N 364 
TRP HZ3  H  N N 365 
TRP HH2  H  N N 366 
TRP HXT  H  N N 367 
TYR N    N  N N 368 
TYR CA   C  N S 369 
TYR C    C  N N 370 
TYR O    O  N N 371 
TYR CB   C  N N 372 
TYR CG   C  Y N 373 
TYR CD1  C  Y N 374 
TYR CD2  C  Y N 375 
TYR CE1  C  Y N 376 
TYR CE2  C  Y N 377 
TYR CZ   C  Y N 378 
TYR OH   O  N N 379 
TYR OXT  O  N N 380 
TYR H    H  N N 381 
TYR H2   H  N N 382 
TYR HA   H  N N 383 
TYR HB2  H  N N 384 
TYR HB3  H  N N 385 
TYR HD1  H  N N 386 
TYR HD2  H  N N 387 
TYR HE1  H  N N 388 
TYR HE2  H  N N 389 
TYR HH   H  N N 390 
TYR HXT  H  N N 391 
VAL N    N  N N 392 
VAL CA   C  N S 393 
VAL C    C  N N 394 
VAL O    O  N N 395 
VAL CB   C  N N 396 
VAL CG1  C  N N 397 
VAL CG2  C  N N 398 
VAL OXT  O  N N 399 
VAL H    H  N N 400 
VAL H2   H  N N 401 
VAL HA   H  N N 402 
VAL HB   H  N N 403 
VAL HG11 H  N N 404 
VAL HG12 H  N N 405 
VAL HG13 H  N N 406 
VAL HG21 H  N N 407 
VAL HG22 H  N N 408 
VAL HG23 H  N N 409 
VAL HXT  H  N N 410 
# 
loop_
_chem_comp_bond.comp_id 
_chem_comp_bond.atom_id_1 
_chem_comp_bond.atom_id_2 
_chem_comp_bond.value_order 
_chem_comp_bond.pdbx_aromatic_flag 
_chem_comp_bond.pdbx_stereo_config 
_chem_comp_bond.pdbx_ordinal 
ALA N   CA   sing N N 1   
ALA N   H    sing N N 2   
ALA N   H2   sing N N 3   
ALA CA  C    sing N N 4   
ALA CA  CB   sing N N 5   
ALA CA  HA   sing N N 6   
ALA C   O    doub N N 7   
ALA C   OXT  sing N N 8   
ALA CB  HB1  sing N N 9   
ALA CB  HB2  sing N N 10  
ALA CB  HB3  sing N N 11  
ALA OXT HXT  sing N N 12  
ARG N   CA   sing N N 13  
ARG N   H    sing N N 14  
ARG N   H2   sing N N 15  
ARG CA  C    sing N N 16  
ARG CA  CB   sing N N 17  
ARG CA  HA   sing N N 18  
ARG C   O    doub N N 19  
ARG C   OXT  sing N N 20  
ARG CB  CG   sing N N 21  
ARG CB  HB2  sing N N 22  
ARG CB  HB3  sing N N 23  
ARG CG  CD   sing N N 24  
ARG CG  HG2  sing N N 25  
ARG CG  HG3  sing N N 26  
ARG CD  NE   sing N N 27  
ARG CD  HD2  sing N N 28  
ARG CD  HD3  sing N N 29  
ARG NE  CZ   sing N N 30  
ARG NE  HE   sing N N 31  
ARG CZ  NH1  sing N N 32  
ARG CZ  NH2  doub N N 33  
ARG NH1 HH11 sing N N 34  
ARG NH1 HH12 sing N N 35  
ARG NH2 HH21 sing N N 36  
ARG NH2 HH22 sing N N 37  
ARG OXT HXT  sing N N 38  
ASN N   CA   sing N N 39  
ASN N   H    sing N N 40  
ASN N   H2   sing N N 41  
ASN CA  C    sing N N 42  
ASN CA  CB   sing N N 43  
ASN CA  HA   sing N N 44  
ASN C   O    doub N N 45  
ASN C   OXT  sing N N 46  
ASN CB  CG   sing N N 47  
ASN CB  HB2  sing N N 48  
ASN CB  HB3  sing N N 49  
ASN CG  OD1  doub N N 50  
ASN CG  ND2  sing N N 51  
ASN ND2 HD21 sing N N 52  
ASN ND2 HD22 sing N N 53  
ASN OXT HXT  sing N N 54  
ASP N   CA   sing N N 55  
ASP N   H    sing N N 56  
ASP N   H2   sing N N 57  
ASP CA  C    sing N N 58  
ASP CA  CB   sing N N 59  
ASP CA  HA   sing N N 60  
ASP C   O    doub N N 61  
ASP C   OXT  sing N N 62  
ASP CB  CG   sing N N 63  
ASP CB  HB2  sing N N 64  
ASP CB  HB3  sing N N 65  
ASP CG  OD1  doub N N 66  
ASP CG  OD2  sing N N 67  
ASP OD2 HD2  sing N N 68  
ASP OXT HXT  sing N N 69  
CYS N   CA   sing N N 70  
CYS N   H    sing N N 71  
CYS N   H2   sing N N 72  
CYS CA  C    sing N N 73  
CYS CA  CB   sing N N 74  
CYS CA  HA   sing N N 75  
CYS C   O    doub N N 76  
CYS C   OXT  sing N N 77  
CYS CB  SG   sing N N 78  
CYS CB  HB2  sing N N 79  
CYS CB  HB3  sing N N 80  
CYS SG  HG   sing N N 81  
CYS OXT HXT  sing N N 82  
GLN N   CA   sing N N 83  
GLN N   H    sing N N 84  
GLN N   H2   sing N N 85  
GLN CA  C    sing N N 86  
GLN CA  CB   sing N N 87  
GLN CA  HA   sing N N 88  
GLN C   O    doub N N 89  
GLN C   OXT  sing N N 90  
GLN CB  CG   sing N N 91  
GLN CB  HB2  sing N N 92  
GLN CB  HB3  sing N N 93  
GLN CG  CD   sing N N 94  
GLN CG  HG2  sing N N 95  
GLN CG  HG3  sing N N 96  
GLN CD  OE1  doub N N 97  
GLN CD  NE2  sing N N 98  
GLN NE2 HE21 sing N N 99  
GLN NE2 HE22 sing N N 100 
GLN OXT HXT  sing N N 101 
GLU N   CA   sing N N 102 
GLU N   H    sing N N 103 
GLU N   H2   sing N N 104 
GLU CA  C    sing N N 105 
GLU CA  CB   sing N N 106 
GLU CA  HA   sing N N 107 
GLU C   O    doub N N 108 
GLU C   OXT  sing N N 109 
GLU CB  CG   sing N N 110 
GLU CB  HB2  sing N N 111 
GLU CB  HB3  sing N N 112 
GLU CG  CD   sing N N 113 
GLU CG  HG2  sing N N 114 
GLU CG  HG3  sing N N 115 
GLU CD  OE1  doub N N 116 
GLU CD  OE2  sing N N 117 
GLU OE2 HE2  sing N N 118 
GLU OXT HXT  sing N N 119 
GLY N   CA   sing N N 120 
GLY N   H    sing N N 121 
GLY N   H2   sing N N 122 
GLY CA  C    sing N N 123 
GLY CA  HA2  sing N N 124 
GLY CA  HA3  sing N N 125 
GLY C   O    doub N N 126 
GLY C   OXT  sing N N 127 
GLY OXT HXT  sing N N 128 
HIS N   CA   sing N N 129 
HIS N   H    sing N N 130 
HIS N   H2   sing N N 131 
HIS CA  C    sing N N 132 
HIS CA  CB   sing N N 133 
HIS CA  HA   sing N N 134 
HIS C   O    doub N N 135 
HIS C   OXT  sing N N 136 
HIS CB  CG   sing N N 137 
HIS CB  HB2  sing N N 138 
HIS CB  HB3  sing N N 139 
HIS CG  ND1  sing Y N 140 
HIS CG  CD2  doub Y N 141 
HIS ND1 CE1  doub Y N 142 
HIS ND1 HD1  sing N N 143 
HIS CD2 NE2  sing Y N 144 
HIS CD2 HD2  sing N N 145 
HIS CE1 NE2  sing Y N 146 
HIS CE1 HE1  sing N N 147 
HIS NE2 HE2  sing N N 148 
HIS OXT HXT  sing N N 149 
HOH O   H1   sing N N 150 
HOH O   H2   sing N N 151 
ILE N   CA   sing N N 152 
ILE N   H    sing N N 153 
ILE N   H2   sing N N 154 
ILE CA  C    sing N N 155 
ILE CA  CB   sing N N 156 
ILE CA  HA   sing N N 157 
ILE C   O    doub N N 158 
ILE C   OXT  sing N N 159 
ILE CB  CG1  sing N N 160 
ILE CB  CG2  sing N N 161 
ILE CB  HB   sing N N 162 
ILE CG1 CD1  sing N N 163 
ILE CG1 HG12 sing N N 164 
ILE CG1 HG13 sing N N 165 
ILE CG2 HG21 sing N N 166 
ILE CG2 HG22 sing N N 167 
ILE CG2 HG23 sing N N 168 
ILE CD1 HD11 sing N N 169 
ILE CD1 HD12 sing N N 170 
ILE CD1 HD13 sing N N 171 
ILE OXT HXT  sing N N 172 
LEU N   CA   sing N N 173 
LEU N   H    sing N N 174 
LEU N   H2   sing N N 175 
LEU CA  C    sing N N 176 
LEU CA  CB   sing N N 177 
LEU CA  HA   sing N N 178 
LEU C   O    doub N N 179 
LEU C   OXT  sing N N 180 
LEU CB  CG   sing N N 181 
LEU CB  HB2  sing N N 182 
LEU CB  HB3  sing N N 183 
LEU CG  CD1  sing N N 184 
LEU CG  CD2  sing N N 185 
LEU CG  HG   sing N N 186 
LEU CD1 HD11 sing N N 187 
LEU CD1 HD12 sing N N 188 
LEU CD1 HD13 sing N N 189 
LEU CD2 HD21 sing N N 190 
LEU CD2 HD22 sing N N 191 
LEU CD2 HD23 sing N N 192 
LEU OXT HXT  sing N N 193 
LYS N   CA   sing N N 194 
LYS N   H    sing N N 195 
LYS N   H2   sing N N 196 
LYS CA  C    sing N N 197 
LYS CA  CB   sing N N 198 
LYS CA  HA   sing N N 199 
LYS C   O    doub N N 200 
LYS C   OXT  sing N N 201 
LYS CB  CG   sing N N 202 
LYS CB  HB2  sing N N 203 
LYS CB  HB3  sing N N 204 
LYS CG  CD   sing N N 205 
LYS CG  HG2  sing N N 206 
LYS CG  HG3  sing N N 207 
LYS CD  CE   sing N N 208 
LYS CD  HD2  sing N N 209 
LYS CD  HD3  sing N N 210 
LYS CE  NZ   sing N N 211 
LYS CE  HE2  sing N N 212 
LYS CE  HE3  sing N N 213 
LYS NZ  HZ1  sing N N 214 
LYS NZ  HZ2  sing N N 215 
LYS NZ  HZ3  sing N N 216 
LYS OXT HXT  sing N N 217 
MET N   CA   sing N N 218 
MET N   H    sing N N 219 
MET N   H2   sing N N 220 
MET CA  C    sing N N 221 
MET CA  CB   sing N N 222 
MET CA  HA   sing N N 223 
MET C   O    doub N N 224 
MET C   OXT  sing N N 225 
MET CB  CG   sing N N 226 
MET CB  HB2  sing N N 227 
MET CB  HB3  sing N N 228 
MET CG  SD   sing N N 229 
MET CG  HG2  sing N N 230 
MET CG  HG3  sing N N 231 
MET SD  CE   sing N N 232 
MET CE  HE1  sing N N 233 
MET CE  HE2  sing N N 234 
MET CE  HE3  sing N N 235 
MET OXT HXT  sing N N 236 
MSE N   CA   sing N N 237 
MSE N   H    sing N N 238 
MSE N   H2   sing N N 239 
MSE CA  C    sing N N 240 
MSE CA  CB   sing N N 241 
MSE CA  HA   sing N N 242 
MSE C   O    doub N N 243 
MSE C   OXT  sing N N 244 
MSE OXT HXT  sing N N 245 
MSE CB  CG   sing N N 246 
MSE CB  HB2  sing N N 247 
MSE CB  HB3  sing N N 248 
MSE CG  SE   sing N N 249 
MSE CG  HG2  sing N N 250 
MSE CG  HG3  sing N N 251 
MSE SE  CE   sing N N 252 
MSE CE  HE1  sing N N 253 
MSE CE  HE2  sing N N 254 
MSE CE  HE3  sing N N 255 
PHE N   CA   sing N N 256 
PHE N   H    sing N N 257 
PHE N   H2   sing N N 258 
PHE CA  C    sing N N 259 
PHE CA  CB   sing N N 260 
PHE CA  HA   sing N N 261 
PHE C   O    doub N N 262 
PHE C   OXT  sing N N 263 
PHE CB  CG   sing N N 264 
PHE CB  HB2  sing N N 265 
PHE CB  HB3  sing N N 266 
PHE CG  CD1  doub Y N 267 
PHE CG  CD2  sing Y N 268 
PHE CD1 CE1  sing Y N 269 
PHE CD1 HD1  sing N N 270 
PHE CD2 CE2  doub Y N 271 
PHE CD2 HD2  sing N N 272 
PHE CE1 CZ   doub Y N 273 
PHE CE1 HE1  sing N N 274 
PHE CE2 CZ   sing Y N 275 
PHE CE2 HE2  sing N N 276 
PHE CZ  HZ   sing N N 277 
PHE OXT HXT  sing N N 278 
PRO N   CA   sing N N 279 
PRO N   CD   sing N N 280 
PRO N   H    sing N N 281 
PRO CA  C    sing N N 282 
PRO CA  CB   sing N N 283 
PRO CA  HA   sing N N 284 
PRO C   O    doub N N 285 
PRO C   OXT  sing N N 286 
PRO CB  CG   sing N N 287 
PRO CB  HB2  sing N N 288 
PRO CB  HB3  sing N N 289 
PRO CG  CD   sing N N 290 
PRO CG  HG2  sing N N 291 
PRO CG  HG3  sing N N 292 
PRO CD  HD2  sing N N 293 
PRO CD  HD3  sing N N 294 
PRO OXT HXT  sing N N 295 
SER N   CA   sing N N 296 
SER N   H    sing N N 297 
SER N   H2   sing N N 298 
SER CA  C    sing N N 299 
SER CA  CB   sing N N 300 
SER CA  HA   sing N N 301 
SER C   O    doub N N 302 
SER C   OXT  sing N N 303 
SER CB  OG   sing N N 304 
SER CB  HB2  sing N N 305 
SER CB  HB3  sing N N 306 
SER OG  HG   sing N N 307 
SER OXT HXT  sing N N 308 
THR N   CA   sing N N 309 
THR N   H    sing N N 310 
THR N   H2   sing N N 311 
THR CA  C    sing N N 312 
THR CA  CB   sing N N 313 
THR CA  HA   sing N N 314 
THR C   O    doub N N 315 
THR C   OXT  sing N N 316 
THR CB  OG1  sing N N 317 
THR CB  CG2  sing N N 318 
THR CB  HB   sing N N 319 
THR OG1 HG1  sing N N 320 
THR CG2 HG21 sing N N 321 
THR CG2 HG22 sing N N 322 
THR CG2 HG23 sing N N 323 
THR OXT HXT  sing N N 324 
TRP N   CA   sing N N 325 
TRP N   H    sing N N 326 
TRP N   H2   sing N N 327 
TRP CA  C    sing N N 328 
TRP CA  CB   sing N N 329 
TRP CA  HA   sing N N 330 
TRP C   O    doub N N 331 
TRP C   OXT  sing N N 332 
TRP CB  CG   sing N N 333 
TRP CB  HB2  sing N N 334 
TRP CB  HB3  sing N N 335 
TRP CG  CD1  doub Y N 336 
TRP CG  CD2  sing Y N 337 
TRP CD1 NE1  sing Y N 338 
TRP CD1 HD1  sing N N 339 
TRP CD2 CE2  doub Y N 340 
TRP CD2 CE3  sing Y N 341 
TRP NE1 CE2  sing Y N 342 
TRP NE1 HE1  sing N N 343 
TRP CE2 CZ2  sing Y N 344 
TRP CE3 CZ3  doub Y N 345 
TRP CE3 HE3  sing N N 346 
TRP CZ2 CH2  doub Y N 347 
TRP CZ2 HZ2  sing N N 348 
TRP CZ3 CH2  sing Y N 349 
TRP CZ3 HZ3  sing N N 350 
TRP CH2 HH2  sing N N 351 
TRP OXT HXT  sing N N 352 
TYR N   CA   sing N N 353 
TYR N   H    sing N N 354 
TYR N   H2   sing N N 355 
TYR CA  C    sing N N 356 
TYR CA  CB   sing N N 357 
TYR CA  HA   sing N N 358 
TYR C   O    doub N N 359 
TYR C   OXT  sing N N 360 
TYR CB  CG   sing N N 361 
TYR CB  HB2  sing N N 362 
TYR CB  HB3  sing N N 363 
TYR CG  CD1  doub Y N 364 
TYR CG  CD2  sing Y N 365 
TYR CD1 CE1  sing Y N 366 
TYR CD1 HD1  sing N N 367 
TYR CD2 CE2  doub Y N 368 
TYR CD2 HD2  sing N N 369 
TYR CE1 CZ   doub Y N 370 
TYR CE1 HE1  sing N N 371 
TYR CE2 CZ   sing Y N 372 
TYR CE2 HE2  sing N N 373 
TYR CZ  OH   sing N N 374 
TYR OH  HH   sing N N 375 
TYR OXT HXT  sing N N 376 
VAL N   CA   sing N N 377 
VAL N   H    sing N N 378 
VAL N   H2   sing N N 379 
VAL CA  C    sing N N 380 
VAL CA  CB   sing N N 381 
VAL CA  HA   sing N N 382 
VAL C   O    doub N N 383 
VAL C   OXT  sing N N 384 
VAL CB  CG1  sing N N 385 
VAL CB  CG2  sing N N 386 
VAL CB  HB   sing N N 387 
VAL CG1 HG11 sing N N 388 
VAL CG1 HG12 sing N N 389 
VAL CG1 HG13 sing N N 390 
VAL CG2 HG21 sing N N 391 
VAL CG2 HG22 sing N N 392 
VAL CG2 HG23 sing N N 393 
VAL OXT HXT  sing N N 394 
# 
_atom_sites.entry_id                    2OYZ 
_atom_sites.fract_transf_matrix[1][1]   0.00692189 
_atom_sites.fract_transf_matrix[1][2]   -0.01515362 
_atom_sites.fract_transf_matrix[1][3]   -0.02100296 
_atom_sites.fract_transf_matrix[2][1]   0.00956982 
_atom_sites.fract_transf_matrix[2][2]   0.02169807 
_atom_sites.fract_transf_matrix[2][3]   -0.01250124 
_atom_sites.fract_transf_matrix[3][1]   0.00662247 
_atom_sites.fract_transf_matrix[3][2]   -0.00117493 
_atom_sites.fract_transf_matrix[3][3]   0.00303027 
_atom_sites.fract_transf_vector[1]      -0.062732 
_atom_sites.fract_transf_vector[2]      0.289304 
_atom_sites.fract_transf_vector[3]      0.078598 
# 
loop_
_atom_type.symbol 
C  
N  
O  
S  
SE 
# 
loop_
_atom_site.group_PDB 
_atom_site.id 
_atom_site.type_symbol 
_atom_site.label_atom_id 
_atom_site.label_alt_id 
_atom_site.label_comp_id 
_atom_site.label_asym_id 
_atom_site.label_entity_id 
_atom_site.label_seq_id 
_atom_site.pdbx_PDB_ins_code 
_atom_site.Cartn_x 
_atom_site.Cartn_y 
_atom_site.Cartn_z 
_atom_site.occupancy 
_atom_site.B_iso_or_equiv 
_atom_site.pdbx_formal_charge 
_atom_site.auth_seq_id 
_atom_site.auth_comp_id 
_atom_site.auth_asym_id 
_atom_site.auth_atom_id 
_atom_site.pdbx_PDB_model_num 
ATOM   1   N  N   . ALA A 1 1  ? -5.622  -16.412 -13.163 1.00 29.90 ? 1   ALA A N   1 
ATOM   2   C  CA  . ALA A 1 1  ? -6.581  -15.425 -13.727 1.00 29.35 ? 1   ALA A CA  1 
ATOM   3   C  C   . ALA A 1 1  ? -7.804  -15.259 -12.819 1.00 29.36 ? 1   ALA A C   1 
ATOM   4   O  O   . ALA A 1 1  ? -8.925  -15.058 -13.315 1.00 29.97 ? 1   ALA A O   1 
ATOM   5   C  CB  . ALA A 1 1  ? -6.997  -15.844 -15.159 1.00 30.76 ? 1   ALA A CB  1 
ATOM   6   N  N   . SER A 1 2  ? -7.579  -15.286 -11.497 1.00 28.08 ? 2   SER A N   1 
ATOM   7   C  CA  . SER A 1 2  ? -8.638  -15.074 -10.485 1.00 26.60 ? 2   SER A CA  1 
ATOM   8   C  C   . SER A 1 2  ? -8.385  -13.824 -9.617  1.00 25.37 ? 2   SER A C   1 
ATOM   9   O  O   . SER A 1 2  ? -7.311  -13.217 -9.704  1.00 24.93 ? 2   SER A O   1 
ATOM   10  C  CB  . SER A 1 2  ? -8.751  -16.296 -9.584  1.00 27.38 ? 2   SER A CB  1 
ATOM   11  O  OG  . SER A 1 2  ? -7.494  -16.580 -8.987  1.00 30.46 ? 2   SER A OG  1 
ATOM   12  N  N   . ILE A 1 3  ? -9.379  -13.452 -8.804  1.00 23.37 ? 3   ILE A N   1 
ATOM   13  C  CA  . ILE A 1 3  ? -9.265  -12.287 -7.880  1.00 22.29 ? 3   ILE A CA  1 
ATOM   14  C  C   . ILE A 1 3  ? -9.163  -12.741 -6.426  1.00 22.97 ? 3   ILE A C   1 
ATOM   15  O  O   . ILE A 1 3  ? -10.126 -13.283 -5.825  1.00 23.23 ? 3   ILE A O   1 
ATOM   16  C  CB  . ILE A 1 3  ? -10.449 -11.308 -7.997  1.00 21.06 ? 3   ILE A CB  1 
ATOM   17  C  CG1 . ILE A 1 3  ? -10.691 -10.875 -9.444  1.00 21.66 ? 3   ILE A CG1 1 
ATOM   18  C  CG2 . ILE A 1 3  ? -10.233 -10.089 -7.071  1.00 21.80 ? 3   ILE A CG2 1 
ATOM   19  C  CD1 . ILE A 1 3  ? -12.071 -10.213 -9.667  1.00 21.57 ? 3   ILE A CD1 1 
ATOM   20  N  N   . LYS A 1 4  ? -7.994  -12.516 -5.860  1.00 22.60 ? 4   LYS A N   1 
ATOM   21  C  CA  . LYS A 1 4  ? -7.660  -13.055 -4.548  1.00 23.52 ? 4   LYS A CA  1 
ATOM   22  C  C   . LYS A 1 4  ? -8.080  -12.076 -3.477  1.00 23.77 ? 4   LYS A C   1 
ATOM   23  O  O   . LYS A 1 4  ? -7.702  -10.902 -3.542  1.00 24.64 ? 4   LYS A O   1 
ATOM   24  C  CB  . LYS A 1 4  ? -6.161  -13.293 -4.442  1.00 23.87 ? 4   LYS A CB  1 
ATOM   25  C  CG  . LYS A 1 4  ? -5.722  -13.944 -3.150  1.00 26.70 ? 4   LYS A CG  1 
ATOM   26  C  CD  . LYS A 1 4  ? -4.213  -13.836 -3.058  1.00 30.95 ? 4   LYS A CD  1 
ATOM   27  C  CE  . LYS A 1 4  ? -3.662  -14.553 -1.855  1.00 34.72 ? 4   LYS A CE  1 
ATOM   28  N  NZ  . LYS A 1 4  ? -2.328  -13.945 -1.550  1.00 36.39 ? 4   LYS A NZ  1 
ATOM   29  N  N   . GLU A 1 5  ? -8.873  -12.556 -2.520  1.00 24.11 ? 5   GLU A N   1 
ATOM   30  C  CA  . GLU A 1 5  ? -9.390  -11.715 -1.435  1.00 24.64 ? 5   GLU A CA  1 
ATOM   31  C  C   . GLU A 1 5  ? -8.550  -11.898 -0.179  1.00 24.86 ? 5   GLU A C   1 
ATOM   32  O  O   . GLU A 1 5  ? -8.288  -13.044 0.232   1.00 25.21 ? 5   GLU A O   1 
ATOM   33  C  CB  . GLU A 1 5  ? -10.836 -12.110 -1.100  1.00 24.74 ? 5   GLU A CB  1 
ATOM   34  C  CG  . GLU A 1 5  ? -11.757 -12.094 -2.277  1.00 26.02 ? 5   GLU A CG  1 
ATOM   35  C  CD  . GLU A 1 5  ? -13.139 -12.621 -1.942  1.00 28.56 ? 5   GLU A CD  1 
ATOM   36  O  OE1 . GLU A 1 5  ? -13.851 -12.002 -1.124  1.00 28.80 ? 5   GLU A OE1 1 
ATOM   37  O  OE2 . GLU A 1 5  ? -13.515 -13.657 -2.512  1.00 27.27 ? 5   GLU A OE2 1 
ATOM   38  N  N   . ASN A 1 6  ? -8.166  -10.787 0.456   1.00 24.50 ? 6   ASN A N   1 
ATOM   39  C  CA  . ASN A 1 6  ? -7.498  -10.863 1.764   1.00 24.15 ? 6   ASN A CA  1 
ATOM   40  C  C   . ASN A 1 6  ? -8.025  -9.824  2.720   1.00 23.74 ? 6   ASN A C   1 
ATOM   41  O  O   . ASN A 1 6  ? -8.395  -8.723  2.312   1.00 21.88 ? 6   ASN A O   1 
ATOM   42  C  CB  . ASN A 1 6  ? -5.983  -10.653 1.654   1.00 25.02 ? 6   ASN A CB  1 
ATOM   43  C  CG  . ASN A 1 6  ? -5.263  -11.831 1.012   1.00 25.80 ? 6   ASN A CG  1 
ATOM   44  O  OD1 . ASN A 1 6  ? -5.022  -11.821 -0.200  1.00 28.63 ? 6   ASN A OD1 1 
ATOM   45  N  ND2 . ASN A 1 6  ? -4.886  -12.831 1.824   1.00 28.81 ? 6   ASN A ND2 1 
ATOM   46  N  N   . SER A 1 7  ? -8.061  -10.200 3.990   1.00 23.55 ? 7   SER A N   1 
ATOM   47  C  CA  . SER A 1 7  ? -8.411  -9.279  5.069   1.00 24.74 ? 7   SER A CA  1 
ATOM   48  C  C   . SER A 1 7  ? -7.296  -9.263  6.111   1.00 24.89 ? 7   SER A C   1 
ATOM   49  O  O   . SER A 1 7  ? -6.675  -10.314 6.414   1.00 24.68 ? 7   SER A O   1 
ATOM   50  C  CB  . SER A 1 7  ? -9.770  -9.637  5.696   1.00 24.25 ? 7   SER A CB  1 
ATOM   51  O  OG  . SER A 1 7  ? -10.039 -8.901  6.893   1.00 27.10 ? 7   SER A OG  1 
ATOM   52  N  N   . TYR A 1 8  ? -7.045  -8.070  6.644   1.00 25.23 ? 8   TYR A N   1 
ATOM   53  C  CA  . TYR A 1 8  ? -5.996  -7.868  7.638   1.00 26.27 ? 8   TYR A CA  1 
ATOM   54  C  C   . TYR A 1 8  ? -6.495  -6.982  8.753   1.00 26.56 ? 8   TYR A C   1 
ATOM   55  O  O   . TYR A 1 8  ? -7.476  -6.247  8.588   1.00 26.33 ? 8   TYR A O   1 
ATOM   56  C  CB  . TYR A 1 8  ? -4.767  -7.213  7.009   1.00 26.91 ? 8   TYR A CB  1 
ATOM   57  C  CG  . TYR A 1 8  ? -4.293  -7.857  5.738   1.00 27.93 ? 8   TYR A CG  1 
ATOM   58  C  CD1 . TYR A 1 8  ? -3.396  -8.935  5.754   1.00 29.08 ? 8   TYR A CD1 1 
ATOM   59  C  CD2 . TYR A 1 8  ? -4.732  -7.381  4.498   1.00 30.15 ? 8   TYR A CD2 1 
ATOM   60  C  CE1 . TYR A 1 8  ? -2.955  -9.518  4.558   1.00 29.65 ? 8   TYR A CE1 1 
ATOM   61  C  CE2 . TYR A 1 8  ? -4.287  -7.962  3.307   1.00 31.29 ? 8   TYR A CE2 1 
ATOM   62  C  CZ  . TYR A 1 8  ? -3.405  -9.029  3.350   1.00 30.28 ? 8   TYR A CZ  1 
ATOM   63  O  OH  . TYR A 1 8  ? -2.967  -9.583  2.154   1.00 30.59 ? 8   TYR A OH  1 
ATOM   64  N  N   . PHE A 1 9  ? -5.807  -7.066  9.894   1.00 26.88 ? 9   PHE A N   1 
ATOM   65  C  CA  . PHE A 1 9  ? -6.030  -6.167  11.014  1.00 27.31 ? 9   PHE A CA  1 
ATOM   66  C  C   . PHE A 1 9  ? -7.508  -6.147  11.409  1.00 27.05 ? 9   PHE A C   1 
ATOM   67  O  O   . PHE A 1 9  ? -8.107  -5.085  11.558  1.00 27.10 ? 9   PHE A O   1 
ATOM   68  C  CB  . PHE A 1 9  ? -5.506  -4.754  10.692  1.00 27.14 ? 9   PHE A CB  1 
ATOM   69  C  CG  . PHE A 1 9  ? -4.021  -4.694  10.441  1.00 28.45 ? 9   PHE A CG  1 
ATOM   70  C  CD1 . PHE A 1 9  ? -3.535  -4.474  9.162   1.00 28.02 ? 9   PHE A CD1 1 
ATOM   71  C  CD2 . PHE A 1 9  ? -3.110  -4.848  11.488  1.00 28.55 ? 9   PHE A CD2 1 
ATOM   72  C  CE1 . PHE A 1 9  ? -2.163  -4.413  8.911   1.00 30.84 ? 9   PHE A CE1 1 
ATOM   73  C  CE2 . PHE A 1 9  ? -1.741  -4.775  11.253  1.00 29.88 ? 9   PHE A CE2 1 
ATOM   74  C  CZ  . PHE A 1 9  ? -1.269  -4.560  9.952   1.00 28.21 ? 9   PHE A CZ  1 
ATOM   75  N  N   . ALA A 1 10 ? -8.072  -7.347  11.568  1.00 27.61 ? 10  ALA A N   1 
ATOM   76  C  CA  . ALA A 1 10 ? -9.452  -7.547  12.023  1.00 27.21 ? 10  ALA A CA  1 
ATOM   77  C  C   . ALA A 1 10 ? -10.481 -6.909  11.085  1.00 27.20 ? 10  ALA A C   1 
ATOM   78  O  O   . ALA A 1 10 ? -11.572 -6.536  11.512  1.00 27.73 ? 10  ALA A O   1 
ATOM   79  C  CB  . ALA A 1 10 ? -9.625  -7.035  13.456  1.00 27.69 ? 10  ALA A CB  1 
ATOM   80  N  N   . GLY A 1 11 ? -10.133 -6.795  9.803   1.00 26.31 ? 11  GLY A N   1 
ATOM   81  C  CA  . GLY A 1 11 ? -11.027 -6.193  8.809   1.00 25.36 ? 11  GLY A CA  1 
ATOM   82  C  C   . GLY A 1 11 ? -10.733 -4.720  8.546   1.00 24.47 ? 11  GLY A C   1 
ATOM   83  O  O   . GLY A 1 11 ? -11.444 -4.067  7.779   1.00 24.61 ? 11  GLY A O   1 
ATOM   84  N  N   . GLY A 1 12 ? -9.677  -4.211  9.183   1.00 23.91 ? 12  GLY A N   1 
ATOM   85  C  CA  . GLY A 1 12 ? -9.219  -2.838  9.008   1.00 22.48 ? 12  GLY A CA  1 
ATOM   86  C  C   . GLY A 1 12 ? -8.657  -2.544  7.634   1.00 22.24 ? 12  GLY A C   1 
ATOM   87  O  O   . GLY A 1 12 ? -8.708  -1.403  7.174   1.00 22.09 ? 12  GLY A O   1 
ATOM   88  N  N   . VAL A 1 13 ? -8.103  -3.575  7.002   1.00 21.62 ? 13  VAL A N   1 
ATOM   89  C  CA  . VAL A 1 13 ? -7.545  -3.469  5.648   1.00 21.23 ? 13  VAL A CA  1 
ATOM   90  C  C   . VAL A 1 13 ? -8.039  -4.696  4.881   1.00 21.47 ? 13  VAL A C   1 
ATOM   91  O  O   . VAL A 1 13 ? -7.949  -5.828  5.358   1.00 21.21 ? 13  VAL A O   1 
ATOM   92  C  CB  . VAL A 1 13 ? -6.004  -3.412  5.673   1.00 20.99 ? 13  VAL A CB  1 
ATOM   93  C  CG1 . VAL A 1 13 ? -5.440  -3.401  4.250   1.00 20.52 ? 13  VAL A CG1 1 
ATOM   94  C  CG2 . VAL A 1 13 ? -5.528  -2.178  6.479   1.00 21.67 ? 13  VAL A CG2 1 
ATOM   95  N  N   . LYS A 1 14 ? -8.625  -4.462  3.713   1.00 20.99 ? 14  LYS A N   1 
ATOM   96  C  CA  . LYS A 1 14 ? -8.974  -5.565  2.814   1.00 20.41 ? 14  LYS A CA  1 
ATOM   97  C  C   . LYS A 1 14 ? -8.475  -5.247  1.424   1.00 20.81 ? 14  LYS A C   1 
ATOM   98  O  O   . LYS A 1 14 ? -8.451  -4.085  1.035   1.00 21.79 ? 14  LYS A O   1 
ATOM   99  C  CB  . LYS A 1 14 ? -10.482 -5.771  2.779   1.00 19.84 ? 14  LYS A CB  1 
ATOM   100 C  CG  . LYS A 1 14 ? -11.070 -6.158  4.151   1.00 20.62 ? 14  LYS A CG  1 
ATOM   101 C  CD  . LYS A 1 14 ? -12.559 -6.379  3.992   1.00 22.26 ? 14  LYS A CD  1 
ATOM   102 C  CE  . LYS A 1 14 ? -13.176 -6.571  5.354   1.00 22.91 ? 14  LYS A CE  1 
ATOM   103 N  NZ  . LYS A 1 14 ? -14.636 -6.822  5.267   1.00 25.68 ? 14  LYS A NZ  1 
ATOM   104 N  N   . SER A 1 15 ? -8.112  -6.294  0.691   1.00 21.43 ? 15  SER A N   1 
ATOM   105 C  CA  . SER A 1 15 ? -7.502  -6.153  -0.636  1.00 20.97 ? 15  SER A CA  1 
ATOM   106 C  C   . SER A 1 15 ? -8.032  -7.206  -1.618  1.00 21.53 ? 15  SER A C   1 
ATOM   107 O  O   . SER A 1 15 ? -8.585  -8.265  -1.232  1.00 20.48 ? 15  SER A O   1 
ATOM   108 C  CB  . SER A 1 15 ? -5.952  -6.245  -0.542  1.00 22.08 ? 15  SER A CB  1 
ATOM   109 O  OG  . SER A 1 15 ? -5.537  -7.573  -0.237  1.00 22.98 ? 15  SER A OG  1 
ATOM   110 N  N   . LEU A 1 16 ? -7.883  -6.861  -2.893  1.00 20.12 ? 16  LEU A N   1 
ATOM   111 C  CA  . LEU A 1 16 ? -8.236  -7.718  -4.026  1.00 20.55 ? 16  LEU A CA  1 
ATOM   112 C  C   . LEU A 1 16 ? -7.008  -7.801  -4.927  1.00 21.08 ? 16  LEU A C   1 
ATOM   113 O  O   . LEU A 1 16 ? -6.546  -6.787  -5.436  1.00 21.53 ? 16  LEU A O   1 
ATOM   114 C  CB  . LEU A 1 16 ? -9.438  -7.139  -4.791  1.00 20.38 ? 16  LEU A CB  1 
ATOM   115 C  CG  . LEU A 1 16 ? -10.760 -7.057  -4.011  1.00 19.54 ? 16  LEU A CG  1 
ATOM   116 C  CD1 . LEU A 1 16 ? -11.777 -6.268  -4.853  1.00 18.94 ? 16  LEU A CD1 1 
ATOM   117 C  CD2 . LEU A 1 16 ? -11.341 -8.441  -3.647  1.00 20.32 ? 16  LEU A CD2 1 
ATOM   118 N  N   . GLY A 1 17 ? -6.451  -8.998  -5.080  1.00 21.23 ? 17  GLY A N   1 
ATOM   119 C  CA  . GLY A 1 17 ? -5.232  -9.155  -5.867  1.00 21.41 ? 17  GLY A CA  1 
ATOM   120 C  C   . GLY A 1 17 ? -5.542  -9.753  -7.214  1.00 22.15 ? 17  GLY A C   1 
ATOM   121 O  O   . GLY A 1 17 ? -6.482  -10.549 -7.362  1.00 21.53 ? 17  GLY A O   1 
ATOM   122 N  N   . PHE A 1 18 ? -4.734  -9.409  -8.210  1.00 22.66 ? 18  PHE A N   1 
ATOM   123 C  CA  . PHE A 1 18 ? -5.014  -9.863  -9.550  1.00 22.73 ? 18  PHE A CA  1 
ATOM   124 C  C   . PHE A 1 18 ? -3.770  -9.702  -10.397 1.00 22.98 ? 18  PHE A C   1 
ATOM   125 O  O   . PHE A 1 18 ? -2.884  -8.935  -10.052 1.00 23.44 ? 18  PHE A O   1 
ATOM   126 C  CB  . PHE A 1 18 ? -6.244  -9.128  -10.153 1.00 22.82 ? 18  PHE A CB  1 
ATOM   127 C  CG  . PHE A 1 18 ? -6.051  -7.651  -10.347 1.00 23.12 ? 18  PHE A CG  1 
ATOM   128 C  CD1 . PHE A 1 18 ? -6.229  -6.759  -9.283  1.00 24.88 ? 18  PHE A CD1 1 
ATOM   129 C  CD2 . PHE A 1 18 ? -5.724  -7.134  -11.613 1.00 24.87 ? 18  PHE A CD2 1 
ATOM   130 C  CE1 . PHE A 1 18 ? -6.067  -5.392  -9.473  1.00 24.93 ? 18  PHE A CE1 1 
ATOM   131 C  CE2 . PHE A 1 18 ? -5.569  -5.747  -11.803 1.00 21.51 ? 18  PHE A CE2 1 
ATOM   132 C  CZ  . PHE A 1 18 ? -5.732  -4.892  -10.740 1.00 22.84 ? 18  PHE A CZ  1 
ATOM   133 N  N   A ASN A 1 19 ? -3.700  -10.470 -11.476 0.50 22.90 ? 19  ASN A N   1 
ATOM   134 N  N   B ASN A 1 19 ? -3.689  -10.450 -11.488 0.50 23.53 ? 19  ASN A N   1 
ATOM   135 C  CA  A ASN A 1 19 ? -2.638  -10.325 -12.455 0.50 22.62 ? 19  ASN A CA  1 
ATOM   136 C  CA  B ASN A 1 19 ? -2.569  -10.317 -12.409 0.50 23.81 ? 19  ASN A CA  1 
ATOM   137 C  C   A ASN A 1 19 ? -3.062  -9.425  -13.585 0.50 22.81 ? 19  ASN A C   1 
ATOM   138 C  C   B ASN A 1 19 ? -2.959  -9.556  -13.660 0.50 23.51 ? 19  ASN A C   1 
ATOM   139 O  O   A ASN A 1 19 ? -4.193  -9.506  -14.084 0.50 22.97 ? 19  ASN A O   1 
ATOM   140 O  O   B ASN A 1 19 ? -3.949  -9.885  -14.326 0.50 23.53 ? 19  ASN A O   1 
ATOM   141 C  CB  A ASN A 1 19 ? -2.232  -11.692 -13.021 0.50 21.93 ? 19  ASN A CB  1 
ATOM   142 C  CB  B ASN A 1 19 ? -2.011  -11.691 -12.791 0.50 23.93 ? 19  ASN A CB  1 
ATOM   143 C  CG  A ASN A 1 19 ? -1.458  -12.522 -12.023 0.50 22.00 ? 19  ASN A CG  1 
ATOM   144 C  CG  B ASN A 1 19 ? -0.735  -11.593 -13.604 0.50 26.48 ? 19  ASN A CG  1 
ATOM   145 O  OD1 A ASN A 1 19 ? -1.752  -13.702 -11.824 0.50 24.76 ? 19  ASN A OD1 1 
ATOM   146 O  OD1 B ASN A 1 19 ? -0.760  -11.230 -14.779 0.50 30.28 ? 19  ASN A OD1 1 
ATOM   147 N  ND2 A ASN A 1 19 ? -0.440  -11.922 -11.412 0.50 18.87 ? 19  ASN A ND2 1 
ATOM   148 N  ND2 B ASN A 1 19 ? 0.391   -11.929 -12.980 0.50 26.81 ? 19  ASN A ND2 1 
ATOM   149 N  N   . GLN A 1 20 ? -2.158  -8.559  -14.002 1.00 23.61 ? 20  GLN A N   1 
ATOM   150 C  CA  . GLN A 1 20 ? -2.451  -7.729  -15.142 1.00 24.68 ? 20  GLN A CA  1 
ATOM   151 C  C   . GLN A 1 20 ? -1.235  -7.695  -16.019 1.00 24.93 ? 20  GLN A C   1 
ATOM   152 O  O   . GLN A 1 20 ? -0.179  -7.184  -15.611 1.00 24.05 ? 20  GLN A O   1 
ATOM   153 C  CB  . GLN A 1 20 ? -2.881  -6.331  -14.709 1.00 24.87 ? 20  GLN A CB  1 
ATOM   154 C  CG  . GLN A 1 20 ? -3.445  -5.569  -15.878 1.00 28.09 ? 20  GLN A CG  1 
ATOM   155 C  CD  . GLN A 1 20 ? -3.646  -4.148  -15.528 1.00 30.37 ? 20  GLN A CD  1 
ATOM   156 O  OE1 . GLN A 1 20 ? -4.750  -3.745  -15.162 1.00 29.73 ? 20  GLN A OE1 1 
ATOM   157 N  NE2 . GLN A 1 20 ? -2.575  -3.373  -15.581 1.00 30.18 ? 20  GLN A NE2 1 
ATOM   158 N  N   A HIS A 1 21 ? -1.353  -8.212  -17.238 0.50 24.41 ? 21  HIS A N   1 
ATOM   159 N  N   B HIS A 1 21 ? -1.436  -8.248  -17.217 0.50 24.59 ? 21  HIS A N   1 
ATOM   160 C  CA  A HIS A 1 21 ? -0.195  -8.307  -18.123 0.50 24.84 ? 21  HIS A CA  1 
ATOM   161 C  CA  B HIS A 1 21 ? -0.388  -8.599  -18.154 0.50 25.12 ? 21  HIS A CA  1 
ATOM   162 C  C   A HIS A 1 21 ? 0.976   -8.924  -17.341 0.50 24.94 ? 21  HIS A C   1 
ATOM   163 C  C   B HIS A 1 21 ? 0.592   -9.569  -17.468 0.50 25.58 ? 21  HIS A C   1 
ATOM   164 O  O   A HIS A 1 21 ? 2.070   -8.353  -17.258 0.50 25.96 ? 21  HIS A O   1 
ATOM   165 O  O   B HIS A 1 21 ? 0.208   -10.700 -17.166 0.50 26.83 ? 21  HIS A O   1 
ATOM   166 C  CB  A HIS A 1 21 ? 0.167   -6.928  -18.686 0.50 24.32 ? 21  HIS A CB  1 
ATOM   167 C  CB  B HIS A 1 21 ? 0.228   -7.329  -18.755 0.50 24.33 ? 21  HIS A CB  1 
ATOM   168 C  CG  A HIS A 1 21 ? -0.986  -6.198  -19.316 0.50 24.27 ? 21  HIS A CG  1 
ATOM   169 C  CG  B HIS A 1 21 ? -0.768  -6.477  -19.499 0.50 24.04 ? 21  HIS A CG  1 
ATOM   170 N  ND1 A HIS A 1 21 ? -1.504  -5.036  -18.787 0.50 25.34 ? 21  HIS A ND1 1 
ATOM   171 N  ND1 B HIS A 1 21 ? -1.311  -6.847  -20.717 0.50 21.66 ? 21  HIS A ND1 1 
ATOM   172 C  CD2 A HIS A 1 21 ? -1.697  -6.446  -20.446 0.50 24.46 ? 21  HIS A CD2 1 
ATOM   173 C  CD2 B HIS A 1 21 ? -1.303  -5.267  -19.205 0.50 22.18 ? 21  HIS A CD2 1 
ATOM   174 C  CE1 A HIS A 1 21 ? -2.494  -4.604  -19.551 0.50 24.09 ? 21  HIS A CE1 1 
ATOM   175 C  CE1 B HIS A 1 21 ? -2.133  -5.900  -21.138 0.50 23.09 ? 21  HIS A CE1 1 
ATOM   176 N  NE2 A HIS A 1 21 ? -2.630  -5.440  -20.567 0.50 24.43 ? 21  HIS A NE2 1 
ATOM   177 N  NE2 B HIS A 1 21 ? -2.156  -4.934  -20.234 0.50 22.93 ? 21  HIS A NE2 1 
ATOM   178 N  N   A GLY A 1 22 ? 0.700   -10.071 -16.728 0.50 24.76 ? 22  GLY A N   1 
ATOM   179 N  N   B GLY A 1 22 ? 1.816   -9.141  -17.183 0.50 25.58 ? 22  GLY A N   1 
ATOM   180 C  CA  A GLY A 1 22 ? 1.700   -10.879 -16.059 0.50 24.03 ? 22  GLY A CA  1 
ATOM   181 C  CA  B GLY A 1 22 ? 2.777   -10.009 -16.509 0.50 25.28 ? 22  GLY A CA  1 
ATOM   182 C  C   A GLY A 1 22 ? 2.090   -10.381 -14.687 0.50 24.41 ? 22  GLY A C   1 
ATOM   183 C  C   B GLY A 1 22 ? 3.105   -9.611  -15.082 0.50 25.09 ? 22  GLY A C   1 
ATOM   184 O  O   A GLY A 1 22 ? 2.717   -11.122 -13.924 0.50 24.44 ? 22  GLY A O   1 
ATOM   185 O  O   B GLY A 1 22 ? 4.192   -9.898  -14.590 0.50 24.76 ? 22  GLY A O   1 
ATOM   186 N  N   A GLN A 1 23 ? 1.705   -9.143  -14.374 0.50 23.59 ? 23  GLN A N   1 
ATOM   187 N  N   B GLN A 1 23 ? 2.166   -8.962  -14.402 0.50 24.79 ? 23  GLN A N   1 
ATOM   188 C  CA  A GLN A 1 23 ? 2.180   -8.462  -13.154 0.50 23.69 ? 23  GLN A CA  1 
ATOM   189 C  CA  B GLN A 1 23 ? 2.459   -8.485  -13.045 0.50 24.80 ? 23  GLN A CA  1 
ATOM   190 C  C   A GLN A 1 23 ? 1.176   -8.527  -12.016 0.50 22.90 ? 23  GLN A C   1 
ATOM   191 C  C   B GLN A 1 23 ? 1.305   -8.575  -12.064 0.50 23.51 ? 23  GLN A C   1 
ATOM   192 O  O   A GLN A 1 23 ? -0.018  -8.300  -12.219 0.50 22.92 ? 23  GLN A O   1 
ATOM   193 O  O   B GLN A 1 23 ? 0.142   -8.447  -12.429 0.50 23.44 ? 23  GLN A O   1 
ATOM   194 C  CB  A GLN A 1 23 ? 2.528   -6.988  -13.435 0.50 23.95 ? 23  GLN A CB  1 
ATOM   195 C  CB  B GLN A 1 23 ? 3.031   -7.059  -13.077 0.50 25.10 ? 23  GLN A CB  1 
ATOM   196 C  CG  A GLN A 1 23 ? 3.370   -6.736  -14.722 0.50 25.40 ? 23  GLN A CG  1 
ATOM   197 C  CG  B GLN A 1 23 ? 4.395   -6.987  -13.797 0.50 26.68 ? 23  GLN A CG  1 
ATOM   198 C  CD  A GLN A 1 23 ? 4.895   -7.015  -14.611 0.50 26.65 ? 23  GLN A CD  1 
ATOM   199 C  CD  B GLN A 1 23 ? 4.949   -5.572  -13.951 0.50 26.21 ? 23  GLN A CD  1 
ATOM   200 O  OE1 A GLN A 1 23 ? 5.377   -7.735  -13.730 0.50 26.82 ? 23  GLN A OE1 1 
ATOM   201 O  OE1 B GLN A 1 23 ? 4.231   -4.638  -14.323 0.50 31.62 ? 23  GLN A OE1 1 
ATOM   202 N  NE2 A GLN A 1 23 ? 5.650   -6.431  -15.539 0.50 28.92 ? 23  GLN A NE2 1 
ATOM   203 N  NE2 B GLN A 1 23 ? 6.241   -5.418  -13.689 0.50 28.59 ? 23  GLN A NE2 1 
ATOM   204 N  N   . ASP A 1 24 ? 1.656   -8.794  -10.803 1.00 22.09 ? 24  ASP A N   1 
ATOM   205 C  CA  A ASP A 1 24 ? 0.736   -8.827  -9.663  0.50 22.21 ? 24  ASP A CA  1 
ATOM   206 C  CA  B ASP A 1 24 ? 0.689   -8.819  -9.707  0.50 22.26 ? 24  ASP A CA  1 
ATOM   207 C  C   . ASP A 1 24 ? 0.432   -7.441  -9.143  1.00 21.92 ? 24  ASP A C   1 
ATOM   208 O  O   . ASP A 1 24 ? 1.348   -6.660  -8.899  1.00 21.71 ? 24  ASP A O   1 
ATOM   209 C  CB  A ASP A 1 24 ? 1.317   -9.695  -8.555  0.50 22.03 ? 24  ASP A CB  1 
ATOM   210 C  CB  B ASP A 1 24 ? 1.146   -9.720  -8.560  0.50 22.17 ? 24  ASP A CB  1 
ATOM   211 C  CG  A ASP A 1 24 ? 1.573   -11.106 -9.026  0.50 23.64 ? 24  ASP A CG  1 
ATOM   212 C  CG  B ASP A 1 24 ? 0.051   -9.936  -7.538  0.50 23.72 ? 24  ASP A CG  1 
ATOM   213 O  OD1 A ASP A 1 24 ? 0.591   -11.809 -9.369  0.50 26.63 ? 24  ASP A OD1 1 
ATOM   214 O  OD1 B ASP A 1 24 ? -1.043  -10.413 -7.930  0.50 26.39 ? 24  ASP A OD1 1 
ATOM   215 O  OD2 A ASP A 1 24 ? 2.758   -11.516 -9.088  0.50 27.97 ? 24  ASP A OD2 1 
ATOM   216 O  OD2 B ASP A 1 24 ? 0.261   -9.579  -6.359  0.50 28.75 ? 24  ASP A OD2 1 
ATOM   217 N  N   . VAL A 1 25 ? -0.850  -7.170  -8.952  1.00 22.34 ? 25  VAL A N   1 
ATOM   218 C  CA  . VAL A 1 25 ? -1.345  -5.888  -8.515  1.00 22.24 ? 25  VAL A CA  1 
ATOM   219 C  C   . VAL A 1 25 ? -2.384  -6.165  -7.440  1.00 22.37 ? 25  VAL A C   1 
ATOM   220 O  O   . VAL A 1 25 ? -3.003  -7.243  -7.404  1.00 22.30 ? 25  VAL A O   1 
ATOM   221 C  CB  . VAL A 1 25 ? -2.043  -5.153  -9.714  1.00 22.04 ? 25  VAL A CB  1 
ATOM   222 C  CG1 . VAL A 1 25 ? -2.446  -3.753  -9.329  1.00 25.59 ? 25  VAL A CG1 1 
ATOM   223 C  CG2 . VAL A 1 25 ? -1.143  -5.095  -10.930 1.00 22.55 ? 25  VAL A CG2 1 
ATOM   224 N  N   . SER A 1 26 ? -2.586  -5.205  -6.542  1.00 21.60 ? 26  SER A N   1 
ATOM   225 C  CA  . SER A 1 26 ? -3.712  -5.317  -5.650  1.00 22.59 ? 26  SER A CA  1 
ATOM   226 C  C   . SER A 1 26 ? -4.343  -3.938  -5.439  1.00 21.84 ? 26  SER A C   1 
ATOM   227 O  O   . SER A 1 26 ? -3.654  -2.924  -5.523  1.00 22.26 ? 26  SER A O   1 
ATOM   228 C  CB  . SER A 1 26 ? -3.304  -5.959  -4.322  1.00 25.02 ? 26  SER A CB  1 
ATOM   229 O  OG  . SER A 1 26 ? -2.417  -5.142  -3.617  1.00 28.87 ? 26  SER A OG  1 
ATOM   230 N  N   . VAL A 1 27 ? -5.656  -3.923  -5.293  1.00 21.14 ? 27  VAL A N   1 
ATOM   231 C  CA  A VAL A 1 27 ? -6.360  -2.728  -4.846  0.50 20.87 ? 27  VAL A CA  1 
ATOM   232 C  CA  B VAL A 1 27 ? -6.391  -2.731  -4.884  0.50 21.39 ? 27  VAL A CA  1 
ATOM   233 C  C   . VAL A 1 27 ? -7.006  -3.036  -3.522  1.00 21.12 ? 27  VAL A C   1 
ATOM   234 O  O   . VAL A 1 27 ? -7.341  -4.194  -3.233  1.00 21.59 ? 27  VAL A O   1 
ATOM   235 C  CB  A VAL A 1 27 ? -7.420  -2.241  -5.850  0.50 21.41 ? 27  VAL A CB  1 
ATOM   236 C  CB  B VAL A 1 27 ? -7.487  -2.326  -5.935  0.50 22.05 ? 27  VAL A CB  1 
ATOM   237 C  CG1 A VAL A 1 27 ? -6.727  -1.747  -7.070  0.50 19.69 ? 27  VAL A CG1 1 
ATOM   238 C  CG1 B VAL A 1 27 ? -8.677  -3.261  -5.889  0.50 21.25 ? 27  VAL A CG1 1 
ATOM   239 C  CG2 A VAL A 1 27 ? -8.372  -3.363  -6.223  0.50 20.09 ? 27  VAL A CG2 1 
ATOM   240 C  CG2 B VAL A 1 27 ? -7.924  -0.883  -5.766  0.50 22.52 ? 27  VAL A CG2 1 
ATOM   241 N  N   . GLY A 1 28 ? -7.148  -2.023  -2.681  1.00 20.58 ? 28  GLY A N   1 
ATOM   242 C  CA  . GLY A 1 28 ? -7.728  -2.293  -1.389  1.00 19.63 ? 28  GLY A CA  1 
ATOM   243 C  C   . GLY A 1 28 ? -8.217  -1.042  -0.713  1.00 19.27 ? 28  GLY A C   1 
ATOM   244 O  O   . GLY A 1 28 ? -8.165  0.059   -1.292  1.00 19.43 ? 28  GLY A O   1 
ATOM   245 N  N   . VAL A 1 29 ? -8.717  -1.241  0.496   1.00 19.71 ? 29  VAL A N   1 
ATOM   246 C  CA  . VAL A 1 29 ? -9.298  -0.213  1.340   1.00 19.93 ? 29  VAL A CA  1 
ATOM   247 C  C   . VAL A 1 29 ? -8.680  -0.341  2.736   1.00 20.10 ? 29  VAL A C   1 
ATOM   248 O  O   . VAL A 1 29 ? -8.446  -1.446  3.235   1.00 20.65 ? 29  VAL A O   1 
ATOM   249 C  CB  . VAL A 1 29 ? -10.820 -0.316  1.403   1.00 19.86 ? 29  VAL A CB  1 
ATOM   250 C  CG1 . VAL A 1 29 ? -11.386 0.766   2.335   1.00 19.14 ? 29  VAL A CG1 1 
ATOM   251 C  CG2 . VAL A 1 29 ? -11.381 -0.104  -0.039  1.00 21.25 ? 29  VAL A CG2 1 
HETATM 252 N  N   . MSE A 1 30 ? -8.403  0.811   3.330   1.00 19.91 ? 30  MSE A N   1 
HETATM 253 C  CA  . MSE A 1 30 ? -7.920  0.887   4.730   1.00 20.37 ? 30  MSE A CA  1 
HETATM 254 C  C   . MSE A 1 30 ? -8.829  1.805   5.490   1.00 20.37 ? 30  MSE A C   1 
HETATM 255 O  O   . MSE A 1 30 ? -9.076  2.905   5.064   1.00 20.96 ? 30  MSE A O   1 
HETATM 256 C  CB  . MSE A 1 30 ? -6.487  1.428   4.785   1.00 20.35 ? 30  MSE A CB  1 
HETATM 257 C  CG  . MSE A 1 30 ? -5.516  0.625   3.953   1.00 19.06 ? 30  MSE A CG  1 
HETATM 258 SE SE  . MSE A 1 30 ? -3.657  1.206   4.333   1.00 26.47 ? 30  MSE A SE  1 
HETATM 259 C  CE  . MSE A 1 30 ? -2.724  0.166   2.944   1.00 21.56 ? 30  MSE A CE  1 
ATOM   260 N  N   . LEU A 1 31 ? -9.293  1.339   6.639   1.00 20.63 ? 31  LEU A N   1 
ATOM   261 C  CA  . LEU A 1 31 ? -10.097 2.135   7.541   1.00 20.56 ? 31  LEU A CA  1 
ATOM   262 C  C   . LEU A 1 31 ? -9.172  2.977   8.421   1.00 19.06 ? 31  LEU A C   1 
ATOM   263 O  O   . LEU A 1 31 ? -7.977  2.647   8.628   1.00 18.76 ? 31  LEU A O   1 
ATOM   264 C  CB  . LEU A 1 31 ? -10.953 1.212   8.422   1.00 20.76 ? 31  LEU A CB  1 
ATOM   265 C  CG  . LEU A 1 31 ? -12.067 0.417   7.693   1.00 22.25 ? 31  LEU A CG  1 
ATOM   266 C  CD1 . LEU A 1 31 ? -12.830 -0.414  8.687   1.00 22.24 ? 31  LEU A CD1 1 
ATOM   267 C  CD2 . LEU A 1 31 ? -13.045 1.316   6.925   1.00 22.76 ? 31  LEU A CD2 1 
ATOM   268 N  N   . PRO A 1 32 ? -9.710  4.057   8.990   1.00 19.70 ? 32  PRO A N   1 
ATOM   269 C  CA  . PRO A 1 32 ? -8.913  4.888   9.906   1.00 19.34 ? 32  PRO A CA  1 
ATOM   270 C  C   . PRO A 1 32 ? -8.199  4.096   11.010  1.00 20.41 ? 32  PRO A C   1 
ATOM   271 O  O   . PRO A 1 32 ? -8.793  3.234   11.649  1.00 20.91 ? 32  PRO A O   1 
ATOM   272 C  CB  . PRO A 1 32 ? -9.954  5.827   10.509  1.00 20.13 ? 32  PRO A CB  1 
ATOM   273 C  CG  . PRO A 1 32 ? -10.953 5.955   9.422   1.00 17.96 ? 32  PRO A CG  1 
ATOM   274 C  CD  . PRO A 1 32 ? -11.074 4.591   8.818   1.00 19.21 ? 32  PRO A CD  1 
ATOM   275 N  N   . GLY A 1 33 ? -6.934  4.408   11.221  1.00 20.40 ? 33  GLY A N   1 
ATOM   276 C  CA  . GLY A 1 33 ? -6.093  3.675   12.154  1.00 22.64 ? 33  GLY A CA  1 
ATOM   277 C  C   . GLY A 1 33 ? -4.635  3.928   11.862  1.00 24.27 ? 33  GLY A C   1 
ATOM   278 O  O   . GLY A 1 33 ? -4.297  4.818   11.074  1.00 24.73 ? 33  GLY A O   1 
ATOM   279 N  N   . GLU A 1 34 ? -3.770  3.132   12.489  1.00 24.01 ? 34  GLU A N   1 
ATOM   280 C  CA  . GLU A 1 34 ? -2.345  3.163   12.218  1.00 25.24 ? 34  GLU A CA  1 
ATOM   281 C  C   . GLU A 1 34 ? -1.921  1.710   12.005  1.00 25.48 ? 34  GLU A C   1 
ATOM   282 O  O   . GLU A 1 34 ? -2.317  0.834   12.762  1.00 26.20 ? 34  GLU A O   1 
ATOM   283 C  CB  . GLU A 1 34 ? -1.578  3.770   13.392  1.00 25.73 ? 34  GLU A CB  1 
ATOM   284 C  CG  . GLU A 1 34 ? -0.106  4.043   13.079  1.00 28.18 ? 34  GLU A CG  1 
ATOM   285 C  CD  . GLU A 1 34 ? 0.588   4.866   14.151  1.00 28.62 ? 34  GLU A CD  1 
ATOM   286 O  OE1 . GLU A 1 34 ? 0.604   6.109   14.027  1.00 34.50 ? 34  GLU A OE1 1 
ATOM   287 O  OE2 . GLU A 1 34 ? 1.097   4.277   15.130  1.00 34.15 ? 34  GLU A OE2 1 
ATOM   288 N  N   . TYR A 1 35 ? -1.107  1.481   10.980  1.00 23.87 ? 35  TYR A N   1 
ATOM   289 C  CA  . TYR A 1 35 ? -0.754  0.127   10.550  1.00 23.83 ? 35  TYR A CA  1 
ATOM   290 C  C   . TYR A 1 35 ? 0.704   0.070   10.181  1.00 24.40 ? 35  TYR A C   1 
ATOM   291 O  O   . TYR A 1 35 ? 1.229   1.043   9.704   1.00 24.70 ? 35  TYR A O   1 
ATOM   292 C  CB  . TYR A 1 35 ? -1.577  -0.267  9.319   1.00 24.29 ? 35  TYR A CB  1 
ATOM   293 C  CG  . TYR A 1 35 ? -3.062  -0.088  9.497   1.00 24.71 ? 35  TYR A CG  1 
ATOM   294 C  CD1 . TYR A 1 35 ? -3.813  -1.017  10.224  1.00 25.54 ? 35  TYR A CD1 1 
ATOM   295 C  CD2 . TYR A 1 35 ? -3.713  1.004   8.928   1.00 25.02 ? 35  TYR A CD2 1 
ATOM   296 C  CE1 . TYR A 1 35 ? -5.189  -0.851  10.372  1.00 26.76 ? 35  TYR A CE1 1 
ATOM   297 C  CE2 . TYR A 1 35 ? -5.075  1.183   9.056   1.00 25.07 ? 35  TYR A CE2 1 
ATOM   298 C  CZ  . TYR A 1 35 ? -5.806  0.252   9.787   1.00 25.71 ? 35  TYR A CZ  1 
ATOM   299 O  OH  . TYR A 1 35 ? -7.156  0.451   9.942   1.00 26.76 ? 35  TYR A OH  1 
ATOM   300 N  N   . THR A 1 36 ? 1.350   -1.081  10.397  1.00 24.06 ? 36  THR A N   1 
ATOM   301 C  CA  . THR A 1 36 ? 2.737   -1.287  9.989   1.00 25.40 ? 36  THR A CA  1 
ATOM   302 C  C   . THR A 1 36 ? 2.753   -2.411  8.961   1.00 26.00 ? 36  THR A C   1 
ATOM   303 O  O   . THR A 1 36 ? 2.111   -3.446  9.158   1.00 26.97 ? 36  THR A O   1 
ATOM   304 C  CB  . THR A 1 36 ? 3.670   -1.596  11.204  1.00 26.69 ? 36  THR A CB  1 
ATOM   305 O  OG1 . THR A 1 36 ? 3.605   -0.509  12.133  1.00 27.38 ? 36  THR A OG1 1 
ATOM   306 C  CG2 . THR A 1 36 ? 5.135   -1.756  10.755  1.00 26.50 ? 36  THR A CG2 1 
ATOM   307 N  N   . PHE A 1 37 ? 3.459   -2.181  7.860   1.00 26.35 ? 37  PHE A N   1 
ATOM   308 C  CA  . PHE A 1 37 ? 3.594   -3.157  6.778   1.00 27.52 ? 37  PHE A CA  1 
ATOM   309 C  C   . PHE A 1 37 ? 5.042   -3.432  6.506   1.00 27.02 ? 37  PHE A C   1 
ATOM   310 O  O   . PHE A 1 37 ? 5.848   -2.512  6.540   1.00 28.84 ? 37  PHE A O   1 
ATOM   311 C  CB  . PHE A 1 37 ? 2.959   -2.579  5.511   1.00 27.76 ? 37  PHE A CB  1 
ATOM   312 C  CG  . PHE A 1 37 ? 1.490   -2.239  5.668   1.00 28.46 ? 37  PHE A CG  1 
ATOM   313 C  CD1 . PHE A 1 37 ? 0.526   -3.216  5.581   1.00 32.14 ? 37  PHE A CD1 1 
ATOM   314 C  CD2 . PHE A 1 37 ? 1.087   -0.935  5.891   1.00 30.83 ? 37  PHE A CD2 1 
ATOM   315 C  CE1 . PHE A 1 37 ? -0.823  -2.899  5.718   1.00 32.65 ? 37  PHE A CE1 1 
ATOM   316 C  CE2 . PHE A 1 37 ? -0.254  -0.631  6.025   1.00 32.90 ? 37  PHE A CE2 1 
ATOM   317 C  CZ  . PHE A 1 37 ? -1.200  -1.614  5.934   1.00 31.57 ? 37  PHE A CZ  1 
ATOM   318 N  N   . GLY A 1 38 ? 5.401   -4.681  6.208   1.00 27.92 ? 38  GLY A N   1 
ATOM   319 C  CA  . GLY A 1 38 ? 6.781   -4.984  5.855   1.00 26.56 ? 38  GLY A CA  1 
ATOM   320 C  C   . GLY A 1 38 ? 6.936   -5.160  4.351   1.00 26.99 ? 38  GLY A C   1 
ATOM   321 O  O   . GLY A 1 38 ? 6.011   -5.620  3.684   1.00 28.58 ? 38  GLY A O   1 
ATOM   322 N  N   . THR A 1 39 ? 8.099   -4.795  3.806   1.00 25.67 ? 39  THR A N   1 
ATOM   323 C  CA  . THR A 1 39 ? 8.344   -5.005  2.399   1.00 23.73 ? 39  THR A CA  1 
ATOM   324 C  C   . THR A 1 39 ? 9.459   -6.024  2.233   1.00 25.43 ? 39  THR A C   1 
ATOM   325 O  O   . THR A 1 39 ? 10.417  -6.094  3.037   1.00 23.68 ? 39  THR A O   1 
ATOM   326 C  CB  . THR A 1 39 ? 8.762   -3.737  1.610   1.00 24.86 ? 39  THR A CB  1 
ATOM   327 O  OG1 . THR A 1 39 ? 10.044  -3.260  2.056   1.00 23.99 ? 39  THR A OG1 1 
ATOM   328 C  CG2 . THR A 1 39 ? 7.715   -2.655  1.751   1.00 24.73 ? 39  THR A CG2 1 
ATOM   329 N  N   . GLN A 1 40 ? 9.283   -6.803  1.179   1.00 25.79 ? 40  GLN A N   1 
ATOM   330 C  CA  A GLN A 1 40 ? 10.313  -7.706  0.695   0.50 26.35 ? 40  GLN A CA  1 
ATOM   331 C  CA  B GLN A 1 40 ? 10.335  -7.684  0.715   0.50 26.22 ? 40  GLN A CA  1 
ATOM   332 C  C   . GLN A 1 40 ? 10.809  -7.137  -0.629  1.00 26.33 ? 40  GLN A C   1 
ATOM   333 O  O   . GLN A 1 40 ? 11.821  -6.427  -0.655  1.00 26.90 ? 40  GLN A O   1 
ATOM   334 C  CB  A GLN A 1 40 ? 9.794   -9.146  0.580   0.50 27.00 ? 40  GLN A CB  1 
ATOM   335 C  CB  B GLN A 1 40 ? 9.880   -9.149  0.723   0.50 26.90 ? 40  GLN A CB  1 
ATOM   336 C  CG  A GLN A 1 40 ? 8.273   -9.298  0.532   0.50 28.30 ? 40  GLN A CG  1 
ATOM   337 C  CG  B GLN A 1 40 ? 9.286   -9.555  2.085   0.50 27.26 ? 40  GLN A CG  1 
ATOM   338 C  CD  A GLN A 1 40 ? 7.670   -9.801  1.836   0.50 29.57 ? 40  GLN A CD  1 
ATOM   339 C  CD  B GLN A 1 40 ? 9.471   -11.013 2.438   0.50 30.91 ? 40  GLN A CD  1 
ATOM   340 O  OE1 A GLN A 1 40 ? 7.771   -9.151  2.895   0.50 28.37 ? 40  GLN A OE1 1 
ATOM   341 O  OE1 B GLN A 1 40 ? 10.566  -11.446 2.806   0.50 31.49 ? 40  GLN A OE1 1 
ATOM   342 N  NE2 A GLN A 1 40 ? 7.014   -10.959 1.761   0.50 29.94 ? 40  GLN A NE2 1 
ATOM   343 N  NE2 B GLN A 1 40 ? 8.388   -11.779 2.350   0.50 31.23 ? 40  GLN A NE2 1 
ATOM   344 N  N   . ALA A 1 41 ? 10.088  -7.382  -1.728  1.00 26.27 ? 41  ALA A N   1 
ATOM   345 C  CA  . ALA A 1 41 ? 10.417  -6.695  -3.002  1.00 26.57 ? 41  ALA A CA  1 
ATOM   346 C  C   . ALA A 1 41 ? 10.031  -5.214  -2.858  1.00 26.34 ? 41  ALA A C   1 
ATOM   347 O  O   . ALA A 1 41 ? 9.194   -4.887  -2.022  1.00 26.86 ? 41  ALA A O   1 
ATOM   348 C  CB  . ALA A 1 41 ? 9.671   -7.324  -4.182  1.00 27.33 ? 41  ALA A CB  1 
ATOM   349 N  N   . PRO A 1 42 ? 10.649  -4.300  -3.642  1.00 25.87 ? 42  PRO A N   1 
ATOM   350 C  CA  . PRO A 1 42 ? 10.121  -2.940  -3.504  1.00 25.28 ? 42  PRO A CA  1 
ATOM   351 C  C   . PRO A 1 42 ? 8.614   -2.850  -3.909  1.00 25.71 ? 42  PRO A C   1 
ATOM   352 O  O   . PRO A 1 42 ? 8.089   -3.735  -4.591  1.00 26.33 ? 42  PRO A O   1 
ATOM   353 C  CB  . PRO A 1 42 ? 11.049  -2.096  -4.393  1.00 25.23 ? 42  PRO A CB  1 
ATOM   354 C  CG  . PRO A 1 42 ? 12.242  -2.966  -4.694  1.00 26.63 ? 42  PRO A CG  1 
ATOM   355 C  CD  . PRO A 1 42 ? 11.768  -4.384  -4.599  1.00 25.40 ? 42  PRO A CD  1 
ATOM   356 N  N   . GLU A 1 43 ? 7.913   -1.839  -3.415  1.00 24.71 ? 43  GLU A N   1 
ATOM   357 C  CA  . GLU A 1 43 ? 6.460   -1.687  -3.718  1.00 25.30 ? 43  GLU A CA  1 
ATOM   358 C  C   . GLU A 1 43 ? 6.234   -0.271  -4.171  1.00 23.37 ? 43  GLU A C   1 
ATOM   359 O  O   . GLU A 1 43 ? 6.965   0.637   -3.747  1.00 23.60 ? 43  GLU A O   1 
ATOM   360 C  CB  . GLU A 1 43 ? 5.561   -1.900  -2.472  1.00 26.15 ? 43  GLU A CB  1 
ATOM   361 C  CG  . GLU A 1 43 ? 5.319   -3.350  -2.086  1.00 29.07 ? 43  GLU A CG  1 
ATOM   362 C  CD  . GLU A 1 43 ? 4.670   -3.488  -0.725  1.00 28.19 ? 43  GLU A CD  1 
ATOM   363 O  OE1 . GLU A 1 43 ? 3.943   -2.553  -0.277  1.00 32.72 ? 43  GLU A OE1 1 
ATOM   364 O  OE2 . GLU A 1 43 ? 4.909   -4.542  -0.102  1.00 36.22 ? 43  GLU A OE2 1 
ATOM   365 N  N   . ARG A 1 44 ? 5.240   -0.083  -5.044  1.00 21.68 ? 44  ARG A N   1 
ATOM   366 C  CA  A ARG A 1 44 ? 4.767   1.262   -5.373  0.50 21.46 ? 44  ARG A CA  1 
ATOM   367 C  CA  B ARG A 1 44 ? 4.766   1.245   -5.425  0.50 21.78 ? 44  ARG A CA  1 
ATOM   368 C  C   . ARG A 1 44 ? 3.320   1.324   -4.976  1.00 21.50 ? 44  ARG A C   1 
ATOM   369 O  O   . ARG A 1 44 ? 2.487   0.562   -5.476  1.00 21.42 ? 44  ARG A O   1 
ATOM   370 C  CB  A ARG A 1 44 ? 4.885   1.586   -6.857  0.50 21.00 ? 44  ARG A CB  1 
ATOM   371 C  CB  B ARG A 1 44 ? 4.834   1.396   -6.942  0.50 21.30 ? 44  ARG A CB  1 
ATOM   372 C  CG  A ARG A 1 44 ? 4.403   3.017   -7.188  0.50 22.46 ? 44  ARG A CG  1 
ATOM   373 C  CG  B ARG A 1 44 ? 4.493   2.780   -7.482  0.50 24.49 ? 44  ARG A CG  1 
ATOM   374 C  CD  A ARG A 1 44 ? 4.773   3.402   -8.610  0.50 24.75 ? 44  ARG A CD  1 
ATOM   375 C  CD  B ARG A 1 44 ? 5.051   2.911   -8.896  0.50 27.94 ? 44  ARG A CD  1 
ATOM   376 N  NE  A ARG A 1 44 ? 6.211   3.654   -8.755  0.50 27.36 ? 44  ARG A NE  1 
ATOM   377 N  NE  B ARG A 1 44 ? 4.208   2.283   -9.919  0.50 30.24 ? 44  ARG A NE  1 
ATOM   378 C  CZ  A ARG A 1 44 ? 6.916   3.474   -9.872  0.50 28.47 ? 44  ARG A CZ  1 
ATOM   379 C  CZ  B ARG A 1 44 ? 4.675   1.658   -11.000 0.50 31.86 ? 44  ARG A CZ  1 
ATOM   380 N  NH1 A ARG A 1 44 ? 6.343   3.009   -10.974 0.50 29.64 ? 44  ARG A NH1 1 
ATOM   381 N  NH1 B ARG A 1 44 ? 5.986   1.540   -11.204 0.50 32.13 ? 44  ARG A NH1 1 
ATOM   382 N  NH2 A ARG A 1 44 ? 8.210   3.758   -9.880  0.50 27.83 ? 44  ARG A NH2 1 
ATOM   383 N  NH2 B ARG A 1 44 ? 3.826   1.137   -11.878 0.50 32.87 ? 44  ARG A NH2 1 
HETATM 384 N  N   . MSE A 1 45 ? 3.042   2.234   -4.051  1.00 21.42 ? 45  MSE A N   1 
HETATM 385 C  CA  . MSE A 1 45 ? 1.708   2.400   -3.525  1.00 21.42 ? 45  MSE A CA  1 
HETATM 386 C  C   . MSE A 1 45 ? 1.126   3.637   -4.193  1.00 21.72 ? 45  MSE A C   1 
HETATM 387 O  O   . MSE A 1 45 ? 1.820   4.668   -4.358  1.00 22.00 ? 45  MSE A O   1 
HETATM 388 C  CB  . MSE A 1 45 ? 1.800   2.629   -2.016  1.00 23.07 ? 45  MSE A CB  1 
HETATM 389 C  CG  . MSE A 1 45 ? 2.278   1.426   -1.239  1.00 26.03 ? 45  MSE A CG  1 
HETATM 390 SE SE  . MSE A 1 45 ? 0.725   0.283   -1.026  1.00 39.52 ? 45  MSE A SE  1 
HETATM 391 C  CE  . MSE A 1 45 ? -0.259  1.485   0.239   1.00 26.07 ? 45  MSE A CE  1 
ATOM   392 N  N   . THR A 1 46 ? -0.113  3.536   -4.635  1.00 19.90 ? 46  THR A N   1 
ATOM   393 C  CA  . THR A 1 46 ? -0.789  4.708   -5.177  1.00 19.86 ? 46  THR A CA  1 
ATOM   394 C  C   . THR A 1 46 ? -2.067  4.966   -4.364  1.00 20.83 ? 46  THR A C   1 
ATOM   395 O  O   . THR A 1 46 ? -2.838  4.033   -4.108  1.00 20.58 ? 46  THR A O   1 
ATOM   396 C  CB  . THR A 1 46 ? -1.095  4.529   -6.710  1.00 20.89 ? 46  THR A CB  1 
ATOM   397 O  OG1 . THR A 1 46 ? 0.137   4.334   -7.442  1.00 20.79 ? 46  THR A OG1 1 
ATOM   398 C  CG2 . THR A 1 46 ? -1.842  5.751   -7.262  1.00 23.10 ? 46  THR A CG2 1 
ATOM   399 N  N   . VAL A 1 47 ? -2.297  6.229   -3.962  1.00 19.92 ? 47  VAL A N   1 
ATOM   400 C  CA  . VAL A 1 47 ? -3.534  6.545   -3.252  1.00 20.25 ? 47  VAL A CA  1 
ATOM   401 C  C   . VAL A 1 47 ? -4.612  6.709   -4.343  1.00 20.35 ? 47  VAL A C   1 
ATOM   402 O  O   . VAL A 1 47 ? -4.477  7.547   -5.238  1.00 21.74 ? 47  VAL A O   1 
ATOM   403 C  CB  . VAL A 1 47 ? -3.430  7.815   -2.431  1.00 19.91 ? 47  VAL A CB  1 
ATOM   404 C  CG1 . VAL A 1 47 ? -4.748  8.044   -1.661  1.00 21.68 ? 47  VAL A CG1 1 
ATOM   405 C  CG2 . VAL A 1 47 ? -2.197  7.756   -1.489  1.00 21.52 ? 47  VAL A CG2 1 
ATOM   406 N  N   . VAL A 1 48 ? -5.639  5.857   -4.310  1.00 20.23 ? 48  VAL A N   1 
ATOM   407 C  CA  . VAL A 1 48 ? -6.708  5.968   -5.319  1.00 20.15 ? 48  VAL A CA  1 
ATOM   408 C  C   . VAL A 1 48 ? -7.741  7.035   -4.940  1.00 21.45 ? 48  VAL A C   1 
ATOM   409 O  O   . VAL A 1 48 ? -8.069  7.908   -5.746  1.00 22.76 ? 48  VAL A O   1 
ATOM   410 C  CB  . VAL A 1 48 ? -7.382  4.602   -5.555  1.00 20.12 ? 48  VAL A CB  1 
ATOM   411 C  CG1 . VAL A 1 48 ? -8.620  4.734   -6.476  1.00 19.88 ? 48  VAL A CG1 1 
ATOM   412 C  CG2 . VAL A 1 48 ? -6.353  3.623   -6.099  1.00 21.40 ? 48  VAL A CG2 1 
ATOM   413 N  N   . LYS A 1 49 ? -8.224  7.000   -3.707  1.00 21.02 ? 49  LYS A N   1 
ATOM   414 C  CA  . LYS A 1 49 ? -9.164  8.019   -3.218  1.00 20.83 ? 49  LYS A CA  1 
ATOM   415 C  C   . LYS A 1 49 ? -9.006  8.065   -1.720  1.00 20.50 ? 49  LYS A C   1 
ATOM   416 O  O   . LYS A 1 49 ? -9.248  7.074   -1.041  1.00 20.43 ? 49  LYS A O   1 
ATOM   417 C  CB  . LYS A 1 49 ? -10.597 7.617   -3.560  1.00 20.11 ? 49  LYS A CB  1 
ATOM   418 C  CG  . LYS A 1 49 ? -11.649 8.601   -3.074  1.00 22.74 ? 49  LYS A CG  1 
ATOM   419 C  CD  . LYS A 1 49 ? -12.256 9.375   -4.193  1.00 25.65 ? 49  LYS A CD  1 
ATOM   420 C  CE  . LYS A 1 49 ? -13.331 10.284  -3.656  1.00 28.73 ? 49  LYS A CE  1 
ATOM   421 N  NZ  . LYS A 1 49 ? -13.504 11.326  -4.654  1.00 32.39 ? 49  LYS A NZ  1 
ATOM   422 N  N   . GLY A 1 50 ? -8.607  9.227   -1.210  1.00 21.69 ? 50  GLY A N   1 
ATOM   423 C  CA  . GLY A 1 50 ? -8.360  9.430   0.212   1.00 21.25 ? 50  GLY A CA  1 
ATOM   424 C  C   . GLY A 1 50 ? -6.966  9.995   0.437   1.00 21.62 ? 50  GLY A C   1 
ATOM   425 O  O   . GLY A 1 50 ? -6.498  10.841  -0.329  1.00 21.53 ? 50  GLY A O   1 
ATOM   426 N  N   . ALA A 1 51 ? -6.297  9.521   1.486   1.00 20.86 ? 51  ALA A N   1 
ATOM   427 C  CA  . ALA A 1 51 ? -4.932  9.951   1.785   1.00 21.18 ? 51  ALA A CA  1 
ATOM   428 C  C   . ALA A 1 51 ? -4.293  8.922   2.695   1.00 21.64 ? 51  ALA A C   1 
ATOM   429 O  O   . ALA A 1 51 ? -4.947  8.369   3.590   1.00 21.95 ? 51  ALA A O   1 
ATOM   430 C  CB  . ALA A 1 51 ? -4.914  11.338  2.485   1.00 21.50 ? 51  ALA A CB  1 
ATOM   431 N  N   . LEU A 1 52 ? -3.007  8.689   2.484   1.00 21.30 ? 52  LEU A N   1 
ATOM   432 C  CA  . LEU A 1 52 ? -2.241  7.858   3.415   1.00 21.29 ? 52  LEU A CA  1 
ATOM   433 C  C   . LEU A 1 52 ? -1.101  8.721   3.936   1.00 22.31 ? 52  LEU A C   1 
ATOM   434 O  O   . LEU A 1 52 ? -0.408  9.385   3.170   1.00 23.18 ? 52  LEU A O   1 
ATOM   435 C  CB  . LEU A 1 52 ? -1.653  6.645   2.700   1.00 22.88 ? 52  LEU A CB  1 
ATOM   436 C  CG  . LEU A 1 52 ? -2.694  5.707   2.077   1.00 21.82 ? 52  LEU A CG  1 
ATOM   437 C  CD1 . LEU A 1 52 ? -2.002  4.633   1.213   1.00 23.68 ? 52  LEU A CD1 1 
ATOM   438 C  CD2 . LEU A 1 52 ? -3.614  5.108   3.134   1.00 22.38 ? 52  LEU A CD2 1 
ATOM   439 N  N   . VAL A 1 53 ? -0.864  8.620   5.231   1.00 21.72 ? 53  VAL A N   1 
ATOM   440 C  CA  . VAL A 1 53 ? 0.216   9.350   5.857   1.00 20.83 ? 53  VAL A CA  1 
ATOM   441 C  C   . VAL A 1 53 ? 1.299   8.341   6.182   1.00 21.52 ? 53  VAL A C   1 
ATOM   442 O  O   . VAL A 1 53 ? 1.067   7.383   6.914   1.00 21.60 ? 53  VAL A O   1 
ATOM   443 C  CB  . VAL A 1 53 ? -0.287  10.022  7.139   1.00 21.09 ? 53  VAL A CB  1 
ATOM   444 C  CG1 . VAL A 1 53 ? 0.821   10.891  7.723   1.00 21.67 ? 53  VAL A CG1 1 
ATOM   445 C  CG2 . VAL A 1 53 ? -1.604  10.801  6.857   1.00 22.35 ? 53  VAL A CG2 1 
ATOM   446 N  N   . VAL A 1 54 ? 2.482   8.540   5.605   1.00 22.40 ? 54  VAL A N   1 
ATOM   447 C  CA  . VAL A 1 54 ? 3.503   7.485   5.529   1.00 22.66 ? 54  VAL A CA  1 
ATOM   448 C  C   . VAL A 1 54 ? 4.765   7.862   6.283   1.00 21.74 ? 54  VAL A C   1 
ATOM   449 O  O   . VAL A 1 54 ? 5.221   8.979   6.150   1.00 21.99 ? 54  VAL A O   1 
ATOM   450 C  CB  . VAL A 1 54 ? 3.927   7.252   4.039   1.00 23.21 ? 54  VAL A CB  1 
ATOM   451 C  CG1 . VAL A 1 54 ? 4.988   6.172   3.912   1.00 25.97 ? 54  VAL A CG1 1 
ATOM   452 C  CG2 . VAL A 1 54 ? 2.722   6.889   3.175   1.00 27.89 ? 54  VAL A CG2 1 
ATOM   453 N  N   . LYS A 1 55 ? 5.344   6.914   7.027   1.00 21.71 ? 55  LYS A N   1 
ATOM   454 C  CA  . LYS A 1 55 ? 6.690   7.056   7.547   1.00 22.75 ? 55  LYS A CA  1 
ATOM   455 C  C   . LYS A 1 55 ? 7.445   5.751   7.247   1.00 24.27 ? 55  LYS A C   1 
ATOM   456 O  O   . LYS A 1 55 ? 7.106   4.662   7.747   1.00 24.12 ? 55  LYS A O   1 
ATOM   457 C  CB  . LYS A 1 55 ? 6.712   7.399   9.039   1.00 22.56 ? 55  LYS A CB  1 
ATOM   458 C  CG  . LYS A 1 55 ? 8.130   7.397   9.669   1.00 23.10 ? 55  LYS A CG  1 
ATOM   459 C  CD  . LYS A 1 55 ? 8.067   7.654   11.170  1.00 23.51 ? 55  LYS A CD  1 
ATOM   460 C  CE  . LYS A 1 55 ? 7.666   9.102   11.426  1.00 24.43 ? 55  LYS A CE  1 
ATOM   461 N  NZ  . LYS A 1 55 ? 7.954   9.536   12.841  1.00 26.44 ? 55  LYS A NZ  1 
ATOM   462 N  N   . ARG A 1 56 ? 8.453   5.869   6.395   1.00 26.16 ? 56  ARG A N   1 
ATOM   463 C  CA  . ARG A 1 56 ? 9.274   4.688   6.100   1.00 28.35 ? 56  ARG A CA  1 
ATOM   464 C  C   . ARG A 1 56 ? 10.317  4.524   7.210   1.00 29.25 ? 56  ARG A C   1 
ATOM   465 O  O   . ARG A 1 56 ? 10.678  5.499   7.858   1.00 29.21 ? 56  ARG A O   1 
ATOM   466 C  CB  . ARG A 1 56 ? 9.937   4.823   4.743   1.00 29.08 ? 56  ARG A CB  1 
ATOM   467 C  CG  . ARG A 1 56 ? 8.985   4.879   3.589   1.00 31.48 ? 56  ARG A CG  1 
ATOM   468 C  CD  . ARG A 1 56 ? 9.797   5.213   2.360   1.00 35.79 ? 56  ARG A CD  1 
ATOM   469 N  NE  . ARG A 1 56 ? 8.973   5.695   1.259   1.00 38.15 ? 56  ARG A NE  1 
ATOM   470 C  CZ  . ARG A 1 56 ? 8.805   6.973   0.947   1.00 41.36 ? 56  ARG A CZ  1 
ATOM   471 N  NH1 . ARG A 1 56 ? 9.398   7.923   1.659   1.00 41.65 ? 56  ARG A NH1 1 
ATOM   472 N  NH2 . ARG A 1 56 ? 8.036   7.305   -0.085  1.00 42.14 ? 56  ARG A NH2 1 
ATOM   473 N  N   A VAL A 1 57 ? 10.822  3.306   7.420   0.50 29.64 ? 57  VAL A N   1 
ATOM   474 N  N   B VAL A 1 57 ? 10.781  3.290   7.422   0.50 29.66 ? 57  VAL A N   1 
ATOM   475 C  CA  A VAL A 1 57 ? 11.803  3.100   8.506   0.50 30.16 ? 57  VAL A CA  1 
ATOM   476 C  CA  B VAL A 1 57 ? 11.570  2.951   8.622   0.50 30.26 ? 57  VAL A CA  1 
ATOM   477 C  C   A VAL A 1 57 ? 13.005  4.040   8.443   0.50 30.33 ? 57  VAL A C   1 
ATOM   478 C  C   B VAL A 1 57 ? 12.673  3.948   9.019   0.50 30.58 ? 57  VAL A C   1 
ATOM   479 O  O   A VAL A 1 57 ? 13.572  4.280   7.378   0.50 29.78 ? 57  VAL A O   1 
ATOM   480 O  O   B VAL A 1 57 ? 12.829  4.266   10.201  0.50 30.72 ? 57  VAL A O   1 
ATOM   481 C  CB  A VAL A 1 57 ? 12.286  1.630   8.649   0.50 30.34 ? 57  VAL A CB  1 
ATOM   482 C  CB  B VAL A 1 57 ? 12.156  1.514   8.558   0.50 30.28 ? 57  VAL A CB  1 
ATOM   483 C  CG1 A VAL A 1 57 ? 11.369  0.862   9.583   0.50 30.92 ? 57  VAL A CG1 1 
ATOM   484 C  CG1 B VAL A 1 57 ? 13.279  1.436   7.532   0.50 30.86 ? 57  VAL A CG1 1 
ATOM   485 C  CG2 A VAL A 1 57 ? 12.411  0.953   7.302   0.50 30.08 ? 57  VAL A CG2 1 
ATOM   486 C  CG2 B VAL A 1 57 ? 12.644  1.080   9.946   0.50 29.36 ? 57  VAL A CG2 1 
ATOM   487 N  N   A GLY A 1 58 ? 13.366  4.597   9.598   0.50 30.53 ? 58  GLY A N   1 
ATOM   488 N  N   B GLY A 1 58 ? 13.424  4.452   8.040   0.50 30.83 ? 58  GLY A N   1 
ATOM   489 C  CA  A GLY A 1 58 ? 14.461  5.552   9.675   0.50 30.93 ? 58  GLY A CA  1 
ATOM   490 C  CA  B GLY A 1 58 ? 14.533  5.356   8.339   0.50 31.36 ? 58  GLY A CA  1 
ATOM   491 C  C   A GLY A 1 58 ? 14.077  6.997   9.387   0.50 31.20 ? 58  GLY A C   1 
ATOM   492 C  C   B GLY A 1 58 ? 14.223  6.842   8.286   0.50 31.50 ? 58  GLY A C   1 
ATOM   493 O  O   A GLY A 1 58 ? 14.777  7.908   9.839   0.50 31.07 ? 58  GLY A O   1 
ATOM   494 O  O   B GLY A 1 58 ? 15.107  7.648   7.980   0.50 31.63 ? 58  GLY A O   1 
ATOM   495 N  N   . GLU A 1 59 ? 12.988  7.209   8.631   1.00 31.66 ? 59  GLU A N   1 
ATOM   496 C  CA  . GLU A 1 59 ? 12.467  8.574   8.359   1.00 31.32 ? 59  GLU A CA  1 
ATOM   497 C  C   . GLU A 1 59 ? 12.050  9.308   9.622   1.00 30.50 ? 59  GLU A C   1 
ATOM   498 O  O   . GLU A 1 59 ? 11.464  8.727   10.541  1.00 30.95 ? 59  GLU A O   1 
ATOM   499 C  CB  . GLU A 1 59 ? 11.306  8.566   7.347   1.00 31.55 ? 59  GLU A CB  1 
ATOM   500 C  CG  . GLU A 1 59 ? 11.739  8.170   5.945   1.00 32.79 ? 59  GLU A CG  1 
ATOM   501 C  CD  . GLU A 1 59 ? 10.637  8.263   4.885   1.00 33.53 ? 59  GLU A CD  1 
ATOM   502 O  OE1 . GLU A 1 59 ? 9.412   8.100   5.166   1.00 36.24 ? 59  GLU A OE1 1 
ATOM   503 O  OE2 . GLU A 1 59 ? 11.019  8.498   3.722   1.00 37.68 ? 59  GLU A OE2 1 
ATOM   504 N  N   . ALA A 1 60 ? 12.389  10.591  9.681   1.00 28.10 ? 60  ALA A N   1 
ATOM   505 C  CA  . ALA A 1 60 ? 12.084  11.373  10.855  1.00 26.21 ? 60  ALA A CA  1 
ATOM   506 C  C   . ALA A 1 60 ? 10.618  11.810  10.807  1.00 24.75 ? 60  ALA A C   1 
ATOM   507 O  O   . ALA A 1 60 ? 9.972   11.941  11.850  1.00 24.18 ? 60  ALA A O   1 
ATOM   508 C  CB  . ALA A 1 60 ? 12.988  12.581  10.920  1.00 26.55 ? 60  ALA A CB  1 
ATOM   509 N  N   . ASP A 1 61 ? 10.123  12.042  9.594   1.00 23.45 ? 61  ASP A N   1 
ATOM   510 C  CA  . ASP A 1 61 ? 8.826   12.706  9.394   1.00 22.60 ? 61  ASP A CA  1 
ATOM   511 C  C   . ASP A 1 61 ? 7.751   11.809  8.750   1.00 23.58 ? 61  ASP A C   1 
ATOM   512 O  O   . ASP A 1 61 ? 8.065   10.811  8.085   1.00 24.01 ? 61  ASP A O   1 
ATOM   513 C  CB  . ASP A 1 61 ? 8.990   13.966  8.521   1.00 23.30 ? 61  ASP A CB  1 
ATOM   514 C  CG  . ASP A 1 61 ? 9.986   14.973  9.099   1.00 21.27 ? 61  ASP A CG  1 
ATOM   515 O  OD1 . ASP A 1 61 ? 10.037  15.130  10.335  1.00 21.66 ? 61  ASP A OD1 1 
ATOM   516 O  OD2 . ASP A 1 61 ? 10.729  15.604  8.319   1.00 20.03 ? 61  ASP A OD2 1 
ATOM   517 N  N   . TRP A 1 62 ? 6.494   12.186  8.948   1.00 22.79 ? 62  TRP A N   1 
ATOM   518 C  CA  . TRP A 1 62 ? 5.357   11.572  8.237   1.00 22.84 ? 62  TRP A CA  1 
ATOM   519 C  C   . TRP A 1 62 ? 5.097   12.422  7.004   1.00 22.96 ? 62  TRP A C   1 
ATOM   520 O  O   . TRP A 1 62 ? 5.276   13.652  7.052   1.00 23.91 ? 62  TRP A O   1 
ATOM   521 C  CB  . TRP A 1 62 ? 4.120   11.609  9.114   1.00 23.06 ? 62  TRP A CB  1 
ATOM   522 C  CG  . TRP A 1 62 ? 4.218   10.761  10.318  1.00 22.25 ? 62  TRP A CG  1 
ATOM   523 C  CD1 . TRP A 1 62 ? 4.724   11.124  11.546  1.00 22.89 ? 62  TRP A CD1 1 
ATOM   524 C  CD2 . TRP A 1 62 ? 3.798   9.392   10.442  1.00 22.75 ? 62  TRP A CD2 1 
ATOM   525 N  NE1 . TRP A 1 62 ? 4.651   10.056  12.416  1.00 24.08 ? 62  TRP A NE1 1 
ATOM   526 C  CE2 . TRP A 1 62 ? 4.086   8.985   11.770  1.00 22.42 ? 62  TRP A CE2 1 
ATOM   527 C  CE3 . TRP A 1 62 ? 3.211   8.472   9.566   1.00 21.91 ? 62  TRP A CE3 1 
ATOM   528 C  CZ2 . TRP A 1 62 ? 3.795   7.693   12.246  1.00 24.53 ? 62  TRP A CZ2 1 
ATOM   529 C  CZ3 . TRP A 1 62 ? 2.922   7.186   10.032  1.00 22.35 ? 62  TRP A CZ3 1 
ATOM   530 C  CH2 . TRP A 1 62 ? 3.220   6.804   11.367  1.00 22.61 ? 62  TRP A CH2 1 
ATOM   531 N  N   . THR A 1 63 ? 4.679   11.787  5.909   1.00 22.25 ? 63  THR A N   1 
ATOM   532 C  CA  . THR A 1 63 ? 4.341   12.495  4.671   1.00 22.49 ? 63  THR A CA  1 
ATOM   533 C  C   . THR A 1 63 ? 2.963   12.066  4.198   1.00 22.31 ? 63  THR A C   1 
ATOM   534 O  O   . THR A 1 63 ? 2.694   10.872  4.103   1.00 23.33 ? 63  THR A O   1 
ATOM   535 C  CB  . THR A 1 63 ? 5.346   12.202  3.537   1.00 23.19 ? 63  THR A CB  1 
ATOM   536 O  OG1 . THR A 1 63 ? 6.670   12.560  3.962   1.00 25.22 ? 63  THR A OG1 1 
ATOM   537 C  CG2 . THR A 1 63 ? 4.979   12.976  2.267   1.00 22.83 ? 63  THR A CG2 1 
ATOM   538 N  N   . THR A 1 64 ? 2.097   13.047  3.943   1.00 22.05 ? 64  THR A N   1 
ATOM   539 C  CA  . THR A 1 64 ? 0.734   12.769  3.493   1.00 22.10 ? 64  THR A CA  1 
ATOM   540 C  C   . THR A 1 64 ? 0.726   12.697  1.971   1.00 22.83 ? 64  THR A C   1 
ATOM   541 O  O   . THR A 1 64 ? 1.153   13.640  1.296   1.00 23.28 ? 64  THR A O   1 
ATOM   542 C  CB  . THR A 1 64 ? -0.253  13.877  3.974   1.00 22.82 ? 64  THR A CB  1 
ATOM   543 O  OG1 . THR A 1 64 ? -0.200  13.949  5.398   1.00 20.95 ? 64  THR A OG1 1 
ATOM   544 C  CG2 . THR A 1 64 ? -1.662  13.573  3.526   1.00 23.30 ? 64  THR A CG2 1 
ATOM   545 N  N   . TYR A 1 65 ? 0.221   11.583  1.444   1.00 22.31 ? 65  TYR A N   1 
ATOM   546 C  CA  . TYR A 1 65 ? -0.016  11.423  0.017   1.00 22.84 ? 65  TYR A CA  1 
ATOM   547 C  C   . TYR A 1 65 ? -1.513  11.355  -0.193  1.00 22.90 ? 65  TYR A C   1 
ATOM   548 O  O   . TYR A 1 65 ? -2.200  10.591  0.479   1.00 23.00 ? 65  TYR A O   1 
ATOM   549 C  CB  . TYR A 1 65 ? 0.607   10.128  -0.511  1.00 24.22 ? 65  TYR A CB  1 
ATOM   550 C  CG  . TYR A 1 65 ? 2.101   10.160  -0.436  1.00 24.09 ? 65  TYR A CG  1 
ATOM   551 C  CD1 . TYR A 1 65 ? 2.757   9.686   0.698   1.00 25.70 ? 65  TYR A CD1 1 
ATOM   552 C  CD2 . TYR A 1 65 ? 2.856   10.669  -1.489  1.00 25.51 ? 65  TYR A CD2 1 
ATOM   553 C  CE1 . TYR A 1 65 ? 4.129   9.732   0.791   1.00 24.43 ? 65  TYR A CE1 1 
ATOM   554 C  CE2 . TYR A 1 65 ? 4.253   10.715  -1.401  1.00 25.60 ? 65  TYR A CE2 1 
ATOM   555 C  CZ  . TYR A 1 65 ? 4.872   10.242  -0.262  1.00 26.40 ? 65  TYR A CZ  1 
ATOM   556 O  OH  . TYR A 1 65 ? 6.261   10.250  -0.143  1.00 29.41 ? 65  TYR A OH  1 
ATOM   557 N  N   A SER A 1 66 ? -2.009  12.162  -1.124  0.50 22.70 ? 66  SER A N   1 
ATOM   558 N  N   B SER A 1 66 ? -2.009  12.177  -1.114  0.50 23.13 ? 66  SER A N   1 
ATOM   559 C  CA  A SER A 1 66 ? -3.444  12.266  -1.371  0.50 22.72 ? 66  SER A CA  1 
ATOM   560 C  CA  B SER A 1 66 ? -3.444  12.290  -1.380  0.50 23.65 ? 66  SER A CA  1 
ATOM   561 C  C   A SER A 1 66 ? -3.804  11.623  -2.711  0.50 22.75 ? 66  SER A C   1 
ATOM   562 C  C   B SER A 1 66 ? -3.806  11.611  -2.702  0.50 23.25 ? 66  SER A C   1 
ATOM   563 O  O   A SER A 1 66 ? -2.929  11.139  -3.416  0.50 22.59 ? 66  SER A O   1 
ATOM   564 O  O   B SER A 1 66 ? -2.934  11.091  -3.386  0.50 23.14 ? 66  SER A O   1 
ATOM   565 C  CB  A SER A 1 66 ? -3.884  13.734  -1.306  0.50 22.95 ? 66  SER A CB  1 
ATOM   566 C  CB  B SER A 1 66 ? -3.879  13.764  -1.380  0.50 24.01 ? 66  SER A CB  1 
ATOM   567 O  OG  A SER A 1 66 ? -3.576  14.291  -0.036  0.50 21.76 ? 66  SER A OG  1 
ATOM   568 O  OG  B SER A 1 66 ? -3.019  14.558  -2.181  0.50 26.29 ? 66  SER A OG  1 
ATOM   569 N  N   . SER A 1 67 ? -5.096  11.622  -3.051  1.00 23.45 ? 67  SER A N   1 
ATOM   570 C  CA  . SER A 1 67 ? -5.599  10.928  -4.242  1.00 23.19 ? 67  SER A CA  1 
ATOM   571 C  C   . SER A 1 67 ? -4.778  11.235  -5.480  1.00 24.06 ? 67  SER A C   1 
ATOM   572 O  O   . SER A 1 67 ? -4.536  12.419  -5.789  1.00 24.41 ? 67  SER A O   1 
ATOM   573 C  CB  . SER A 1 67 ? -7.073  11.303  -4.497  1.00 24.31 ? 67  SER A CB  1 
ATOM   574 O  OG  . SER A 1 67 ? -7.809  11.363  -3.277  1.00 24.12 ? 67  SER A OG  1 
ATOM   575 N  N   . GLY A 1 68 ? -4.361  10.164  -6.166  1.00 23.23 ? 68  GLY A N   1 
ATOM   576 C  CA  . GLY A 1 68 ? -3.577  10.243  -7.403  1.00 23.75 ? 68  GLY A CA  1 
ATOM   577 C  C   . GLY A 1 68 ? -2.077  10.227  -7.182  1.00 24.43 ? 68  GLY A C   1 
ATOM   578 O  O   . GLY A 1 68 ? -1.335  10.031  -8.138  1.00 26.50 ? 68  GLY A O   1 
ATOM   579 N  N   . GLU A 1 69 ? -1.623  10.418  -5.938  1.00 22.92 ? 69  GLU A N   1 
ATOM   580 C  CA  . GLU A 1 69 ? -0.196  10.438  -5.644  1.00 23.29 ? 69  GLU A CA  1 
ATOM   581 C  C   . GLU A 1 69 ? 0.330   9.044   -5.343  1.00 23.01 ? 69  GLU A C   1 
ATOM   582 O  O   . GLU A 1 69 ? -0.394  8.193   -4.837  1.00 23.98 ? 69  GLU A O   1 
ATOM   583 C  CB  . GLU A 1 69 ? 0.110   11.382  -4.476  1.00 22.87 ? 69  GLU A CB  1 
ATOM   584 C  CG  . GLU A 1 69 ? -0.297  12.823  -4.811  1.00 24.40 ? 69  GLU A CG  1 
ATOM   585 C  CD  . GLU A 1 69 ? 0.100   13.874  -3.784  1.00 25.88 ? 69  GLU A CD  1 
ATOM   586 O  OE1 . GLU A 1 69 ? 0.175   13.587  -2.576  1.00 27.22 ? 69  GLU A OE1 1 
ATOM   587 O  OE2 . GLU A 1 69 ? 0.309   15.037  -4.208  1.00 31.84 ? 69  GLU A OE2 1 
ATOM   588 N  N   . SER A 1 70 ? 1.598   8.825   -5.667  1.00 23.56 ? 70  SER A N   1 
ATOM   589 C  CA  . SER A 1 70 ? 2.241   7.538   -5.437  1.00 22.86 ? 70  SER A CA  1 
ATOM   590 C  C   . SER A 1 70 ? 3.523   7.716   -4.632  1.00 23.39 ? 70  SER A C   1 
ATOM   591 O  O   . SER A 1 70 ? 4.193   8.790   -4.678  1.00 22.25 ? 70  SER A O   1 
ATOM   592 C  CB  . SER A 1 70 ? 2.605   6.853   -6.770  1.00 23.43 ? 70  SER A CB  1 
ATOM   593 O  OG  . SER A 1 70 ? 1.479   6.668   -7.600  1.00 26.74 ? 70  SER A OG  1 
ATOM   594 N  N   . PHE A 1 71 ? 3.910   6.648   -3.950  1.00 22.31 ? 71  PHE A N   1 
ATOM   595 C  CA  . PHE A 1 71 ? 5.197   6.625   -3.259  1.00 23.34 ? 71  PHE A CA  1 
ATOM   596 C  C   . PHE A 1 71 ? 5.791   5.234   -3.332  1.00 23.41 ? 71  PHE A C   1 
ATOM   597 O  O   . PHE A 1 71 ? 5.071   4.243   -3.416  1.00 23.00 ? 71  PHE A O   1 
ATOM   598 C  CB  . PHE A 1 71 ? 5.060   7.105   -1.816  1.00 24.16 ? 71  PHE A CB  1 
ATOM   599 C  CG  . PHE A 1 71 ? 4.124   6.267   -0.971  1.00 25.30 ? 71  PHE A CG  1 
ATOM   600 C  CD1 . PHE A 1 71 ? 2.744   6.560   -0.927  1.00 24.60 ? 71  PHE A CD1 1 
ATOM   601 C  CD2 . PHE A 1 71 ? 4.611   5.203   -0.202  1.00 24.92 ? 71  PHE A CD2 1 
ATOM   602 C  CE1 . PHE A 1 71 ? 1.865   5.778   -0.173  1.00 25.73 ? 71  PHE A CE1 1 
ATOM   603 C  CE2 . PHE A 1 71 ? 3.734   4.426   0.576   1.00 27.06 ? 71  PHE A CE2 1 
ATOM   604 C  CZ  . PHE A 1 71 ? 2.355   4.744   0.602   1.00 27.23 ? 71  PHE A CZ  1 
ATOM   605 N  N   . ASP A 1 72 ? 7.121   5.171   -3.383  1.00 24.42 ? 72  ASP A N   1 
ATOM   606 C  CA  . ASP A 1 72 ? 7.807   3.919   -3.449  1.00 24.13 ? 72  ASP A CA  1 
ATOM   607 C  C   . ASP A 1 72 ? 8.304   3.611   -2.057  1.00 24.74 ? 72  ASP A C   1 
ATOM   608 O  O   . ASP A 1 72 ? 8.678   4.501   -1.294  1.00 25.39 ? 72  ASP A O   1 
ATOM   609 C  CB  . ASP A 1 72 ? 9.034   3.974   -4.381  1.00 24.94 ? 72  ASP A CB  1 
ATOM   610 C  CG  . ASP A 1 72 ? 8.664   4.018   -5.870  1.00 26.69 ? 72  ASP A CG  1 
ATOM   611 O  OD1 . ASP A 1 72 ? 7.495   3.789   -6.208  1.00 29.08 ? 72  ASP A OD1 1 
ATOM   612 O  OD2 . ASP A 1 72 ? 9.574   4.245   -6.696  1.00 29.36 ? 72  ASP A OD2 1 
ATOM   613 N  N   A VAL A 1 73 ? 8.275   2.323   -1.767  0.50 24.38 ? 73  VAL A N   1 
ATOM   614 N  N   B VAL A 1 73 ? 8.321   2.350   -1.701  0.50 23.87 ? 73  VAL A N   1 
ATOM   615 C  CA  A VAL A 1 73 ? 8.795   1.750   -0.532  0.50 25.20 ? 73  VAL A CA  1 
ATOM   616 C  CA  B VAL A 1 73 ? 9.082   1.947   -0.519  0.50 24.15 ? 73  VAL A CA  1 
ATOM   617 C  C   A VAL A 1 73 ? 9.889   0.726   -0.871  0.50 24.87 ? 73  VAL A C   1 
ATOM   618 C  C   B VAL A 1 73 ? 10.166  0.998   -0.993  0.50 23.92 ? 73  VAL A C   1 
ATOM   619 O  O   A VAL A 1 73 ? 9.611   -0.365  -1.387  0.50 24.80 ? 73  VAL A O   1 
ATOM   620 O  O   B VAL A 1 73 ? 9.929   0.159   -1.861  0.50 23.97 ? 73  VAL A O   1 
ATOM   621 C  CB  A VAL A 1 73 ? 7.664   1.134   0.325   0.50 25.19 ? 73  VAL A CB  1 
ATOM   622 C  CB  B VAL A 1 73 ? 8.192   1.287   0.555   0.50 24.01 ? 73  VAL A CB  1 
ATOM   623 C  CG1 A VAL A 1 73 ? 6.740   2.231   0.839   0.50 23.36 ? 73  VAL A CG1 1 
ATOM   624 C  CG1 B VAL A 1 73 ? 7.659   -0.023  0.084   0.50 24.74 ? 73  VAL A CG1 1 
ATOM   625 C  CG2 A VAL A 1 73 ? 6.844   0.112   -0.456  0.50 27.41 ? 73  VAL A CG2 1 
ATOM   626 C  CG2 B VAL A 1 73 ? 8.935   1.111   1.870   0.50 22.05 ? 73  VAL A CG2 1 
ATOM   627 N  N   A GLU A 1 74 ? 11.138  1.087   -0.580  0.50 24.55 ? 74  GLU A N   1 
ATOM   628 N  N   B GLU A 1 74 ? 11.359  1.135   -0.426  0.50 23.77 ? 74  GLU A N   1 
ATOM   629 C  CA  A GLU A 1 74 ? 12.255  0.195   -0.860  0.50 24.29 ? 74  GLU A CA  1 
ATOM   630 C  CA  B GLU A 1 74 ? 12.425  0.202   -0.736  0.50 24.00 ? 74  GLU A CA  1 
ATOM   631 C  C   A GLU A 1 74 ? 11.951  -1.213  -0.354  0.50 23.82 ? 74  GLU A C   1 
ATOM   632 C  C   B GLU A 1 74 ? 12.026  -1.199  -0.293  0.50 23.58 ? 74  GLU A C   1 
ATOM   633 O  O   A GLU A 1 74 ? 11.071  -1.397  0.483   0.50 24.32 ? 74  GLU A O   1 
ATOM   634 O  O   B GLU A 1 74 ? 11.139  -1.363  0.540   0.50 24.10 ? 74  GLU A O   1 
ATOM   635 C  CB  A GLU A 1 74 ? 13.551  0.727   -0.240  0.50 24.27 ? 74  GLU A CB  1 
ATOM   636 C  CB  B GLU A 1 74 ? 13.716  0.623   -0.044  0.50 24.05 ? 74  GLU A CB  1 
ATOM   637 C  CG  A GLU A 1 74 ? 13.591  0.740   1.281   0.50 25.20 ? 74  GLU A CG  1 
ATOM   638 C  CG  B GLU A 1 74 ? 14.439  1.756   -0.742  0.50 25.99 ? 74  GLU A CG  1 
ATOM   639 C  CD  A GLU A 1 74 ? 15.003  0.782   1.802   0.50 27.30 ? 74  GLU A CD  1 
ATOM   640 C  CD  B GLU A 1 74 ? 15.537  2.340   0.112   0.50 27.22 ? 74  GLU A CD  1 
ATOM   641 O  OE1 A GLU A 1 74 ? 15.777  -0.139  1.473   0.50 29.50 ? 74  GLU A OE1 1 
ATOM   642 O  OE1 B GLU A 1 74 ? 15.284  2.573   1.315   0.50 29.29 ? 74  GLU A OE1 1 
ATOM   643 O  OE2 A GLU A 1 74 ? 15.346  1.729   2.540   0.50 27.64 ? 74  GLU A OE2 1 
ATOM   644 O  OE2 B GLU A 1 74 ? 16.642  2.577   -0.417  0.50 26.71 ? 74  GLU A OE2 1 
ATOM   645 N  N   . GLY A 1 75 ? 12.676  -2.203  -0.864  1.00 23.86 ? 75  GLY A N   1 
ATOM   646 C  CA  . GLY A 1 75 ? 12.445  -3.582  -0.443  1.00 22.73 ? 75  GLY A CA  1 
ATOM   647 C  C   . GLY A 1 75 ? 13.193  -3.841  0.851   1.00 22.74 ? 75  GLY A C   1 
ATOM   648 O  O   . GLY A 1 75 ? 13.959  -2.984  1.329   1.00 22.50 ? 75  GLY A O   1 
ATOM   649 N  N   . ASN A 1 76 ? 12.998  -5.027  1.418   1.00 21.97 ? 76  ASN A N   1 
ATOM   650 C  CA  . ASN A 1 76 ? 13.746  -5.427  2.620   1.00 22.69 ? 76  ASN A CA  1 
ATOM   651 C  C   . ASN A 1 76 ? 13.566  -4.402  3.731   1.00 22.66 ? 76  ASN A C   1 
ATOM   652 O  O   . ASN A 1 76 ? 14.527  -4.051  4.407   1.00 21.89 ? 76  ASN A O   1 
ATOM   653 C  CB  . ASN A 1 76 ? 15.245  -5.621  2.342   1.00 21.56 ? 76  ASN A CB  1 
ATOM   654 C  CG  . ASN A 1 76 ? 15.948  -6.335  3.484   1.00 21.31 ? 76  ASN A CG  1 
ATOM   655 O  OD1 . ASN A 1 76 ? 15.397  -7.289  4.045   1.00 20.52 ? 76  ASN A OD1 1 
ATOM   656 N  ND2 . ASN A 1 76 ? 17.157  -5.885  3.840   1.00 19.11 ? 76  ASN A ND2 1 
ATOM   657 N  N   . SER A 1 77 ? 12.330  -3.928  3.909   1.00 23.61 ? 77  SER A N   1 
ATOM   658 C  CA  . SER A 1 77 ? 12.095  -2.802  4.791   1.00 24.89 ? 77  SER A CA  1 
ATOM   659 C  C   . SER A 1 77 ? 10.706  -2.884  5.390   1.00 25.65 ? 77  SER A C   1 
ATOM   660 O  O   . SER A 1 77 ? 10.033  -3.936  5.336   1.00 25.48 ? 77  SER A O   1 
ATOM   661 C  CB  . SER A 1 77 ? 12.266  -1.500  3.986   1.00 25.43 ? 77  SER A CB  1 
ATOM   662 O  OG  . SER A 1 77 ? 12.448  -0.365  4.801   1.00 24.63 ? 77  SER A OG  1 
ATOM   663 N  N   . SER A 1 78 ? 10.271  -1.762  5.951   1.00 25.70 ? 78  SER A N   1 
ATOM   664 C  CA  . SER A 1 78 ? 8.917   -1.659  6.463   1.00 26.15 ? 78  SER A CA  1 
ATOM   665 C  C   . SER A 1 78 ? 8.523   -0.226  6.422   1.00 25.46 ? 78  SER A C   1 
ATOM   666 O  O   . SER A 1 78 ? 9.358   0.667   6.217   1.00 25.64 ? 78  SER A O   1 
ATOM   667 C  CB  . SER A 1 78 ? 8.824   -2.177  7.897   1.00 26.78 ? 78  SER A CB  1 
ATOM   668 O  OG  . SER A 1 78 ? 9.646   -1.435  8.745   1.00 28.51 ? 78  SER A OG  1 
ATOM   669 N  N   . PHE A 1 79 ? 7.230   0.009   6.579   1.00 25.87 ? 79  PHE A N   1 
ATOM   670 C  CA  . PHE A 1 79 ? 6.743   1.362   6.636   1.00 24.38 ? 79  PHE A CA  1 
ATOM   671 C  C   . PHE A 1 79 ? 5.462   1.396   7.474   1.00 24.01 ? 79  PHE A C   1 
ATOM   672 O  O   . PHE A 1 79 ? 4.713   0.405   7.551   1.00 24.10 ? 79  PHE A O   1 
ATOM   673 C  CB  . PHE A 1 79 ? 6.516   1.921   5.226   1.00 25.30 ? 79  PHE A CB  1 
ATOM   674 C  CG  . PHE A 1 79 ? 5.450   1.204   4.428   1.00 24.31 ? 79  PHE A CG  1 
ATOM   675 C  CD1 . PHE A 1 79 ? 5.713   -0.017  3.815   1.00 26.29 ? 79  PHE A CD1 1 
ATOM   676 C  CD2 . PHE A 1 79 ? 4.203   1.796   4.225   1.00 27.92 ? 79  PHE A CD2 1 
ATOM   677 C  CE1 . PHE A 1 79 ? 4.735   -0.658  3.072   1.00 29.58 ? 79  PHE A CE1 1 
ATOM   678 C  CE2 . PHE A 1 79 ? 3.219   1.175   3.454   1.00 27.50 ? 79  PHE A CE2 1 
ATOM   679 C  CZ  . PHE A 1 79 ? 3.482   -0.059  2.879   1.00 28.15 ? 79  PHE A CZ  1 
ATOM   680 N  N   A GLU A 1 80 ? 5.241   2.536   8.113   0.50 22.83 ? 80  GLU A N   1 
ATOM   681 N  N   B GLU A 1 80 ? 5.231   2.531   8.124   0.50 23.17 ? 80  GLU A N   1 
ATOM   682 C  CA  A GLU A 1 80 ? 4.021   2.768   8.863   0.50 22.80 ? 80  GLU A CA  1 
ATOM   683 C  CA  B GLU A 1 80 ? 4.010   2.734   8.887   0.50 23.43 ? 80  GLU A CA  1 
ATOM   684 C  C   A GLU A 1 80 ? 3.076   3.649   8.053   0.50 22.07 ? 80  GLU A C   1 
ATOM   685 C  C   B GLU A 1 80 ? 3.080   3.699   8.156   0.50 22.53 ? 80  GLU A C   1 
ATOM   686 O  O   A GLU A 1 80 ? 3.518   4.492   7.281   0.50 22.00 ? 80  GLU A O   1 
ATOM   687 O  O   B GLU A 1 80 ? 3.538   4.665   7.560   0.50 22.50 ? 80  GLU A O   1 
ATOM   688 C  CB  A GLU A 1 80 ? 4.334   3.441   10.202  0.50 22.62 ? 80  GLU A CB  1 
ATOM   689 C  CB  B GLU A 1 80 ? 4.327   3.279   10.285  0.50 23.60 ? 80  GLU A CB  1 
ATOM   690 C  CG  A GLU A 1 80 ? 5.186   2.582   11.132  0.50 24.31 ? 80  GLU A CG  1 
ATOM   691 C  CG  B GLU A 1 80 ? 3.150   3.238   11.250  0.50 26.62 ? 80  GLU A CG  1 
ATOM   692 C  CD  A GLU A 1 80 ? 5.752   3.362   12.290  0.50 26.96 ? 80  GLU A CD  1 
ATOM   693 C  CD  B GLU A 1 80 ? 3.571   3.242   12.708  0.50 30.34 ? 80  GLU A CD  1 
ATOM   694 O  OE1 A GLU A 1 80 ? 5.289   3.132   13.424  0.50 29.53 ? 80  GLU A OE1 1 
ATOM   695 O  OE1 B GLU A 1 80 ? 4.524   3.969   13.064  0.50 28.98 ? 80  GLU A OE1 1 
ATOM   696 O  OE2 A GLU A 1 80 ? 6.651   4.206   12.077  0.50 28.97 ? 80  GLU A OE2 1 
ATOM   697 O  OE2 B GLU A 1 80 ? 2.934   2.510   13.501  0.50 33.16 ? 80  GLU A OE2 1 
ATOM   698 N  N   . LEU A 1 81 ? 1.782   3.427   8.235   1.00 22.28 ? 81  LEU A N   1 
ATOM   699 C  CA  . LEU A 1 81 ? 0.745   4.287   7.660   1.00 22.21 ? 81  LEU A CA  1 
ATOM   700 C  C   . LEU A 1 81 ? -0.228  4.748   8.739   1.00 22.49 ? 81  LEU A C   1 
ATOM   701 O  O   . LEU A 1 81 ? -0.675  3.934   9.555   1.00 22.99 ? 81  LEU A O   1 
ATOM   702 C  CB  . LEU A 1 81 ? -0.062  3.533   6.597   1.00 23.73 ? 81  LEU A CB  1 
ATOM   703 C  CG  . LEU A 1 81 ? 0.684   3.093   5.334   1.00 25.83 ? 81  LEU A CG  1 
ATOM   704 C  CD1 . LEU A 1 81 ? -0.281  2.430   4.373   1.00 27.59 ? 81  LEU A CD1 1 
ATOM   705 C  CD2 . LEU A 1 81 ? 1.339   4.265   4.608   1.00 28.72 ? 81  LEU A CD2 1 
ATOM   706 N  N   . GLN A 1 82 ? -0.528  6.046   8.749   1.00 21.42 ? 82  GLN A N   1 
ATOM   707 C  CA  . GLN A 1 82 ? -1.712  6.547   9.443   1.00 23.28 ? 82  GLN A CA  1 
ATOM   708 C  C   . GLN A 1 82 ? -2.791  6.856   8.406   1.00 22.12 ? 82  GLN A C   1 
ATOM   709 O  O   . GLN A 1 82 ? -2.524  7.478   7.358   1.00 22.28 ? 82  GLN A O   1 
ATOM   710 C  CB  . GLN A 1 82 ? -1.421  7.806   10.232  1.00 23.08 ? 82  GLN A CB  1 
ATOM   711 C  CG  . GLN A 1 82 ? -0.513  7.603   11.444  1.00 26.47 ? 82  GLN A CG  1 
ATOM   712 C  CD  . GLN A 1 82 ? -0.156  8.929   12.110  1.00 26.91 ? 82  GLN A CD  1 
ATOM   713 O  OE1 . GLN A 1 82 ? -0.640  9.983   11.704  1.00 33.45 ? 82  GLN A OE1 1 
ATOM   714 N  NE2 . GLN A 1 82 ? 0.705   8.880   13.123  1.00 30.94 ? 82  GLN A NE2 1 
ATOM   715 N  N   . VAL A 1 83 ? -3.993  6.374   8.694   1.00 21.58 ? 83  VAL A N   1 
ATOM   716 C  CA  . VAL A 1 83 ? -5.157  6.571   7.849   1.00 21.61 ? 83  VAL A CA  1 
ATOM   717 C  C   . VAL A 1 83 ? -6.158  7.415   8.671   1.00 22.32 ? 83  VAL A C   1 
ATOM   718 O  O   . VAL A 1 83 ? -6.573  7.030   9.762   1.00 22.28 ? 83  VAL A O   1 
ATOM   719 C  CB  . VAL A 1 83 ? -5.738  5.227   7.445   1.00 21.42 ? 83  VAL A CB  1 
ATOM   720 C  CG1 . VAL A 1 83 ? -6.979  5.408   6.581   1.00 22.58 ? 83  VAL A CG1 1 
ATOM   721 C  CG2 . VAL A 1 83 ? -4.652  4.405   6.735   1.00 21.33 ? 83  VAL A CG2 1 
ATOM   722 N  N   . LYS A 1 84 ? -6.457  8.609   8.171   1.00 23.10 ? 84  LYS A N   1 
ATOM   723 C  CA  A LYS A 1 84 ? -7.376  9.531   8.857   0.50 23.45 ? 84  LYS A CA  1 
ATOM   724 C  CA  B LYS A 1 84 ? -7.367  9.526   8.868   0.50 23.75 ? 84  LYS A CA  1 
ATOM   725 C  C   . LYS A 1 84 ? -8.826  9.327   8.430   1.00 23.82 ? 84  LYS A C   1 
ATOM   726 O  O   . LYS A 1 84 ? -9.747  9.485   9.223   1.00 23.73 ? 84  LYS A O   1 
ATOM   727 C  CB  A LYS A 1 84 ? -6.947  10.973  8.618   0.50 23.59 ? 84  LYS A CB  1 
ATOM   728 C  CB  B LYS A 1 84 ? -6.903  10.978  8.689   0.50 24.28 ? 84  LYS A CB  1 
ATOM   729 C  CG  A LYS A 1 84 ? -5.611  11.285  9.241   0.50 23.43 ? 84  LYS A CG  1 
ATOM   730 C  CG  B LYS A 1 84 ? -5.427  11.229  9.075   0.50 25.03 ? 84  LYS A CG  1 
ATOM   731 C  CD  A LYS A 1 84 ? -5.212  12.713  9.001   0.50 23.77 ? 84  LYS A CD  1 
ATOM   732 C  CD  B LYS A 1 84 ? -5.122  10.850  10.530  0.50 26.66 ? 84  LYS A CD  1 
ATOM   733 C  CE  A LYS A 1 84 ? -3.935  13.034  9.730   0.50 23.86 ? 84  LYS A CE  1 
ATOM   734 C  CE  B LYS A 1 84 ? -3.634  10.822  10.832  0.50 27.06 ? 84  LYS A CE  1 
ATOM   735 N  NZ  A LYS A 1 84 ? -3.482  14.384  9.307   0.50 25.26 ? 84  LYS A NZ  1 
ATOM   736 N  NZ  B LYS A 1 84 ? -3.378  10.149  12.141  0.50 25.26 ? 84  LYS A NZ  1 
ATOM   737 N  N   . ASP A 1 85 ? -9.015  8.967   7.168   1.00 23.47 ? 85  ASP A N   1 
ATOM   738 C  CA  . ASP A 1 85 ? -10.320 8.703   6.589   1.00 23.60 ? 85  ASP A CA  1 
ATOM   739 C  C   . ASP A 1 85 ? -10.228 7.459   5.718   1.00 23.72 ? 85  ASP A C   1 
ATOM   740 O  O   . ASP A 1 85 ? -9.168  7.236   5.114   1.00 23.45 ? 85  ASP A O   1 
ATOM   741 C  CB  . ASP A 1 85 ? -10.723 9.902   5.730   1.00 24.36 ? 85  ASP A CB  1 
ATOM   742 C  CG  . ASP A 1 85 ? -10.788 11.184  6.533   1.00 26.27 ? 85  ASP A CG  1 
ATOM   743 O  OD1 . ASP A 1 85 ? -11.735 11.309  7.315   1.00 27.12 ? 85  ASP A OD1 1 
ATOM   744 O  OD2 . ASP A 1 85 ? -9.879  12.038  6.435   1.00 28.45 ? 85  ASP A OD2 1 
ATOM   745 N  N   . ALA A 1 86 ? -11.302 6.652   5.649   1.00 22.35 ? 86  ALA A N   1 
ATOM   746 C  CA  . ALA A 1 86 ? -11.242 5.391   4.870   1.00 21.33 ? 86  ALA A CA  1 
ATOM   747 C  C   . ALA A 1 86 ? -10.735 5.696   3.469   1.00 21.15 ? 86  ALA A C   1 
ATOM   748 O  O   . ALA A 1 86 ? -11.241 6.592   2.811   1.00 20.92 ? 86  ALA A O   1 
ATOM   749 C  CB  . ALA A 1 86 ? -12.588 4.719   4.777   1.00 22.40 ? 86  ALA A CB  1 
ATOM   750 N  N   . THR A 1 87 ? -9.753  4.919   3.016   1.00 19.90 ? 87  THR A N   1 
ATOM   751 C  CA  . THR A 1 87 ? -8.997  5.279   1.799   1.00 18.85 ? 87  THR A CA  1 
ATOM   752 C  C   . THR A 1 87 ? -8.774  4.055   0.908   1.00 19.63 ? 87  THR A C   1 
ATOM   753 O  O   . THR A 1 87 ? -8.411  3.010   1.416   1.00 19.24 ? 87  THR A O   1 
ATOM   754 C  CB  . THR A 1 87 ? -7.617  5.973   2.189   1.00 19.76 ? 87  THR A CB  1 
ATOM   755 O  OG1 . THR A 1 87 ? -7.841  7.301   2.718   1.00 21.59 ? 87  THR A OG1 1 
ATOM   756 C  CG2 . THR A 1 87 ? -6.670  6.105   0.985   1.00 21.11 ? 87  THR A CG2 1 
ATOM   757 N  N   . ALA A 1 88 ? -8.938  4.228   -0.405  1.00 19.32 ? 88  ALA A N   1 
ATOM   758 C  CA  . ALA A 1 88 ? -8.649  3.167   -1.399  1.00 19.10 ? 88  ALA A CA  1 
ATOM   759 C  C   . ALA A 1 88 ? -7.238  3.390   -1.925  1.00 20.13 ? 88  ALA A C   1 
ATOM   760 O  O   . ALA A 1 88 ? -6.814  4.542   -2.068  1.00 20.49 ? 88  ALA A O   1 
ATOM   761 C  CB  . ALA A 1 88 ? -9.630  3.213   -2.538  1.00 19.83 ? 88  ALA A CB  1 
ATOM   762 N  N   . TYR A 1 89 ? -6.535  2.298   -2.186  1.00 20.32 ? 89  TYR A N   1 
ATOM   763 C  CA  . TYR A 1 89 ? -5.158  2.378   -2.642  1.00 19.54 ? 89  TYR A CA  1 
ATOM   764 C  C   . TYR A 1 89 ? -4.930  1.303   -3.713  1.00 19.27 ? 89  TYR A C   1 
ATOM   765 O  O   . TYR A 1 89 ? -5.713  0.350   -3.833  1.00 19.00 ? 89  TYR A O   1 
ATOM   766 C  CB  . TYR A 1 89 ? -4.187  2.161   -1.456  1.00 19.95 ? 89  TYR A CB  1 
ATOM   767 C  CG  . TYR A 1 89 ? -4.207  0.728   -0.934  1.00 20.33 ? 89  TYR A CG  1 
ATOM   768 C  CD1 . TYR A 1 89 ? -5.141  0.333   0.044   1.00 19.50 ? 89  TYR A CD1 1 
ATOM   769 C  CD2 . TYR A 1 89 ? -3.298  -0.239  -1.428  1.00 21.31 ? 89  TYR A CD2 1 
ATOM   770 C  CE1 . TYR A 1 89 ? -5.168  -0.963  0.508   1.00 19.96 ? 89  TYR A CE1 1 
ATOM   771 C  CE2 . TYR A 1 89 ? -3.334  -1.544  -0.989  1.00 21.69 ? 89  TYR A CE2 1 
ATOM   772 C  CZ  . TYR A 1 89 ? -4.272  -1.899  -0.002  1.00 22.02 ? 89  TYR A CZ  1 
ATOM   773 O  OH  . TYR A 1 89 ? -4.320  -3.192  0.442   1.00 22.76 ? 89  TYR A OH  1 
ATOM   774 N  N   . LEU A 1 90 ? -3.820  1.452   -4.433  1.00 19.39 ? 90  LEU A N   1 
ATOM   775 C  CA  . LEU A 1 90 ? -3.349  0.483   -5.427  1.00 20.04 ? 90  LEU A CA  1 
ATOM   776 C  C   . LEU A 1 90 ? -1.920  0.169   -5.044  1.00 21.16 ? 90  LEU A C   1 
ATOM   777 O  O   . LEU A 1 90 ? -1.188  1.054   -4.635  1.00 20.07 ? 90  LEU A O   1 
ATOM   778 C  CB  . LEU A 1 90 ? -3.369  1.105   -6.839  1.00 20.11 ? 90  LEU A CB  1 
ATOM   779 C  CG  . LEU A 1 90 ? -2.815  0.268   -7.982  1.00 22.71 ? 90  LEU A CG  1 
ATOM   780 C  CD1 . LEU A 1 90 ? -3.857  -0.770  -8.313  1.00 24.30 ? 90  LEU A CD1 1 
ATOM   781 C  CD2 . LEU A 1 90 ? -2.627  1.186   -9.177  1.00 24.20 ? 90  LEU A CD2 1 
ATOM   782 N  N   . CYS A 1 91 ? -1.541  -1.109  -5.134  1.00 21.89 ? 91  CYS A N   1 
ATOM   783 C  CA  . CYS A 1 91 ? -0.172  -1.553  -4.804  1.00 22.57 ? 91  CYS A CA  1 
ATOM   784 C  C   . CYS A 1 91 ? 0.388   -2.373  -5.947  1.00 23.09 ? 91  CYS A C   1 
ATOM   785 O  O   . CYS A 1 91 ? -0.276  -3.299  -6.412  1.00 22.45 ? 91  CYS A O   1 
ATOM   786 C  CB  . CYS A 1 91 ? -0.190  -2.399  -3.533  1.00 24.04 ? 91  CYS A CB  1 
ATOM   787 S  SG  . CYS A 1 91 ? 1.480   -2.759  -2.953  1.00 27.85 ? 91  CYS A SG  1 
ATOM   788 N  N   . GLU A 1 92 ? 1.587   -2.014  -6.437  1.00 22.45 ? 92  GLU A N   1 
ATOM   789 C  CA  . GLU A 1 92 ? 2.326   -2.781  -7.458  1.00 25.32 ? 92  GLU A CA  1 
ATOM   790 C  C   . GLU A 1 92 ? 3.743   -3.139  -6.943  1.00 24.89 ? 92  GLU A C   1 
ATOM   791 O  O   . GLU A 1 92 ? 4.186   -2.567  -5.981  1.00 24.36 ? 92  GLU A O   1 
ATOM   792 C  CB  . GLU A 1 92 ? 2.454   -1.940  -8.731  1.00 24.34 ? 92  GLU A CB  1 
ATOM   793 C  CG  . GLU A 1 92 ? 1.154   -1.329  -9.261  1.00 24.43 ? 92  GLU A CG  1 
ATOM   794 C  CD  . GLU A 1 92 ? 1.412   -0.255  -10.299 1.00 27.54 ? 92  GLU A CD  1 
ATOM   795 O  OE1 . GLU A 1 92 ? 1.559   0.928   -9.911  1.00 26.28 ? 92  GLU A OE1 1 
ATOM   796 O  OE2 . GLU A 1 92 ? 1.525   -0.602  -11.504 1.00 30.40 ? 92  GLU A OE2 1 
ATOM   797 N  N   . TYR A 1 93 ? 4.470   -4.055  -7.606  1.00 28.13 ? 93  TYR A N   1 
ATOM   798 C  CA  . TYR A 1 93 ? 5.861   -4.438  -7.172  1.00 30.09 ? 93  TYR A CA  1 
ATOM   799 C  C   . TYR A 1 93 ? 6.932   -3.789  -8.038  1.00 32.43 ? 93  TYR A C   1 
ATOM   800 O  O   . TYR A 1 93 ? 8.113   -3.656  -7.652  1.00 32.61 ? 93  TYR A O   1 
ATOM   801 C  CB  . TYR A 1 93 ? 6.003   -5.965  -7.029  1.00 30.82 ? 93  TYR A CB  1 
ATOM   802 C  CG  . TYR A 1 93 ? 5.044   -6.358  -5.954  1.00 33.91 ? 93  TYR A CG  1 
ATOM   803 C  CD1 . TYR A 1 93 ? 5.382   -6.176  -4.599  1.00 34.52 ? 93  TYR A CD1 1 
ATOM   804 C  CD2 . TYR A 1 93 ? 3.757   -6.771  -6.264  1.00 33.65 ? 93  TYR A CD2 1 
ATOM   805 C  CE1 . TYR A 1 93 ? 4.477   -6.441  -3.595  1.00 34.05 ? 93  TYR A CE1 1 
ATOM   806 C  CE2 . TYR A 1 93 ? 2.832   -7.015  -5.256  1.00 33.79 ? 93  TYR A CE2 1 
ATOM   807 C  CZ  . TYR A 1 93 ? 3.207   -6.858  -3.930  1.00 34.94 ? 93  TYR A CZ  1 
ATOM   808 O  OH  . TYR A 1 93 ? 2.303   -7.092  -2.921  1.00 36.94 ? 93  TYR A OH  1 
ATOM   809 N  N   . LEU A 1 94 ? 6.482   -3.427  -9.235  1.00 33.77 ? 94  LEU A N   1 
ATOM   810 C  CA  . LEU A 1 94 ? 6.917   -2.232  -9.914  1.00 35.82 ? 94  LEU A CA  1 
ATOM   811 C  C   . LEU A 1 94 ? 7.108   -1.098  -8.892  1.00 36.38 ? 94  LEU A C   1 
ATOM   812 O  O   . LEU A 1 94 ? 8.236   -0.733  -8.520  1.00 37.31 ? 94  LEU A O   1 
ATOM   813 C  CB  . LEU A 1 94 ? 5.844   -1.833  -10.953 1.00 35.91 ? 94  LEU A CB  1 
HETATM 814 O  O   . HOH B 2 .  ? 7.131   15.727  5.824   0.50 28.28 ? 95  HOH A O   1 
HETATM 815 O  O   . HOH B 2 .  ? 0.708   1.763   -7.470  1.00 18.95 ? 96  HOH A O   1 
HETATM 816 O  O   . HOH B 2 .  ? -2.679  -4.991  -0.933  1.00 25.31 ? 97  HOH A O   1 
HETATM 817 O  O   . HOH B 2 .  ? -13.455 7.397   7.174   1.00 32.69 ? 98  HOH A O   1 
HETATM 818 O  O   . HOH B 2 .  ? -5.550  -9.753  -1.766  1.00 27.66 ? 99  HOH A O   1 
HETATM 819 O  O   . HOH B 2 .  ? -10.923 -8.550  0.419   1.00 27.34 ? 100 HOH A O   1 
HETATM 820 O  O   . HOH B 2 .  ? 7.193   -6.221  -0.855  1.00 30.74 ? 101 HOH A O   1 
HETATM 821 O  O   . HOH B 2 .  ? -4.231  -15.353 -10.495 1.00 32.16 ? 102 HOH A O   1 
HETATM 822 O  O   . HOH B 2 .  ? 16.313  -1.936  0.129   1.00 32.61 ? 103 HOH A O   1 
HETATM 823 O  O   . HOH B 2 .  ? 15.121  -1.840  -2.499  1.00 30.68 ? 104 HOH A O   1 
HETATM 824 O  O   . HOH B 2 .  ? 3.064   -4.981  -10.053 1.00 31.21 ? 105 HOH A O   1 
HETATM 825 O  O   . HOH B 2 .  ? 7.546   -8.598  -1.918  1.00 32.65 ? 106 HOH A O   1 
HETATM 826 O  O   . HOH B 2 .  ? -2.506  14.363  6.880   1.00 28.88 ? 107 HOH A O   1 
HETATM 827 O  O   . HOH B 2 .  ? -7.951  11.731  4.624   1.00 31.23 ? 108 HOH A O   1 
HETATM 828 O  O   . HOH B 2 .  ? -6.607  9.369   5.451   1.00 31.95 ? 109 HOH A O   1 
HETATM 829 O  O   . HOH B 2 .  ? -5.302  1.110   14.115  1.00 27.37 ? 110 HOH A O   1 
HETATM 830 O  O   . HOH B 2 .  ? 7.954   14.773  12.393  1.00 28.99 ? 111 HOH A O   1 
HETATM 831 O  O   . HOH B 2 .  ? -5.895  -11.581 -14.160 1.00 33.91 ? 112 HOH A O   1 
HETATM 832 O  O   . HOH B 2 .  ? -9.695  -15.357 -2.507  1.00 35.10 ? 113 HOH A O   1 
HETATM 833 O  O   . HOH B 2 .  ? 2.179   -3.076  1.437   1.00 30.26 ? 114 HOH A O   1 
HETATM 834 O  O   . HOH B 2 .  ? -3.177  -9.182  -2.977  1.00 32.47 ? 115 HOH A O   1 
HETATM 835 O  O   . HOH B 2 .  ? 2.659   11.019  -7.313  1.00 37.65 ? 116 HOH A O   1 
HETATM 836 O  O   . HOH B 2 .  ? -11.449 -10.111 2.541   1.00 34.89 ? 117 HOH A O   1 
HETATM 837 O  O   . HOH B 2 .  ? -4.736  14.848  -4.547  1.00 39.89 ? 118 HOH A O   1 
HETATM 838 O  O   . HOH B 2 .  ? 7.594   12.004  13.414  1.00 32.61 ? 119 HOH A O   1 
HETATM 839 O  O   . HOH B 2 .  ? -5.362  -12.613 -11.617 1.00 32.36 ? 120 HOH A O   1 
HETATM 840 O  O   . HOH B 2 .  ? -8.999  2.844   14.562  1.00 34.77 ? 121 HOH A O   1 
HETATM 841 O  O   . HOH B 2 .  ? 8.035   0.604   9.860   1.00 35.82 ? 122 HOH A O   1 
HETATM 842 O  O   . HOH B 2 .  ? -14.306 9.721   6.275   1.00 34.96 ? 123 HOH A O   1 
HETATM 843 O  O   . HOH B 2 .  ? -9.670  12.146  2.053   1.00 37.99 ? 124 HOH A O   1 
HETATM 844 O  O   . HOH B 2 .  ? 8.930   7.555   -3.800  1.00 40.47 ? 125 HOH A O   1 
HETATM 845 O  O   . HOH B 2 .  ? -12.017 -14.495 -9.180  1.00 33.57 ? 126 HOH A O   1 
HETATM 846 O  O   . HOH B 2 .  ? 11.745  6.258   -4.197  1.00 37.17 ? 127 HOH A O   1 
HETATM 847 O  O   . HOH B 2 .  ? -12.246 9.566   9.551   1.00 39.43 ? 128 HOH A O   1 
HETATM 848 O  O   . HOH B 2 .  ? 3.830   15.191  9.744   1.00 38.03 ? 129 HOH A O   1 
HETATM 849 O  O   . HOH B 2 .  ? 12.190  -3.011  8.567   1.00 37.66 ? 130 HOH A O   1 
HETATM 850 O  O   . HOH B 2 .  ? -11.483 2.627   11.826  1.00 36.43 ? 131 HOH A O   1 
HETATM 851 O  O   . HOH B 2 .  ? 0.567   8.489   -9.288  1.00 34.91 ? 132 HOH A O   1 
HETATM 852 O  O   . HOH B 2 .  ? 8.481   3.416   10.057  1.00 34.39 ? 133 HOH A O   1 
HETATM 853 O  O   . HOH B 2 .  ? 4.398   -9.299  -10.137 1.00 40.11 ? 134 HOH A O   1 
HETATM 854 O  O   . HOH B 2 .  ? 0.479   -4.221  -14.947 1.00 48.12 ? 135 HOH A O   1 
HETATM 855 O  O   . HOH B 2 .  ? 13.513  3.977   5.143   1.00 48.02 ? 136 HOH A O   1 
HETATM 856 O  O   . HOH B 2 .  ? 0.724   4.959   -10.081 1.00 42.59 ? 137 HOH A O   1 
HETATM 857 O  O   . HOH B 2 .  ? 2.420   -3.113  -12.043 1.00 35.20 ? 138 HOH A O   1 
HETATM 858 O  O   . HOH B 2 .  ? -2.869  -15.089 0.998   1.00 43.17 ? 139 HOH A O   1 
HETATM 859 O  O   . HOH B 2 .  ? -6.936  -18.885 -12.615 1.00 39.12 ? 140 HOH A O   1 
HETATM 860 O  O   . HOH B 2 .  ? 4.742   -11.557 -12.400 1.00 41.40 ? 141 HOH A O   1 
HETATM 861 O  O   . HOH B 2 .  ? 2.109   -5.251  3.086   1.00 35.45 ? 142 HOH A O   1 
HETATM 862 O  O   . HOH B 2 .  ? -0.686  -4.155  1.380   1.00 42.36 ? 143 HOH A O   1 
HETATM 863 O  O   . HOH B 2 .  ? -0.092  2.592   -11.907 1.00 47.83 ? 144 HOH A O   1 
HETATM 864 O  O   . HOH B 2 .  ? 5.240   9.777   15.155  1.00 44.41 ? 145 HOH A O   1 
HETATM 865 O  O   . HOH B 2 .  ? -5.703  15.004  1.512   1.00 40.13 ? 146 HOH A O   1 
HETATM 866 O  O   . HOH B 2 .  ? 11.958  12.155  7.063   1.00 44.78 ? 147 HOH A O   1 
HETATM 867 O  O   . HOH B 2 .  ? 3.173   14.370  -0.784  1.00 45.63 ? 148 HOH A O   1 
HETATM 868 O  O   . HOH B 2 .  ? -3.314  -9.137  9.972   1.00 41.85 ? 149 HOH A O   1 
HETATM 869 O  O   . HOH B 2 .  ? -3.428  0.072   15.501  1.00 37.26 ? 150 HOH A O   1 
HETATM 870 O  O   . HOH B 2 .  ? 14.036  5.052   -0.506  1.00 44.00 ? 151 HOH A O   1 
HETATM 871 O  O   . HOH B 2 .  ? 15.192  -4.465  -3.022  1.00 30.59 ? 152 HOH A O   1 
HETATM 872 O  O   . HOH B 2 .  ? -6.555  13.791  4.767   1.00 40.41 ? 153 HOH A O   1 
HETATM 873 O  O   . HOH B 2 .  ? -9.703  12.428  -6.799  1.00 47.46 ? 154 HOH A O   1 
HETATM 874 O  O   . HOH B 2 .  ? 6.203   6.093   -7.106  1.00 46.48 ? 155 HOH A O   1 
HETATM 875 O  O   . HOH B 2 .  ? 8.493   10.799  5.487   1.00 39.94 ? 156 HOH A O   1 
HETATM 876 O  O   . HOH B 2 .  ? -0.987  14.025  9.626   1.00 43.70 ? 157 HOH A O   1 
HETATM 877 O  O   . HOH B 2 .  ? -9.634  -16.611 -5.389  1.00 55.75 ? 158 HOH A O   1 
HETATM 878 O  O   . HOH B 2 .  ? 12.995  6.060   2.878   1.00 51.27 ? 159 HOH A O   1 
HETATM 879 O  O   . HOH B 2 .  ? -2.416  -2.373  13.779  1.00 41.28 ? 160 HOH A O   1 
HETATM 880 O  O   . HOH B 2 .  ? -8.891  -9.756  9.044   1.00 42.46 ? 161 HOH A O   1 
HETATM 881 O  O   . HOH B 2 .  ? -6.252  -12.467 -16.443 1.00 46.03 ? 162 HOH A O   1 
HETATM 882 O  O   . HOH B 2 .  ? -9.910  9.880   -6.735  1.00 43.19 ? 163 HOH A O   1 
HETATM 883 O  O   . HOH B 2 .  ? 6.683   6.223   14.313  1.00 45.65 ? 164 HOH A O   1 
HETATM 884 O  O   . HOH B 2 .  ? -16.260 -14.472 -3.367  1.00 47.23 ? 165 HOH A O   1 
HETATM 885 O  O   . HOH B 2 .  ? -0.860  7.143   -11.274 1.00 49.19 ? 166 HOH A O   1 
HETATM 886 O  O   . HOH B 2 .  ? 11.261  12.314  14.268  1.00 49.16 ? 167 HOH A O   1 
HETATM 887 O  O   . HOH B 2 .  ? -1.149  -11.051 11.851  1.00 65.83 ? 168 HOH A O   1 
HETATM 888 O  O   . HOH B 2 .  ? -8.944  -20.052 -10.160 1.00 54.61 ? 169 HOH A O   1 
HETATM 889 O  O   . HOH B 2 .  ? -10.289 12.704  -3.432  1.00 44.52 ? 170 HOH A O   1 
HETATM 890 O  O   . HOH B 2 .  ? 10.512  4.790   11.380  1.00 48.43 ? 171 HOH A O   1 
HETATM 891 O  O   . HOH B 2 .  ? -7.033  -19.422 -8.599  1.00 46.88 ? 172 HOH A O   1 
HETATM 892 O  O   . HOH B 2 .  ? -8.615  14.232  7.289   1.00 48.79 ? 173 HOH A O   1 
HETATM 893 O  O   . HOH B 2 .  ? -6.660  -9.919  11.368  1.00 56.16 ? 174 HOH A O   1 
HETATM 894 O  O   . HOH B 2 .  ? 10.200  -4.983  -7.814  1.00 34.72 ? 175 HOH A O   1 
HETATM 895 O  O   . HOH B 2 .  ? 4.057   -6.375  4.240   1.00 43.64 ? 176 HOH A O   1 
HETATM 896 O  O   . HOH B 2 .  ? -4.491  12.582  6.009   1.00 41.02 ? 177 HOH A O   1 
HETATM 897 O  O   . HOH B 2 .  ? 12.209  3.259   1.327   1.00 41.01 ? 178 HOH A O   1 
HETATM 898 O  O   . HOH B 2 .  ? 16.298  -1.879  3.397   1.00 41.52 ? 179 HOH A O   1 
HETATM 899 O  O   . HOH B 2 .  ? -7.239  13.321  -1.005  1.00 42.17 ? 180 HOH A O   1 
HETATM 900 O  O   . HOH B 2 .  ? -13.084 -9.671  -0.265  0.50 29.93 ? 181 HOH A O   1 
HETATM 901 O  O   . HOH B 2 .  ? 1.645   0.321   13.713  1.00 44.01 ? 182 HOH A O   1 
HETATM 902 O  O   . HOH B 2 .  ? 15.375  0.343   4.966   1.00 38.26 ? 183 HOH A O   1 
HETATM 903 O  O   . HOH B 2 .  ? -6.533  8.708   -8.353  1.00 37.85 ? 184 HOH A O   1 
HETATM 904 O  O   . HOH B 2 .  ? -2.281  -1.238  -17.213 1.00 48.31 ? 185 HOH A O   1 
HETATM 905 O  O   . HOH B 2 .  ? 8.586   -7.177  -7.714  1.00 46.91 ? 186 HOH A O   1 
HETATM 906 O  O   . HOH B 2 .  ? 1.065   -6.609  9.473   1.00 56.60 ? 187 HOH A O   1 
HETATM 907 O  O   . HOH B 2 .  ? 10.482  8.581   13.560  1.00 44.25 ? 188 HOH A O   1 
HETATM 908 O  O   . HOH B 2 .  ? 15.036  -2.715  7.168   1.00 52.15 ? 189 HOH A O   1 
HETATM 909 O  O   . HOH B 2 .  ? 6.626   9.998   -3.711  1.00 49.99 ? 190 HOH A O   1 
HETATM 910 O  O   . HOH B 2 .  ? -6.688  11.359  -8.876  1.00 50.51 ? 191 HOH A O   1 
HETATM 911 O  O   . HOH B 2 .  ? 1.030   -2.319  13.569  1.00 49.16 ? 192 HOH A O   1 
HETATM 912 O  O   . HOH B 2 .  ? 2.159   -4.035  15.325  1.00 44.17 ? 193 HOH A O   1 
HETATM 913 O  O   . HOH B 2 .  ? -1.912  -10.695 -4.908  1.00 28.35 ? 194 HOH A O   1 
HETATM 914 O  O   . HOH B 2 .  ? 0.212   -6.590  -4.639  1.00 49.66 ? 195 HOH A O   1 
HETATM 915 O  O   . HOH B 2 .  ? -8.125  -13.176 4.498   1.00 41.72 ? 196 HOH A O   1 
HETATM 916 O  O   . HOH B 2 .  ? -2.173  -17.881 -14.702 1.00 34.08 ? 197 HOH A O   1 
HETATM 917 O  O   . HOH B 2 .  ? -2.429  -17.154 -12.628 1.00 33.26 ? 198 HOH A O   1 
# 
